data_9UU5
#
_entry.id   9UU5
#
_cell.length_a   1.00
_cell.length_b   1.00
_cell.length_c   1.00
_cell.angle_alpha   90.00
_cell.angle_beta   90.00
_cell.angle_gamma   90.00
#
_symmetry.space_group_name_H-M   'P 1'
#
loop_
_entity.id
_entity.type
_entity.pdbx_description
1 polymer 'Protein ECERIFERUM 26-like'
2 polymer '3-ketoacyl-CoA synthase'
#
loop_
_entity_poly.entity_id
_entity_poly.type
_entity_poly.pdbx_seq_one_letter_code
_entity_poly.pdbx_strand_id
1 'polypeptide(L)'
;DYKDDDDKMVFEQHEEEAVAPGAVHGHRLSTVVPSSVTGEVDYALADADLAFKLHYLRGVYYYRSGDGLATKVLKDPMFP
WLDDHFPVAGRVRRAEAEGDGAPRRPYIKCNDCGVRIVEARCDRDMAEWIRDAAPGRIRQLCYDKVLGPELFFSPLLYVQ
ITNFKCGGLALGFSWAHLIGDIPSAATCFNKWAQILSGKKPEATVLTPPNQPLQGQSPAAPRSVKQVGPMEDLWLVPAGR
DMACYSFHVSDAVLKKLHQQQNGRQDAAAGTFELVSALVWQAVAKIRGDVDTVTVVRADAAARSGKSLANEMKVGYVESA
GSSPAKTDVAELAALLAKNVVDETAAVAAFQGDVLVYGGANLTLVDMEQVDLYGLEIKGQRPVYVEYGMDGVGDEGAVLV
QPDADGRGRLVTVVLPGDEIDSLRAALGSALHVA
;
A,D
2 'polypeptide(L)'
;HHHHHHMPSGGVFSGSVNLKHVKLGYQYLVNHFLTLLLVPVMAATALELARLGPGELLSLWRSLELDLVHILCSAFLVVF
VGTVYVMSRPRPVYLVDYACYKPPASCRVPFATFMEHTRLISDDDKSVRFQTRILERSGLGEDTCLPPANHYIPPNPSME
ASRAEAQLVIFSAIDDLVRRTGLKPKDIDILVVNCSLFSPTPSLSAMIINKYKLRSNIRSFNLSGMGCSAGLISIDLARD
MLQVHPNSNALVVSTEIITPNFYQGSRRDMLLPNCLFRMGAAAILLSNRRREARRAKYRLVHVVRTHKGADDRAYRCVYE
EEDEQGFSGISLSKELMAIAGDALKSNITTIGPLVLPMSEQLLFFFRLVGRKLVNKGWRPYIPDFKLAFEHFCIHAGGRA
VIDELQKNLQLSPRHVEASRMTLHRFGNTSSSSLWYELAYIEAKGRMRRGDRVWQIGFGSGFKCNSAVWKCLRSIKTPTN
GPWDDCIHRYPVDVPEVVKL
;
B,C
#
# COMPACT_ATOMS: atom_id res chain seq x y z
N GLY A 22 -10.29 -24.28 21.11
CA GLY A 22 -9.39 -23.76 22.13
C GLY A 22 -7.93 -24.08 21.88
N ALA A 23 -7.54 -24.09 20.61
CA ALA A 23 -6.17 -24.36 20.20
C ALA A 23 -5.39 -23.06 20.09
N VAL A 24 -4.06 -23.20 20.11
CA VAL A 24 -3.19 -22.03 20.00
C VAL A 24 -3.19 -21.51 18.56
N HIS A 25 -3.03 -20.20 18.42
CA HIS A 25 -3.14 -19.57 17.11
C HIS A 25 -2.39 -18.24 17.13
N GLY A 26 -1.99 -17.80 15.94
CA GLY A 26 -1.36 -16.50 15.79
C GLY A 26 0.12 -16.53 16.09
N HIS A 27 0.85 -17.46 15.47
CA HIS A 27 2.29 -17.59 15.70
C HIS A 27 3.03 -16.49 14.94
N ARG A 28 3.67 -15.60 15.68
CA ARG A 28 4.55 -14.58 15.11
C ARG A 28 5.97 -14.96 15.44
N LEU A 29 6.75 -15.30 14.41
CA LEU A 29 8.12 -15.77 14.60
C LEU A 29 9.08 -14.59 14.57
N SER A 30 10.12 -14.66 15.38
CA SER A 30 11.15 -13.64 15.45
C SER A 30 12.41 -14.24 16.04
N THR A 31 13.54 -13.60 15.79
CA THR A 31 14.83 -14.10 16.27
C THR A 31 15.52 -13.10 17.19
N VAL A 32 16.43 -13.62 18.00
CA VAL A 32 17.28 -12.82 18.87
C VAL A 32 18.72 -13.27 18.69
N VAL A 33 19.64 -12.31 18.69
CA VAL A 33 21.05 -12.57 18.40
C VAL A 33 21.85 -12.18 19.63
N PRO A 34 23.10 -12.63 19.74
CA PRO A 34 23.98 -12.09 20.79
C PRO A 34 24.27 -10.62 20.55
N SER A 35 24.50 -9.90 21.65
CA SER A 35 24.71 -8.46 21.56
C SER A 35 26.10 -8.09 21.07
N SER A 36 27.08 -8.99 21.20
CA SER A 36 28.44 -8.72 20.77
C SER A 36 28.87 -9.73 19.72
N VAL A 37 29.68 -9.27 18.77
CA VAL A 37 30.10 -10.12 17.66
C VAL A 37 31.14 -11.11 18.16
N THR A 38 30.86 -12.40 17.99
CA THR A 38 31.78 -13.43 18.44
C THR A 38 33.01 -13.52 17.55
N GLY A 39 32.88 -13.17 16.28
CA GLY A 39 33.97 -13.33 15.34
C GLY A 39 33.85 -14.64 14.58
N GLU A 40 34.98 -15.21 14.16
CA GLU A 40 34.98 -16.51 13.50
C GLU A 40 35.44 -17.56 14.51
N VAL A 41 34.51 -18.00 15.35
CA VAL A 41 34.76 -19.04 16.33
C VAL A 41 33.98 -20.28 15.91
N ASP A 42 34.65 -21.44 16.00
CA ASP A 42 34.05 -22.72 15.64
C ASP A 42 34.00 -23.58 16.90
N TYR A 43 32.81 -23.74 17.47
CA TYR A 43 32.64 -24.56 18.65
C TYR A 43 32.67 -26.02 18.26
N ALA A 44 33.64 -26.76 18.80
CA ALA A 44 33.82 -28.17 18.46
C ALA A 44 33.03 -29.04 19.44
N LEU A 45 32.19 -29.92 18.89
CA LEU A 45 31.34 -30.76 19.72
C LEU A 45 32.10 -31.97 20.23
N ALA A 46 31.69 -32.46 21.39
CA ALA A 46 32.34 -33.59 22.03
C ALA A 46 31.93 -34.90 21.36
N ASP A 47 32.51 -36.01 21.84
CA ASP A 47 32.12 -37.32 21.35
C ASP A 47 30.81 -37.79 21.95
N ALA A 48 30.43 -37.28 23.11
CA ALA A 48 29.11 -37.56 23.68
C ALA A 48 28.05 -36.61 23.17
N ASP A 49 28.46 -35.47 22.59
CA ASP A 49 27.51 -34.53 22.01
C ASP A 49 26.92 -35.02 20.69
N LEU A 50 27.52 -36.04 20.08
CA LEU A 50 27.02 -36.57 18.81
C LEU A 50 26.23 -37.85 18.97
N ALA A 51 26.31 -38.51 20.12
CA ALA A 51 25.44 -39.65 20.37
C ALA A 51 24.01 -39.21 20.66
N PHE A 52 23.84 -38.03 21.24
CA PHE A 52 22.53 -37.48 21.57
C PHE A 52 22.07 -36.45 20.57
N LYS A 53 22.38 -36.63 19.28
CA LYS A 53 22.06 -35.59 18.31
C LYS A 53 20.68 -35.75 17.70
N LEU A 54 20.06 -36.91 17.81
CA LEU A 54 18.75 -37.16 17.22
C LEU A 54 17.60 -36.90 18.18
N HIS A 55 17.88 -36.53 19.43
CA HIS A 55 16.85 -36.30 20.43
C HIS A 55 16.63 -34.81 20.63
N TYR A 56 15.49 -34.47 21.23
CA TYR A 56 15.13 -33.08 21.45
C TYR A 56 14.39 -32.99 22.78
N LEU A 57 14.48 -31.83 23.42
CA LEU A 57 13.86 -31.58 24.70
C LEU A 57 12.79 -30.51 24.57
N ARG A 58 11.58 -30.81 25.02
CA ARG A 58 10.50 -29.84 25.07
C ARG A 58 10.09 -29.66 26.52
N GLY A 59 10.24 -28.44 27.03
CA GLY A 59 9.85 -28.14 28.39
C GLY A 59 8.96 -26.93 28.49
N VAL A 60 7.84 -27.05 29.19
CA VAL A 60 6.87 -25.97 29.33
C VAL A 60 6.96 -25.44 30.75
N TYR A 61 7.00 -24.12 30.88
CA TYR A 61 7.03 -23.45 32.18
C TYR A 61 5.76 -22.60 32.30
N TYR A 62 4.79 -23.09 33.06
CA TYR A 62 3.50 -22.42 33.20
C TYR A 62 3.59 -21.34 34.28
N TYR A 63 3.13 -20.14 33.97
CA TYR A 63 3.08 -19.03 34.91
C TYR A 63 1.64 -18.59 35.11
N ARG A 64 1.28 -18.28 36.35
CA ARG A 64 -0.11 -17.99 36.68
C ARG A 64 -0.49 -16.56 36.29
N SER A 65 0.37 -15.60 36.58
CA SER A 65 0.09 -14.19 36.33
C SER A 65 1.09 -13.67 35.31
N GLY A 66 0.60 -13.40 34.10
CA GLY A 66 1.42 -12.78 33.07
C GLY A 66 1.25 -11.28 33.01
N ASP A 67 1.33 -10.60 34.15
CA ASP A 67 1.13 -9.16 34.21
C ASP A 67 2.47 -8.43 34.18
N GLY A 68 2.59 -7.46 33.27
CA GLY A 68 3.83 -6.76 33.05
C GLY A 68 4.86 -7.52 32.24
N LEU A 69 4.57 -8.75 31.85
CA LEU A 69 5.50 -9.58 31.09
C LEU A 69 5.13 -9.57 29.62
N ALA A 70 5.42 -8.43 28.98
CA ALA A 70 5.19 -8.32 27.55
C ALA A 70 6.28 -9.07 26.78
N THR A 71 6.09 -9.19 25.47
CA THR A 71 7.12 -9.82 24.65
C THR A 71 8.11 -8.81 24.08
N LYS A 72 8.58 -7.92 24.95
CA LYS A 72 9.76 -7.12 24.68
C LYS A 72 10.66 -7.18 25.91
N VAL A 73 10.03 -7.26 27.08
CA VAL A 73 10.78 -7.43 28.32
C VAL A 73 11.20 -8.88 28.48
N LEU A 74 10.56 -9.81 27.76
CA LEU A 74 11.03 -11.18 27.74
C LEU A 74 12.10 -11.41 26.69
N LYS A 75 12.23 -10.51 25.71
CA LYS A 75 13.23 -10.64 24.66
C LYS A 75 14.48 -9.82 24.91
N ASP A 76 14.38 -8.72 25.67
CA ASP A 76 15.53 -7.87 25.91
C ASP A 76 16.66 -8.50 26.72
N PRO A 77 16.44 -9.34 27.74
CA PRO A 77 17.59 -10.05 28.34
C PRO A 77 18.16 -11.17 27.51
N MET A 78 17.55 -11.54 26.38
CA MET A 78 18.09 -12.61 25.57
C MET A 78 19.27 -12.17 24.71
N PHE A 79 19.47 -10.87 24.56
CA PHE A 79 20.65 -10.36 23.88
C PHE A 79 21.92 -10.40 24.75
N PRO A 80 21.89 -10.09 26.08
CA PRO A 80 23.09 -10.37 26.88
C PRO A 80 23.25 -11.83 27.27
N TRP A 81 22.14 -12.58 27.36
CA TRP A 81 22.23 -13.97 27.78
C TRP A 81 22.86 -14.84 26.70
N LEU A 82 22.55 -14.56 25.43
CA LEU A 82 23.17 -15.29 24.34
C LEU A 82 24.60 -14.84 24.06
N ASP A 83 25.07 -13.78 24.73
CA ASP A 83 26.48 -13.44 24.65
C ASP A 83 27.32 -14.39 25.51
N ASP A 84 26.77 -14.83 26.64
CA ASP A 84 27.42 -15.87 27.44
C ASP A 84 27.31 -17.24 26.80
N HIS A 85 26.20 -17.51 26.11
CA HIS A 85 25.91 -18.83 25.58
C HIS A 85 25.87 -18.82 24.07
N PHE A 86 26.87 -18.20 23.44
CA PHE A 86 26.93 -18.04 21.98
C PHE A 86 26.93 -19.29 21.10
N PRO A 87 27.31 -20.51 21.53
CA PRO A 87 27.06 -21.68 20.65
C PRO A 87 25.59 -22.05 20.49
N VAL A 88 24.71 -21.58 21.37
CA VAL A 88 23.29 -21.86 21.22
C VAL A 88 22.73 -21.07 20.04
N ALA A 89 23.27 -19.89 19.76
CA ALA A 89 22.86 -19.08 18.62
C ALA A 89 23.64 -19.39 17.36
N GLY A 90 24.36 -20.51 17.33
CA GLY A 90 25.11 -20.91 16.16
C GLY A 90 24.30 -21.82 15.25
N ARG A 91 25.00 -22.40 14.27
CA ARG A 91 24.38 -23.30 13.32
C ARG A 91 25.32 -24.48 13.08
N VAL A 92 24.72 -25.65 12.80
CA VAL A 92 25.50 -26.85 12.58
C VAL A 92 26.17 -26.78 11.21
N ARG A 93 27.44 -27.12 11.16
CA ARG A 93 28.16 -27.23 9.88
C ARG A 93 28.85 -28.57 9.81
N ARG A 94 29.68 -28.77 8.79
CA ARG A 94 30.39 -30.03 8.62
C ARG A 94 31.82 -29.75 8.19
N ALA A 95 32.78 -30.31 8.92
CA ALA A 95 34.18 -30.18 8.55
C ALA A 95 34.50 -31.10 7.37
N GLU A 96 35.62 -30.84 6.73
CA GLU A 96 36.06 -31.63 5.59
C GLU A 96 37.04 -32.70 6.04
N ALA A 97 37.06 -33.81 5.30
CA ALA A 97 37.94 -34.93 5.58
C ALA A 97 39.08 -34.92 4.57
N GLU A 98 40.30 -34.66 5.05
CA GLU A 98 41.45 -34.61 4.16
C GLU A 98 41.93 -36.00 3.77
N GLY A 99 41.69 -37.01 4.60
CA GLY A 99 42.05 -38.37 4.27
C GLY A 99 40.92 -39.08 3.56
N ASP A 100 40.43 -40.18 4.14
CA ASP A 100 39.26 -40.84 3.59
C ASP A 100 38.01 -40.03 3.93
N GLY A 101 37.11 -39.92 2.95
CA GLY A 101 35.99 -39.02 3.08
C GLY A 101 34.69 -39.67 3.50
N ALA A 102 34.77 -40.81 4.19
CA ALA A 102 33.54 -41.45 4.65
C ALA A 102 32.98 -40.79 5.92
N PRO A 103 33.78 -40.42 6.97
CA PRO A 103 33.18 -39.56 8.00
C PRO A 103 33.44 -38.08 7.78
N ARG A 104 32.49 -37.25 8.19
CA ARG A 104 32.67 -35.80 8.22
C ARG A 104 32.11 -35.32 9.55
N ARG A 105 33.00 -34.94 10.46
CA ARG A 105 32.58 -34.62 11.82
C ARG A 105 31.91 -33.25 11.87
N PRO A 106 30.69 -33.17 12.38
CA PRO A 106 30.03 -31.87 12.48
C PRO A 106 30.60 -31.02 13.60
N TYR A 107 30.31 -29.72 13.52
CA TYR A 107 30.69 -28.76 14.55
C TYR A 107 29.71 -27.61 14.50
N ILE A 108 29.66 -26.84 15.57
CA ILE A 108 28.77 -25.68 15.68
C ILE A 108 29.57 -24.46 15.28
N LYS A 109 29.27 -23.90 14.11
CA LYS A 109 29.89 -22.64 13.69
C LYS A 109 29.17 -21.50 14.38
N CYS A 110 29.88 -20.73 15.20
CA CYS A 110 29.25 -19.71 16.01
C CYS A 110 29.01 -18.41 15.25
N ASN A 111 28.34 -18.49 14.10
CA ASN A 111 27.78 -17.29 13.48
C ASN A 111 26.49 -16.94 14.22
N ASP A 112 26.32 -15.66 14.54
CA ASP A 112 25.18 -15.24 15.36
C ASP A 112 23.93 -15.24 14.51
N CYS A 113 23.39 -16.44 14.27
CA CYS A 113 22.26 -16.56 13.36
C CYS A 113 20.93 -16.39 14.07
N GLY A 114 20.81 -16.90 15.30
CA GLY A 114 19.66 -16.56 16.11
C GLY A 114 18.97 -17.67 16.88
N VAL A 115 17.98 -17.27 17.68
CA VAL A 115 17.14 -18.17 18.46
C VAL A 115 15.71 -17.73 18.24
N ARG A 116 14.85 -18.67 17.83
CA ARG A 116 13.49 -18.31 17.42
C ARG A 116 12.63 -17.94 18.62
N ILE A 117 11.88 -16.85 18.49
CA ILE A 117 10.92 -16.41 19.49
C ILE A 117 9.56 -16.42 18.81
N VAL A 118 8.68 -17.30 19.25
CA VAL A 118 7.40 -17.52 18.60
C VAL A 118 6.30 -17.06 19.55
N GLU A 119 5.79 -15.85 19.33
CA GLU A 119 4.67 -15.36 20.14
C GLU A 119 3.39 -16.03 19.67
N ALA A 120 2.71 -16.71 20.58
CA ALA A 120 1.41 -17.31 20.31
C ALA A 120 0.43 -16.87 21.38
N ARG A 121 -0.83 -17.25 21.22
CA ARG A 121 -1.84 -16.99 22.24
C ARG A 121 -2.92 -18.06 22.17
N CYS A 122 -3.45 -18.40 23.34
CA CYS A 122 -4.50 -19.39 23.47
C CYS A 122 -5.70 -18.78 24.20
N ASP A 123 -6.88 -19.32 23.93
CA ASP A 123 -8.12 -18.80 24.49
C ASP A 123 -8.76 -19.75 25.48
N ARG A 124 -7.99 -20.66 26.06
CA ARG A 124 -8.47 -21.57 27.08
C ARG A 124 -8.02 -21.10 28.46
N ASP A 125 -8.63 -21.67 29.49
CA ASP A 125 -8.19 -21.44 30.85
C ASP A 125 -6.95 -22.28 31.12
N MET A 126 -5.90 -21.65 31.64
CA MET A 126 -4.62 -22.33 31.79
C MET A 126 -4.66 -23.35 32.91
N ALA A 127 -5.30 -23.00 34.04
CA ALA A 127 -5.37 -23.91 35.17
C ALA A 127 -6.31 -25.09 34.91
N GLU A 128 -7.13 -25.02 33.88
CA GLU A 128 -7.93 -26.16 33.45
C GLU A 128 -7.14 -27.05 32.48
N TRP A 129 -6.32 -26.45 31.63
CA TRP A 129 -5.48 -27.23 30.72
C TRP A 129 -4.32 -27.90 31.44
N ILE A 130 -3.89 -27.37 32.60
CA ILE A 130 -2.88 -28.05 33.40
C ILE A 130 -3.44 -29.35 33.97
N ARG A 131 -4.62 -29.29 34.58
CA ARG A 131 -5.29 -30.48 35.10
C ARG A 131 -6.30 -30.98 34.06
N ASP A 132 -5.76 -31.48 32.96
CA ASP A 132 -6.57 -31.98 31.85
C ASP A 132 -6.34 -33.47 31.62
N ALA A 133 -5.09 -33.93 31.77
CA ALA A 133 -4.67 -35.31 31.55
C ALA A 133 -5.01 -35.81 30.15
N ALA A 134 -4.84 -34.93 29.16
CA ALA A 134 -5.03 -35.25 27.75
C ALA A 134 -3.71 -35.68 27.12
N PRO A 135 -3.72 -36.74 26.31
CA PRO A 135 -2.47 -37.16 25.65
C PRO A 135 -2.05 -36.18 24.55
N GLY A 136 -1.07 -35.36 24.86
CA GLY A 136 -0.53 -34.37 23.95
C GLY A 136 -0.90 -32.96 24.35
N ARG A 137 0.01 -32.32 25.08
CA ARG A 137 -0.04 -30.90 25.42
C ARG A 137 1.26 -30.17 25.15
N ILE A 138 2.40 -30.85 25.25
CA ILE A 138 3.70 -30.24 25.06
C ILE A 138 3.96 -29.93 23.60
N ARG A 139 3.30 -30.65 22.68
CA ARG A 139 3.46 -30.39 21.26
C ARG A 139 2.80 -29.08 20.82
N GLN A 140 1.85 -28.56 21.60
CA GLN A 140 1.14 -27.36 21.21
C GLN A 140 1.78 -26.09 21.75
N LEU A 141 2.42 -26.18 22.92
CA LEU A 141 3.04 -25.00 23.53
C LEU A 141 4.51 -24.86 23.21
N CYS A 142 5.18 -25.92 22.76
CA CYS A 142 6.53 -25.84 22.25
C CYS A 142 6.49 -25.94 20.72
N TYR A 143 7.36 -25.17 20.06
CA TYR A 143 7.40 -25.17 18.61
C TYR A 143 8.01 -26.48 18.13
N ASP A 144 7.23 -27.34 17.48
CA ASP A 144 7.83 -28.64 17.10
C ASP A 144 8.64 -28.54 15.81
N LYS A 145 9.95 -28.41 15.90
CA LYS A 145 10.79 -28.47 14.69
C LYS A 145 12.00 -29.34 15.08
N VAL A 146 12.92 -29.59 14.16
CA VAL A 146 14.09 -30.45 14.44
C VAL A 146 15.26 -29.90 13.62
N LEU A 147 16.49 -30.39 13.81
CA LEU A 147 17.61 -29.97 12.92
C LEU A 147 17.26 -30.66 11.60
N GLY A 148 16.36 -30.05 10.82
CA GLY A 148 15.74 -30.75 9.67
C GLY A 148 16.41 -30.69 8.35
N PRO A 149 15.67 -30.79 7.23
CA PRO A 149 16.30 -30.93 5.91
C PRO A 149 17.09 -29.71 5.47
N GLU A 150 16.81 -28.54 6.06
CA GLU A 150 17.71 -27.40 5.96
C GLU A 150 18.58 -27.43 7.21
N LEU A 151 19.58 -28.31 7.20
CA LEU A 151 20.37 -28.58 8.40
C LEU A 151 21.29 -27.43 8.74
N PHE A 152 21.83 -26.75 7.74
CA PHE A 152 22.72 -25.62 7.98
C PHE A 152 21.98 -24.36 8.39
N PHE A 153 20.65 -24.33 8.27
CA PHE A 153 19.84 -23.18 8.64
C PHE A 153 18.73 -23.56 9.60
N SER A 154 18.98 -24.53 10.48
CA SER A 154 18.01 -24.92 11.48
C SER A 154 18.46 -24.46 12.86
N PRO A 155 17.63 -23.70 13.58
CA PRO A 155 18.04 -23.21 14.90
C PRO A 155 18.13 -24.33 15.93
N LEU A 156 18.99 -24.10 16.92
CA LEU A 156 19.23 -25.06 17.98
C LEU A 156 18.32 -24.85 19.18
N LEU A 157 17.51 -23.79 19.19
CA LEU A 157 16.65 -23.49 20.32
C LEU A 157 15.45 -22.69 19.84
N TYR A 158 14.26 -23.12 20.23
CA TYR A 158 13.02 -22.41 19.95
C TYR A 158 12.35 -22.04 21.27
N VAL A 159 11.94 -20.80 21.40
CA VAL A 159 11.23 -20.32 22.59
C VAL A 159 9.86 -19.85 22.15
N GLN A 160 8.81 -20.43 22.71
CA GLN A 160 7.44 -20.07 22.37
C GLN A 160 6.76 -19.46 23.59
N ILE A 161 6.30 -18.22 23.45
CA ILE A 161 5.66 -17.48 24.54
C ILE A 161 4.16 -17.43 24.25
N THR A 162 3.39 -18.18 25.03
CA THR A 162 1.95 -18.29 24.82
C THR A 162 1.22 -17.49 25.90
N ASN A 163 0.43 -16.51 25.46
CA ASN A 163 -0.39 -15.70 26.35
C ASN A 163 -1.80 -16.29 26.42
N PHE A 164 -2.21 -16.75 27.60
CA PHE A 164 -3.50 -17.39 27.74
C PHE A 164 -4.61 -16.36 27.92
N LYS A 165 -5.85 -16.85 27.95
CA LYS A 165 -7.01 -15.95 28.07
C LYS A 165 -7.14 -15.42 29.49
N CYS A 166 -6.90 -16.27 30.49
CA CYS A 166 -7.04 -15.88 31.90
C CYS A 166 -5.86 -15.07 32.41
N GLY A 167 -4.82 -14.87 31.60
CA GLY A 167 -3.64 -14.16 32.03
C GLY A 167 -2.42 -15.04 32.26
N GLY A 168 -2.49 -16.32 31.91
CA GLY A 168 -1.37 -17.20 32.11
C GLY A 168 -0.26 -16.99 31.10
N LEU A 169 0.88 -17.62 31.39
CA LEU A 169 2.06 -17.53 30.53
C LEU A 169 2.75 -18.88 30.52
N ALA A 170 2.95 -19.44 29.34
CA ALA A 170 3.55 -20.77 29.19
C ALA A 170 4.72 -20.67 28.24
N LEU A 171 5.93 -20.49 28.80
CA LEU A 171 7.14 -20.50 28.00
C LEU A 171 7.45 -21.92 27.57
N GLY A 172 7.57 -22.13 26.27
CA GLY A 172 7.89 -23.46 25.77
C GLY A 172 9.24 -23.50 25.09
N PHE A 173 10.20 -24.17 25.71
CA PHE A 173 11.57 -24.23 25.22
C PHE A 173 11.76 -25.53 24.45
N SER A 174 11.99 -25.42 23.14
CA SER A 174 12.30 -26.56 22.30
C SER A 174 13.81 -26.60 22.11
N TRP A 175 14.47 -27.43 22.89
CA TRP A 175 15.93 -27.45 22.99
C TRP A 175 16.46 -28.66 22.27
N ALA A 176 17.46 -28.47 21.43
CA ALA A 176 18.12 -29.57 20.73
C ALA A 176 19.12 -30.24 21.65
N HIS A 177 19.06 -31.56 21.74
CA HIS A 177 19.93 -32.31 22.63
C HIS A 177 21.37 -32.42 22.11
N LEU A 178 21.65 -31.90 20.92
CA LEU A 178 23.01 -31.86 20.40
C LEU A 178 23.89 -30.94 21.22
N ILE A 179 23.45 -29.71 21.45
CA ILE A 179 24.34 -28.70 22.00
C ILE A 179 24.48 -28.83 23.52
N GLY A 180 23.46 -29.34 24.22
CA GLY A 180 23.53 -29.40 25.66
C GLY A 180 22.67 -30.51 26.23
N ASP A 181 22.85 -30.73 27.53
CA ASP A 181 22.16 -31.77 28.27
C ASP A 181 20.83 -31.25 28.78
N ILE A 182 20.16 -32.02 29.66
CA ILE A 182 18.99 -31.52 30.37
C ILE A 182 19.38 -30.66 31.58
N PRO A 183 20.32 -31.07 32.48
CA PRO A 183 20.77 -30.11 33.50
C PRO A 183 21.61 -28.99 32.95
N SER A 184 22.14 -29.13 31.73
CA SER A 184 22.78 -28.01 31.05
C SER A 184 21.79 -27.18 30.26
N ALA A 185 20.54 -27.61 30.15
CA ALA A 185 19.48 -26.78 29.61
C ALA A 185 18.78 -25.97 30.70
N ALA A 186 18.51 -26.60 31.84
CA ALA A 186 17.73 -25.93 32.88
C ALA A 186 18.52 -24.80 33.53
N THR A 187 19.81 -25.03 33.82
CA THR A 187 20.62 -23.95 34.37
C THR A 187 20.90 -22.87 33.33
N CYS A 188 20.94 -23.23 32.05
CA CYS A 188 21.07 -22.23 31.00
C CYS A 188 19.82 -21.36 30.90
N PHE A 189 18.64 -21.92 31.16
CA PHE A 189 17.42 -21.11 31.17
C PHE A 189 17.35 -20.25 32.43
N ASN A 190 17.80 -20.80 33.57
CA ASN A 190 17.85 -20.03 34.81
C ASN A 190 18.84 -18.88 34.71
N LYS A 191 19.91 -19.03 33.92
CA LYS A 191 20.82 -17.91 33.69
C LYS A 191 20.22 -16.83 32.80
N TRP A 192 19.10 -17.09 32.13
CA TRP A 192 18.35 -16.04 31.47
C TRP A 192 17.32 -15.41 32.40
N ALA A 193 16.70 -16.23 33.24
CA ALA A 193 15.74 -15.70 34.21
C ALA A 193 16.42 -14.86 35.28
N GLN A 194 17.68 -15.13 35.58
CA GLN A 194 18.42 -14.30 36.53
C GLN A 194 18.85 -12.97 35.91
N ILE A 195 19.05 -12.92 34.60
CA ILE A 195 19.31 -11.63 33.95
C ILE A 195 18.03 -10.82 33.85
N LEU A 196 16.91 -11.49 33.57
CA LEU A 196 15.62 -10.80 33.53
C LEU A 196 15.19 -10.31 34.91
N SER A 197 15.50 -11.07 35.95
CA SER A 197 15.07 -10.73 37.30
C SER A 197 15.88 -9.62 37.95
N GLY A 198 16.88 -9.08 37.26
CA GLY A 198 17.73 -8.05 37.83
C GLY A 198 18.89 -8.55 38.64
N LYS A 199 19.08 -9.86 38.71
CA LYS A 199 20.17 -10.45 39.47
C LYS A 199 21.44 -10.49 38.62
N LYS A 200 22.46 -11.19 39.11
CA LYS A 200 23.72 -11.36 38.39
C LYS A 200 23.94 -12.85 38.21
N PRO A 201 24.02 -13.36 36.98
CA PRO A 201 24.14 -14.79 36.77
C PRO A 201 25.55 -15.29 37.04
N GLU A 202 25.66 -16.60 37.20
CA GLU A 202 26.95 -17.22 37.40
C GLU A 202 27.77 -17.19 36.11
N ALA A 203 29.07 -17.37 36.25
CA ALA A 203 29.95 -17.36 35.08
C ALA A 203 29.81 -18.66 34.30
N THR A 204 29.68 -18.53 32.99
CA THR A 204 29.60 -19.69 32.12
C THR A 204 31.01 -20.19 31.79
N VAL A 205 31.12 -21.50 31.58
CA VAL A 205 32.40 -22.15 31.35
C VAL A 205 32.33 -22.90 30.03
N LEU A 206 33.02 -22.37 29.02
CA LEU A 206 33.20 -23.06 27.74
C LEU A 206 34.68 -23.16 27.39
N THR A 207 35.56 -22.96 28.36
CA THR A 207 36.98 -22.73 28.12
C THR A 207 37.83 -23.94 27.72
N PRO A 208 37.65 -25.16 28.26
CA PRO A 208 38.38 -26.30 27.69
C PRO A 208 37.69 -26.82 26.44
N PRO A 209 38.36 -26.83 25.30
CA PRO A 209 37.72 -27.31 24.07
C PRO A 209 37.64 -28.83 24.04
N ASN A 210 36.71 -29.31 23.23
CA ASN A 210 36.48 -30.75 23.09
C ASN A 210 37.37 -31.34 22.01
N GLN A 211 37.96 -32.49 22.31
CA GLN A 211 38.83 -33.18 21.38
C GLN A 211 38.40 -34.63 21.25
N PRO A 212 38.38 -35.18 20.04
CA PRO A 212 38.01 -36.59 19.86
C PRO A 212 39.14 -37.51 20.31
N LEU A 213 38.73 -38.65 20.87
CA LEU A 213 39.67 -39.69 21.26
C LEU A 213 39.31 -40.96 20.49
N GLN A 214 40.24 -41.45 19.68
CA GLN A 214 40.02 -42.63 18.86
C GLN A 214 40.23 -43.88 19.70
N GLY A 215 39.17 -44.69 19.84
CA GLY A 215 39.25 -45.90 20.64
C GLY A 215 38.92 -47.14 19.83
N GLN A 216 38.58 -46.94 18.56
CA GLN A 216 38.19 -47.94 17.55
C GLN A 216 37.24 -49.00 18.11
N SER A 217 36.08 -48.54 18.56
CA SER A 217 35.08 -49.43 19.13
C SER A 217 33.94 -49.61 18.14
N PRO A 218 33.82 -50.77 17.48
CA PRO A 218 32.68 -51.00 16.59
C PRO A 218 31.51 -51.72 17.24
N ALA A 219 31.67 -52.19 18.48
CA ALA A 219 30.63 -52.93 19.16
C ALA A 219 29.52 -51.98 19.61
N ALA A 220 28.34 -52.15 19.05
CA ALA A 220 27.20 -51.33 19.44
C ALA A 220 26.75 -51.71 20.85
N PRO A 221 26.60 -50.76 21.75
CA PRO A 221 26.15 -51.08 23.11
C PRO A 221 24.69 -51.53 23.11
N ARG A 222 24.38 -52.49 23.98
CA ARG A 222 23.05 -53.09 24.01
C ARG A 222 22.05 -52.27 24.82
N SER A 223 22.41 -51.05 25.22
CA SER A 223 21.45 -50.10 25.77
C SER A 223 20.90 -49.17 24.69
N VAL A 224 21.56 -49.09 23.54
CA VAL A 224 21.13 -48.25 22.43
C VAL A 224 20.88 -49.14 21.21
N LYS A 225 20.25 -48.56 20.20
CA LYS A 225 19.87 -49.27 18.98
C LYS A 225 20.42 -48.51 17.79
N GLN A 226 21.41 -49.10 17.11
CA GLN A 226 22.12 -48.44 16.01
C GLN A 226 21.19 -48.28 14.82
N VAL A 227 20.70 -47.06 14.61
CA VAL A 227 19.85 -46.77 13.47
C VAL A 227 20.74 -46.53 12.24
N GLY A 228 20.13 -46.61 11.05
CA GLY A 228 20.84 -46.51 9.81
C GLY A 228 21.49 -45.16 9.56
N PRO A 229 22.37 -45.08 8.55
CA PRO A 229 23.11 -43.85 8.30
C PRO A 229 22.24 -42.74 7.72
N MET A 230 21.95 -41.73 8.53
CA MET A 230 21.19 -40.56 8.10
C MET A 230 22.12 -39.38 7.90
N GLU A 231 21.71 -38.48 7.00
CA GLU A 231 22.66 -37.50 6.48
C GLU A 231 22.18 -36.06 6.62
N ASP A 232 20.87 -35.82 6.47
CA ASP A 232 20.40 -34.44 6.43
C ASP A 232 19.10 -34.23 7.21
N LEU A 233 18.60 -35.24 7.91
CA LEU A 233 17.41 -35.10 8.75
C LEU A 233 17.71 -35.84 10.05
N TRP A 234 18.06 -35.08 11.09
CA TRP A 234 18.48 -35.67 12.36
C TRP A 234 17.26 -35.97 13.23
N LEU A 235 16.50 -36.96 12.78
CA LEU A 235 15.28 -37.40 13.44
C LEU A 235 14.92 -38.78 12.88
N VAL A 236 14.65 -39.73 13.76
CA VAL A 236 14.22 -41.06 13.35
C VAL A 236 12.70 -41.09 13.40
N PRO A 237 12.01 -41.19 12.25
CA PRO A 237 10.55 -41.25 12.27
C PRO A 237 10.07 -42.61 12.77
N ALA A 238 9.25 -42.58 13.81
CA ALA A 238 8.77 -43.80 14.45
C ALA A 238 7.65 -44.42 13.65
N GLY A 239 7.54 -45.75 13.73
CA GLY A 239 6.43 -46.44 13.10
C GLY A 239 5.11 -46.15 13.79
N ARG A 240 5.07 -46.32 15.11
CA ARG A 240 3.90 -45.96 15.89
C ARG A 240 3.91 -44.47 16.18
N ASP A 241 2.72 -43.90 16.35
CA ASP A 241 2.62 -42.49 16.68
C ASP A 241 2.77 -42.30 18.18
N MET A 242 3.55 -41.29 18.56
CA MET A 242 3.88 -41.04 19.96
C MET A 242 3.02 -39.93 20.54
N ALA A 243 2.87 -39.96 21.86
CA ALA A 243 2.15 -38.93 22.60
C ALA A 243 2.65 -38.92 24.02
N CYS A 244 2.66 -37.73 24.63
CA CYS A 244 3.25 -37.52 25.95
C CYS A 244 2.14 -37.39 26.99
N TYR A 245 1.99 -38.41 27.84
CA TYR A 245 1.04 -38.40 28.94
C TYR A 245 1.81 -38.21 30.24
N SER A 246 1.62 -37.07 30.88
CA SER A 246 2.40 -36.69 32.07
C SER A 246 1.47 -36.68 33.28
N PHE A 247 1.50 -37.74 34.07
CA PHE A 247 0.69 -37.82 35.27
C PHE A 247 1.49 -37.27 36.46
N HIS A 248 0.98 -37.49 37.67
CA HIS A 248 1.54 -36.90 38.87
C HIS A 248 1.58 -37.94 39.97
N VAL A 249 2.68 -37.95 40.73
CA VAL A 249 2.88 -38.88 41.84
C VAL A 249 3.02 -38.05 43.10
N SER A 250 2.06 -38.18 44.01
CA SER A 250 1.94 -37.31 45.17
C SER A 250 2.82 -37.83 46.32
N ASP A 251 2.64 -37.24 47.50
CA ASP A 251 3.39 -37.64 48.68
C ASP A 251 2.74 -38.84 49.38
N ALA A 252 1.41 -38.93 49.34
CA ALA A 252 0.71 -40.01 50.03
C ALA A 252 0.88 -41.36 49.36
N VAL A 253 1.40 -41.39 48.14
CA VAL A 253 1.72 -42.63 47.44
C VAL A 253 3.23 -42.85 47.57
N LEU A 254 4.00 -41.77 47.68
CA LEU A 254 5.45 -41.88 47.85
C LEU A 254 5.82 -42.44 49.21
N LYS A 255 4.94 -42.33 50.21
CA LYS A 255 5.13 -43.07 51.44
C LYS A 255 4.43 -44.41 51.42
N LYS A 256 3.49 -44.62 50.48
CA LYS A 256 2.87 -45.92 50.31
C LYS A 256 3.86 -46.90 49.68
N LEU A 257 4.64 -46.44 48.71
CA LEU A 257 5.62 -47.28 48.04
C LEU A 257 6.81 -47.63 48.92
N HIS A 258 7.02 -46.93 50.03
CA HIS A 258 8.11 -47.21 50.95
C HIS A 258 7.76 -48.28 51.99
N GLN A 259 6.52 -48.79 51.99
CA GLN A 259 6.09 -49.73 53.01
C GLN A 259 6.24 -51.19 52.60
N GLN A 260 6.62 -51.47 51.35
CA GLN A 260 7.01 -52.83 50.97
C GLN A 260 8.51 -53.03 51.04
N GLN A 261 9.25 -52.05 51.56
CA GLN A 261 10.66 -52.20 51.87
C GLN A 261 10.89 -52.53 53.34
N ASN A 262 9.93 -53.21 53.96
CA ASN A 262 10.04 -53.62 55.35
C ASN A 262 10.77 -54.95 55.46
N GLY A 263 11.55 -55.09 56.53
CA GLY A 263 12.34 -56.28 56.74
C GLY A 263 13.64 -56.33 55.97
N ARG A 264 13.94 -55.29 55.18
CA ARG A 264 15.18 -55.24 54.41
C ARG A 264 15.59 -53.79 54.25
N GLN A 265 16.88 -53.53 54.44
CA GLN A 265 17.44 -52.18 54.35
C GLN A 265 18.43 -52.17 53.19
N ASP A 266 17.99 -51.71 52.03
CA ASP A 266 18.79 -51.69 50.81
C ASP A 266 19.00 -50.24 50.37
N ALA A 267 19.70 -50.08 49.25
CA ALA A 267 20.01 -48.77 48.71
C ALA A 267 18.97 -48.29 47.70
N ALA A 268 17.72 -48.73 47.84
CA ALA A 268 16.63 -48.32 46.96
C ALA A 268 16.25 -46.89 47.31
N ALA A 269 16.81 -45.94 46.56
CA ALA A 269 16.54 -44.53 46.79
C ALA A 269 15.13 -44.22 46.33
N GLY A 270 14.17 -44.33 47.25
CA GLY A 270 12.77 -44.40 46.90
C GLY A 270 12.08 -43.13 46.47
N THR A 271 12.70 -42.38 45.56
CA THR A 271 12.02 -41.32 44.87
C THR A 271 12.29 -41.31 43.37
N PHE A 272 13.28 -42.08 42.89
CA PHE A 272 13.42 -42.37 41.47
C PHE A 272 13.38 -43.86 41.20
N GLU A 273 14.04 -44.67 42.04
CA GLU A 273 14.10 -46.10 41.79
C GLU A 273 12.84 -46.84 42.21
N LEU A 274 11.94 -46.20 42.96
CA LEU A 274 10.63 -46.78 43.23
C LEU A 274 9.60 -46.37 42.19
N VAL A 275 9.58 -45.07 41.85
CA VAL A 275 8.60 -44.53 40.91
C VAL A 275 8.82 -45.12 39.51
N SER A 276 10.06 -45.14 39.06
CA SER A 276 10.34 -45.65 37.73
C SER A 276 10.20 -47.16 37.66
N ALA A 277 10.44 -47.87 38.77
CA ALA A 277 10.16 -49.30 38.79
C ALA A 277 8.66 -49.58 38.77
N LEU A 278 7.87 -48.72 39.40
CA LEU A 278 6.42 -48.80 39.30
C LEU A 278 5.95 -48.60 37.86
N VAL A 279 6.53 -47.62 37.16
CA VAL A 279 6.17 -47.38 35.77
C VAL A 279 6.65 -48.53 34.88
N TRP A 280 7.80 -49.13 35.22
CA TRP A 280 8.30 -50.30 34.51
C TRP A 280 7.36 -51.49 34.66
N GLN A 281 6.85 -51.72 35.87
CA GLN A 281 5.88 -52.79 36.08
C GLN A 281 4.56 -52.51 35.37
N ALA A 282 4.12 -51.26 35.37
CA ALA A 282 2.87 -50.91 34.69
C ALA A 282 2.98 -51.01 33.18
N VAL A 283 4.18 -50.81 32.63
CA VAL A 283 4.37 -50.97 31.18
C VAL A 283 4.56 -52.43 30.82
N ALA A 284 5.21 -53.22 31.70
CA ALA A 284 5.33 -54.65 31.47
C ALA A 284 4.02 -55.39 31.64
N LYS A 285 3.05 -54.80 32.37
CA LYS A 285 1.71 -55.36 32.39
C LYS A 285 1.05 -55.27 31.03
N ILE A 286 1.28 -54.17 30.31
CA ILE A 286 0.69 -54.00 28.98
C ILE A 286 1.45 -54.82 27.95
N ARG A 287 2.73 -54.53 27.79
CA ARG A 287 3.53 -55.11 26.70
C ARG A 287 3.91 -56.55 27.01
N GLY A 288 4.64 -57.17 26.09
CA GLY A 288 4.97 -58.58 26.22
C GLY A 288 5.99 -58.88 27.31
N ASP A 289 7.25 -58.49 27.10
CA ASP A 289 8.29 -58.71 28.11
C ASP A 289 9.39 -57.67 27.89
N VAL A 290 9.35 -56.59 28.65
CA VAL A 290 10.46 -55.62 28.67
C VAL A 290 11.39 -56.06 29.80
N ASP A 291 12.26 -57.01 29.48
CA ASP A 291 13.19 -57.55 30.46
C ASP A 291 14.29 -56.54 30.79
N THR A 292 14.76 -55.81 29.78
CA THR A 292 15.82 -54.84 29.96
C THR A 292 15.28 -53.42 29.83
N VAL A 293 15.91 -52.49 30.57
CA VAL A 293 15.61 -51.07 30.50
C VAL A 293 16.91 -50.31 30.27
N THR A 294 16.77 -49.01 30.06
CA THR A 294 17.90 -48.11 29.87
C THR A 294 17.76 -46.96 30.84
N VAL A 295 18.52 -46.99 31.92
CA VAL A 295 18.47 -45.94 32.93
C VAL A 295 19.47 -44.85 32.57
N VAL A 296 18.95 -43.67 32.24
CA VAL A 296 19.81 -42.55 31.87
C VAL A 296 19.80 -41.55 33.02
N ARG A 297 20.78 -41.68 33.91
CA ARG A 297 20.85 -40.84 35.10
C ARG A 297 21.42 -39.48 34.75
N ALA A 298 20.69 -38.43 35.05
CA ALA A 298 21.23 -37.06 34.99
C ALA A 298 21.83 -36.72 36.35
N ASP A 299 22.96 -37.37 36.63
CA ASP A 299 23.62 -37.22 37.92
C ASP A 299 24.32 -35.88 38.02
N ALA A 300 24.40 -35.35 39.24
CA ALA A 300 25.00 -34.05 39.48
C ALA A 300 26.42 -34.12 40.02
N ALA A 301 26.86 -35.29 40.49
CA ALA A 301 28.21 -35.42 41.00
C ALA A 301 29.22 -35.73 39.91
N ALA A 302 28.78 -36.25 38.77
CA ALA A 302 29.65 -36.55 37.65
C ALA A 302 29.74 -35.41 36.64
N ARG A 303 29.12 -34.27 36.92
CA ARG A 303 29.18 -33.14 36.01
C ARG A 303 30.55 -32.48 36.07
N SER A 304 31.09 -32.13 34.91
CA SER A 304 32.33 -31.38 34.83
C SER A 304 32.02 -29.89 34.98
N GLY A 305 33.04 -29.05 34.81
CA GLY A 305 32.83 -27.62 34.95
C GLY A 305 32.14 -26.96 33.78
N LYS A 306 32.09 -27.62 32.63
CA LYS A 306 31.58 -27.01 31.42
C LYS A 306 30.07 -26.81 31.49
N SER A 307 29.59 -25.77 30.80
CA SER A 307 28.19 -25.38 30.88
C SER A 307 27.32 -26.01 29.79
N LEU A 308 27.92 -26.52 28.71
CA LEU A 308 27.17 -27.14 27.61
C LEU A 308 27.87 -28.46 27.25
N ALA A 309 27.49 -29.53 27.94
CA ALA A 309 28.05 -30.86 27.66
C ALA A 309 27.08 -31.92 28.15
N ASN A 310 27.15 -33.10 27.52
CA ASN A 310 26.24 -34.20 27.81
C ASN A 310 26.90 -35.20 28.75
N GLU A 311 26.85 -34.90 30.04
CA GLU A 311 27.30 -35.86 31.06
C GLU A 311 26.11 -36.62 31.64
N MET A 312 25.47 -37.40 30.78
CA MET A 312 24.49 -38.36 31.28
C MET A 312 25.19 -39.65 31.66
N LYS A 313 24.41 -40.59 32.21
CA LYS A 313 24.94 -41.89 32.63
C LYS A 313 24.05 -42.96 32.01
N VAL A 314 24.36 -43.32 30.77
CA VAL A 314 23.58 -44.32 30.05
C VAL A 314 24.02 -45.71 30.47
N GLY A 315 23.07 -46.52 30.94
CA GLY A 315 23.35 -47.89 31.30
C GLY A 315 22.22 -48.80 30.86
N TYR A 316 22.29 -50.04 31.29
CA TYR A 316 21.22 -50.99 31.05
C TYR A 316 21.09 -51.92 32.25
N VAL A 317 19.85 -52.26 32.60
CA VAL A 317 19.57 -53.14 33.72
C VAL A 317 18.83 -54.35 33.19
N GLU A 318 19.38 -55.53 33.41
CA GLU A 318 18.74 -56.77 32.98
C GLU A 318 17.87 -57.31 34.11
N SER A 319 16.82 -58.04 33.73
CA SER A 319 15.93 -58.64 34.72
C SER A 319 16.59 -59.83 35.40
N ALA A 320 17.21 -60.71 34.60
CA ALA A 320 17.98 -61.88 35.04
C ALA A 320 17.13 -62.82 35.91
N GLY A 321 16.09 -63.36 35.29
CA GLY A 321 15.19 -64.25 36.00
C GLY A 321 13.73 -64.03 35.67
N SER A 322 12.94 -63.69 36.69
CA SER A 322 11.51 -63.54 36.54
C SER A 322 11.16 -62.29 35.73
N SER A 323 9.97 -62.31 35.15
CA SER A 323 9.48 -61.19 34.36
C SER A 323 9.11 -60.03 35.28
N PRO A 324 9.26 -58.78 34.83
CA PRO A 324 8.88 -57.63 35.65
C PRO A 324 7.38 -57.37 35.73
N ALA A 325 6.54 -58.23 35.15
CA ALA A 325 5.10 -58.07 35.29
C ALA A 325 4.56 -58.77 36.52
N LYS A 326 5.23 -59.81 37.00
CA LYS A 326 4.78 -60.57 38.17
C LYS A 326 5.65 -60.32 39.39
N THR A 327 6.62 -59.42 39.29
CA THR A 327 7.51 -59.10 40.40
C THR A 327 7.05 -57.80 41.06
N ASP A 328 7.25 -57.72 42.37
CA ASP A 328 6.77 -56.58 43.15
C ASP A 328 7.61 -55.34 42.85
N VAL A 329 7.11 -54.19 43.28
CA VAL A 329 7.78 -52.90 43.04
C VAL A 329 9.07 -52.82 43.85
N ALA A 330 9.10 -53.45 45.03
CA ALA A 330 10.28 -53.38 45.91
C ALA A 330 11.46 -54.14 45.31
N GLU A 331 11.21 -55.31 44.73
CA GLU A 331 12.30 -56.06 44.10
C GLU A 331 12.75 -55.37 42.80
N LEU A 332 11.82 -54.76 42.08
CA LEU A 332 12.20 -53.99 40.89
C LEU A 332 12.90 -52.68 41.24
N ALA A 333 12.80 -52.22 42.50
CA ALA A 333 13.59 -51.10 42.98
C ALA A 333 14.98 -51.54 43.44
N ALA A 334 15.05 -52.71 44.09
CA ALA A 334 16.34 -53.26 44.48
C ALA A 334 17.16 -53.68 43.27
N LEU A 335 16.50 -54.09 42.19
CA LEU A 335 17.20 -54.46 40.97
C LEU A 335 17.75 -53.25 40.23
N LEU A 336 17.10 -52.10 40.39
CA LEU A 336 17.41 -50.92 39.61
C LEU A 336 18.41 -50.01 40.31
N ALA A 337 18.93 -50.42 41.47
CA ALA A 337 19.83 -49.61 42.27
C ALA A 337 21.26 -50.12 42.31
N LYS A 338 21.48 -51.44 42.17
CA LYS A 338 22.81 -52.02 42.24
C LYS A 338 23.24 -52.72 40.97
N ASN A 339 22.30 -53.15 40.13
CA ASN A 339 22.62 -53.94 38.94
C ASN A 339 22.70 -53.09 37.68
N VAL A 340 22.97 -51.79 37.82
CA VAL A 340 23.14 -50.92 36.67
C VAL A 340 24.52 -51.18 36.07
N VAL A 341 24.56 -51.84 34.91
CA VAL A 341 25.79 -52.05 34.18
C VAL A 341 26.05 -50.81 33.34
N ASP A 342 27.12 -50.09 33.67
CA ASP A 342 27.37 -48.78 33.06
C ASP A 342 27.85 -48.94 31.62
N GLU A 343 27.33 -48.08 30.74
CA GLU A 343 27.75 -48.09 29.35
C GLU A 343 27.89 -46.69 28.76
N THR A 344 28.04 -45.65 29.60
CA THR A 344 28.14 -44.29 29.08
C THR A 344 29.50 -43.99 28.46
N ALA A 345 30.50 -44.85 28.66
CA ALA A 345 31.81 -44.63 28.06
C ALA A 345 31.91 -45.15 26.64
N ALA A 346 31.17 -46.23 26.32
CA ALA A 346 31.22 -46.80 24.98
C ALA A 346 30.17 -46.23 24.04
N VAL A 347 29.14 -45.58 24.58
CA VAL A 347 28.15 -44.92 23.74
C VAL A 347 28.77 -43.70 23.07
N ALA A 348 29.57 -42.93 23.82
CA ALA A 348 30.19 -41.74 23.27
C ALA A 348 31.30 -42.07 22.27
N ALA A 349 31.97 -43.21 22.45
CA ALA A 349 33.05 -43.62 21.58
C ALA A 349 32.58 -44.42 20.38
N PHE A 350 31.29 -44.40 20.08
CA PHE A 350 30.75 -45.10 18.93
C PHE A 350 30.80 -44.19 17.71
N GLN A 351 30.76 -44.80 16.53
CA GLN A 351 30.99 -44.06 15.28
C GLN A 351 29.72 -43.81 14.47
N GLY A 352 28.73 -44.69 14.53
CA GLY A 352 27.49 -44.51 13.82
C GLY A 352 26.49 -43.67 14.60
N ASP A 353 25.23 -43.80 14.20
CA ASP A 353 24.14 -43.12 14.86
C ASP A 353 23.55 -44.02 15.94
N VAL A 354 23.15 -43.42 17.07
CA VAL A 354 23.09 -44.12 18.35
C VAL A 354 21.66 -44.35 18.81
N LEU A 355 20.86 -43.28 18.90
CA LEU A 355 19.43 -43.31 19.30
C LEU A 355 19.23 -43.92 20.69
N VAL A 356 19.70 -43.17 21.69
CA VAL A 356 19.69 -43.64 23.09
C VAL A 356 18.26 -43.77 23.61
N TYR A 357 17.51 -42.67 23.60
CA TYR A 357 16.19 -42.60 24.23
C TYR A 357 15.18 -43.46 23.48
N GLY A 358 14.76 -44.56 24.09
CA GLY A 358 13.71 -45.38 23.51
C GLY A 358 14.14 -46.23 22.33
N GLY A 359 15.43 -46.31 22.04
CA GLY A 359 15.88 -47.10 20.92
C GLY A 359 15.86 -48.59 21.19
N ALA A 360 16.68 -49.04 22.13
CA ALA A 360 16.79 -50.47 22.38
C ALA A 360 15.76 -50.95 23.39
N ASN A 361 15.63 -50.26 24.52
CA ASN A 361 14.78 -50.70 25.61
C ASN A 361 13.96 -49.53 26.10
N LEU A 362 13.18 -49.77 27.16
CA LEU A 362 12.39 -48.73 27.80
C LEU A 362 13.32 -47.80 28.58
N THR A 363 13.32 -46.52 28.22
CA THR A 363 14.25 -45.55 28.80
C THR A 363 13.66 -44.95 30.08
N LEU A 364 14.47 -44.92 31.13
CA LEU A 364 14.08 -44.32 32.40
C LEU A 364 15.06 -43.19 32.70
N VAL A 365 14.56 -41.96 32.71
CA VAL A 365 15.39 -40.78 32.93
C VAL A 365 15.28 -40.37 34.39
N ASP A 366 16.33 -39.74 34.91
CA ASP A 366 16.43 -39.41 36.33
C ASP A 366 16.54 -37.91 36.49
N MET A 367 15.64 -37.17 35.83
CA MET A 367 15.64 -35.71 35.90
C MET A 367 14.94 -35.19 37.15
N GLU A 368 15.35 -35.62 38.33
CA GLU A 368 14.67 -35.25 39.55
C GLU A 368 15.46 -34.33 40.47
N GLN A 369 16.78 -34.29 40.33
CA GLN A 369 17.60 -33.35 41.10
C GLN A 369 17.78 -32.03 40.38
N VAL A 370 17.22 -31.91 39.19
CA VAL A 370 17.41 -30.73 38.36
C VAL A 370 16.49 -29.63 38.84
N ASP A 371 17.02 -28.40 38.92
CA ASP A 371 16.27 -27.25 39.43
C ASP A 371 15.36 -26.74 38.32
N LEU A 372 14.22 -27.42 38.16
CA LEU A 372 13.25 -27.00 37.16
C LEU A 372 12.54 -25.71 37.57
N TYR A 373 12.21 -25.59 38.86
CA TYR A 373 11.40 -24.48 39.36
C TYR A 373 12.24 -23.28 39.79
N GLY A 374 13.44 -23.13 39.23
CA GLY A 374 14.27 -21.99 39.54
C GLY A 374 14.15 -20.88 38.51
N LEU A 375 13.13 -20.96 37.67
CA LEU A 375 12.92 -19.95 36.63
C LEU A 375 12.02 -18.83 37.15
N GLU A 376 12.45 -18.24 38.26
CA GLU A 376 11.75 -17.10 38.84
C GLU A 376 12.08 -15.87 38.00
N ILE A 377 11.11 -15.43 37.19
CA ILE A 377 11.43 -14.41 36.19
C ILE A 377 11.42 -13.02 36.79
N LYS A 378 10.49 -12.69 37.69
CA LYS A 378 10.63 -11.52 38.52
C LYS A 378 10.68 -11.87 39.99
N GLY A 379 9.64 -12.50 40.51
CA GLY A 379 9.65 -13.14 41.81
C GLY A 379 8.71 -14.33 41.71
N GLN A 380 8.38 -14.67 40.48
CA GLN A 380 7.28 -15.57 40.16
C GLN A 380 7.82 -16.99 40.02
N ARG A 381 7.68 -17.77 41.07
CA ARG A 381 7.93 -19.20 40.99
C ARG A 381 6.87 -19.83 40.10
N PRO A 382 7.24 -20.71 39.17
CA PRO A 382 6.25 -21.29 38.26
C PRO A 382 5.30 -22.23 38.97
N VAL A 383 4.09 -22.33 38.44
CA VAL A 383 3.07 -23.17 39.05
C VAL A 383 3.18 -24.62 38.59
N TYR A 384 3.66 -24.85 37.37
CA TYR A 384 3.71 -26.19 36.80
C TYR A 384 4.80 -26.21 35.74
N VAL A 385 5.78 -27.10 35.91
CA VAL A 385 6.87 -27.26 34.95
C VAL A 385 6.91 -28.72 34.53
N GLU A 386 6.71 -28.98 33.25
CA GLU A 386 6.79 -30.33 32.71
C GLU A 386 7.78 -30.36 31.56
N TYR A 387 8.54 -31.44 31.49
CA TYR A 387 9.56 -31.63 30.46
C TYR A 387 9.23 -32.88 29.66
N GLY A 388 8.97 -32.70 28.36
CA GLY A 388 8.79 -33.80 27.44
C GLY A 388 9.98 -33.92 26.51
N MET A 389 9.88 -34.89 25.60
CA MET A 389 10.95 -35.16 24.66
C MET A 389 10.37 -35.37 23.26
N ASP A 390 11.26 -35.37 22.28
CA ASP A 390 10.93 -35.67 20.90
C ASP A 390 12.02 -36.57 20.36
N GLY A 391 11.70 -37.29 19.28
CA GLY A 391 12.65 -38.24 18.73
C GLY A 391 12.84 -39.49 19.55
N VAL A 392 11.92 -39.77 20.48
CA VAL A 392 11.98 -40.99 21.27
C VAL A 392 11.61 -42.17 20.38
N GLY A 393 12.38 -43.25 20.48
CA GLY A 393 12.15 -44.42 19.68
C GLY A 393 10.90 -45.20 20.07
N ASP A 394 10.81 -46.40 19.51
CA ASP A 394 9.58 -47.19 19.56
C ASP A 394 9.44 -48.01 20.84
N GLU A 395 10.20 -47.66 21.89
CA GLU A 395 10.11 -48.38 23.15
C GLU A 395 9.59 -47.56 24.31
N GLY A 396 9.86 -46.26 24.35
CA GLY A 396 9.31 -45.42 25.40
C GLY A 396 10.34 -44.73 26.28
N ALA A 397 9.97 -43.59 26.84
CA ALA A 397 10.84 -42.83 27.72
C ALA A 397 10.04 -42.38 28.93
N VAL A 398 10.64 -42.51 30.11
CA VAL A 398 10.00 -42.18 31.38
C VAL A 398 10.87 -41.14 32.06
N LEU A 399 10.33 -39.94 32.25
CA LEU A 399 11.08 -38.80 32.77
C LEU A 399 10.53 -38.41 34.14
N VAL A 400 11.28 -38.72 35.20
CA VAL A 400 10.83 -38.52 36.57
C VAL A 400 11.31 -37.14 37.02
N GLN A 401 10.42 -36.15 36.99
CA GLN A 401 10.70 -34.76 37.28
C GLN A 401 10.24 -34.38 38.68
N PRO A 402 10.78 -33.31 39.27
CA PRO A 402 10.31 -32.90 40.60
C PRO A 402 9.05 -32.04 40.56
N ASP A 403 8.32 -32.07 41.67
CA ASP A 403 7.07 -31.34 41.81
C ASP A 403 7.34 -29.90 42.24
N ALA A 404 6.26 -29.11 42.34
CA ALA A 404 6.40 -27.69 42.67
C ALA A 404 6.76 -27.49 44.13
N ASP A 405 6.12 -28.23 45.03
CA ASP A 405 6.39 -28.10 46.46
C ASP A 405 7.58 -28.93 46.92
N GLY A 406 8.31 -29.56 46.02
CA GLY A 406 9.53 -30.25 46.38
C GLY A 406 9.33 -31.56 47.10
N ARG A 407 8.16 -32.15 47.04
CA ARG A 407 7.88 -33.39 47.76
C ARG A 407 7.40 -34.52 46.86
N GLY A 408 6.63 -34.22 45.82
CA GLY A 408 6.17 -35.23 44.90
C GLY A 408 7.06 -35.37 43.69
N ARG A 409 6.64 -36.26 42.80
CA ARG A 409 7.36 -36.49 41.54
C ARG A 409 6.38 -36.36 40.38
N LEU A 410 6.80 -35.64 39.35
CA LEU A 410 6.01 -35.50 38.13
C LEU A 410 6.62 -36.40 37.06
N VAL A 411 5.82 -37.32 36.53
CA VAL A 411 6.33 -38.36 35.64
C VAL A 411 5.73 -38.15 34.27
N THR A 412 6.55 -37.68 33.33
CA THR A 412 6.14 -37.56 31.94
C THR A 412 6.49 -38.84 31.21
N VAL A 413 5.48 -39.55 30.73
CA VAL A 413 5.65 -40.83 30.08
C VAL A 413 5.38 -40.65 28.60
N VAL A 414 6.39 -40.90 27.77
CA VAL A 414 6.27 -40.81 26.33
C VAL A 414 6.21 -42.22 25.77
N LEU A 415 5.02 -42.65 25.37
CA LEU A 415 4.77 -44.00 24.90
C LEU A 415 4.02 -43.93 23.57
N PRO A 416 3.93 -45.03 22.82
CA PRO A 416 3.00 -45.04 21.67
C PRO A 416 1.56 -44.87 22.12
N GLY A 417 0.78 -44.18 21.28
CA GLY A 417 -0.60 -43.82 21.58
C GLY A 417 -1.54 -44.98 21.85
N ASP A 418 -1.19 -46.17 21.39
CA ASP A 418 -1.97 -47.37 21.69
C ASP A 418 -1.74 -47.90 23.09
N GLU A 419 -0.64 -47.51 23.73
CA GLU A 419 -0.30 -48.01 25.06
C GLU A 419 -0.49 -46.97 26.16
N ILE A 420 -1.17 -45.86 25.87
CA ILE A 420 -1.45 -44.87 26.91
C ILE A 420 -2.78 -45.14 27.58
N ASP A 421 -3.80 -45.49 26.80
CA ASP A 421 -5.13 -45.77 27.35
C ASP A 421 -5.16 -47.04 28.19
N SER A 422 -4.23 -47.97 27.95
CA SER A 422 -4.07 -49.12 28.82
C SER A 422 -3.14 -48.83 30.00
N LEU A 423 -2.49 -47.68 30.01
CA LEU A 423 -1.55 -47.35 31.08
C LEU A 423 -2.24 -46.59 32.21
N ARG A 424 -3.18 -45.71 31.88
CA ARG A 424 -3.87 -44.91 32.89
C ARG A 424 -4.80 -45.77 33.73
N ALA A 425 -5.32 -46.86 33.18
CA ALA A 425 -6.13 -47.78 33.96
C ALA A 425 -5.28 -48.61 34.91
N ALA A 426 -4.12 -49.07 34.45
CA ALA A 426 -3.27 -49.89 35.29
C ALA A 426 -2.56 -49.08 36.37
N LEU A 427 -2.25 -47.82 36.09
CA LEU A 427 -1.55 -47.00 37.06
C LEU A 427 -2.49 -46.36 38.10
N GLY A 428 -3.81 -46.50 37.92
CA GLY A 428 -4.73 -45.98 38.92
C GLY A 428 -4.78 -46.81 40.18
N SER A 429 -4.35 -48.06 40.12
CA SER A 429 -4.38 -48.95 41.28
C SER A 429 -3.25 -48.69 42.27
N ALA A 430 -2.29 -47.82 41.93
CA ALA A 430 -1.19 -47.50 42.82
C ALA A 430 -1.24 -46.07 43.35
N LEU A 431 -1.63 -45.10 42.52
CA LEU A 431 -1.62 -43.71 42.94
C LEU A 431 -2.83 -43.36 43.80
N HIS A 432 -4.02 -43.85 43.40
CA HIS A 432 -5.32 -43.49 43.99
C HIS A 432 -5.57 -41.99 44.05
N SER B 74 43.92 57.03 0.88
CA SER B 74 42.97 58.11 1.06
C SER B 74 42.38 58.10 2.47
N ALA B 75 41.54 59.09 2.75
CA ALA B 75 40.86 59.19 4.04
C ALA B 75 39.38 59.46 3.94
N PHE B 76 38.86 59.81 2.75
CA PHE B 76 37.45 60.05 2.56
C PHE B 76 36.79 59.11 1.57
N LEU B 77 37.52 58.57 0.61
CA LEU B 77 36.99 57.54 -0.28
C LEU B 77 37.27 56.13 0.24
N VAL B 78 36.92 55.92 1.51
CA VAL B 78 37.01 54.60 2.14
C VAL B 78 35.66 54.11 2.63
N VAL B 79 34.67 54.98 2.74
CA VAL B 79 33.32 54.54 3.09
C VAL B 79 32.61 53.96 1.88
N PHE B 80 32.91 54.44 0.68
CA PHE B 80 32.23 53.94 -0.52
C PHE B 80 32.77 52.56 -0.92
N VAL B 81 34.09 52.38 -0.86
CA VAL B 81 34.66 51.07 -1.14
C VAL B 81 34.43 50.12 0.03
N GLY B 82 34.40 50.66 1.25
CA GLY B 82 34.19 49.87 2.44
C GLY B 82 32.75 49.64 2.83
N THR B 83 31.79 50.15 2.05
CA THR B 83 30.37 49.90 2.27
C THR B 83 29.76 48.98 1.23
N VAL B 84 30.06 49.20 -0.06
CA VAL B 84 29.49 48.35 -1.09
C VAL B 84 30.16 46.98 -1.15
N TYR B 85 31.30 46.80 -0.47
CA TYR B 85 31.91 45.48 -0.39
C TYR B 85 31.34 44.69 0.79
N VAL B 86 31.11 45.35 1.93
CA VAL B 86 30.59 44.65 3.10
C VAL B 86 29.09 44.42 3.05
N MET B 87 28.40 45.01 2.06
CA MET B 87 27.00 44.69 1.82
C MET B 87 26.81 43.81 0.59
N SER B 88 27.90 43.40 -0.05
CA SER B 88 27.84 42.44 -1.15
C SER B 88 28.34 41.05 -0.76
N ARG B 89 29.09 40.94 0.34
CA ARG B 89 29.56 39.64 0.78
C ARG B 89 28.42 38.85 1.42
N PRO B 90 28.35 37.55 1.20
CA PRO B 90 27.29 36.75 1.80
C PRO B 90 27.51 36.53 3.28
N ARG B 91 26.41 36.26 3.98
CA ARG B 91 26.49 35.94 5.38
C ARG B 91 27.11 34.55 5.54
N PRO B 92 28.10 34.38 6.42
CA PRO B 92 28.74 33.08 6.55
C PRO B 92 27.84 32.09 7.28
N VAL B 93 27.86 30.83 6.81
CA VAL B 93 27.04 29.77 7.37
C VAL B 93 27.97 28.77 8.03
N TYR B 94 27.82 28.61 9.34
CA TYR B 94 28.66 27.72 10.14
C TYR B 94 27.94 26.41 10.40
N LEU B 95 28.70 25.43 10.86
CA LEU B 95 28.16 24.21 11.43
C LEU B 95 28.54 24.20 12.90
N VAL B 96 27.55 24.44 13.77
CA VAL B 96 27.82 24.55 15.20
C VAL B 96 28.17 23.19 15.77
N ASP B 97 27.28 22.22 15.63
CA ASP B 97 27.55 20.82 15.96
C ASP B 97 26.53 19.96 15.23
N TYR B 98 26.72 18.65 15.31
CA TYR B 98 25.81 17.71 14.68
C TYR B 98 25.81 16.42 15.49
N ALA B 99 24.64 15.80 15.58
CA ALA B 99 24.48 14.57 16.32
C ALA B 99 23.95 13.48 15.39
N CYS B 100 24.53 12.29 15.50
CA CYS B 100 24.11 11.15 14.71
C CYS B 100 23.48 10.11 15.63
N TYR B 101 22.69 9.22 15.03
CA TYR B 101 22.02 8.17 15.77
C TYR B 101 22.87 6.91 15.76
N LYS B 102 23.27 6.46 16.95
CA LYS B 102 23.96 5.19 17.10
C LYS B 102 22.92 4.14 17.46
N PRO B 103 22.55 3.24 16.56
CA PRO B 103 21.46 2.32 16.85
C PRO B 103 21.88 1.26 17.85
N PRO B 104 20.96 0.72 18.64
CA PRO B 104 21.34 -0.19 19.72
C PRO B 104 21.79 -1.55 19.19
N ALA B 105 22.38 -2.33 20.10
CA ALA B 105 22.86 -3.66 19.77
C ALA B 105 21.74 -4.70 19.76
N SER B 106 20.53 -4.34 20.21
CA SER B 106 19.39 -5.23 20.15
C SER B 106 18.61 -5.10 18.85
N CYS B 107 19.24 -4.57 17.79
CA CYS B 107 18.60 -4.42 16.50
C CYS B 107 19.52 -4.81 15.35
N ARG B 108 20.68 -5.39 15.64
CA ARG B 108 21.63 -5.73 14.58
C ARG B 108 21.16 -6.93 13.79
N VAL B 109 21.45 -6.92 12.49
CA VAL B 109 21.15 -8.07 11.63
C VAL B 109 22.45 -8.59 11.06
N PRO B 110 22.89 -9.78 11.48
CA PRO B 110 24.09 -10.37 10.89
C PRO B 110 23.87 -10.89 9.48
N PHE B 111 24.91 -11.53 8.93
CA PHE B 111 24.80 -12.10 7.59
C PHE B 111 23.94 -13.36 7.59
N ALA B 112 24.16 -14.25 8.57
CA ALA B 112 23.44 -15.52 8.59
C ALA B 112 21.98 -15.34 8.99
N THR B 113 21.68 -14.35 9.83
CA THR B 113 20.29 -14.08 10.18
C THR B 113 19.51 -13.57 8.98
N PHE B 114 20.12 -12.70 8.17
CA PHE B 114 19.49 -12.23 6.95
C PHE B 114 19.31 -13.36 5.94
N MET B 115 20.32 -14.22 5.80
CA MET B 115 20.19 -15.30 4.83
C MET B 115 19.33 -16.46 5.34
N GLU B 116 18.96 -16.47 6.61
CA GLU B 116 17.96 -17.41 7.09
C GLU B 116 16.56 -16.83 6.96
N HIS B 117 16.41 -15.53 7.20
CA HIS B 117 15.11 -14.87 7.02
C HIS B 117 14.67 -14.89 5.57
N THR B 118 15.57 -14.51 4.65
CA THR B 118 15.20 -14.50 3.24
C THR B 118 15.13 -15.89 2.63
N ARG B 119 15.58 -16.91 3.34
CA ARG B 119 15.37 -18.28 2.90
C ARG B 119 14.09 -18.86 3.44
N LEU B 120 13.60 -18.36 4.58
CA LEU B 120 12.27 -18.75 5.04
C LEU B 120 11.15 -17.98 4.35
N ILE B 121 11.42 -16.77 3.85
CA ILE B 121 10.37 -16.00 3.18
C ILE B 121 10.04 -16.61 1.82
N SER B 122 11.06 -16.77 0.97
CA SER B 122 10.85 -17.16 -0.41
C SER B 122 10.96 -18.68 -0.57
N ASP B 123 10.64 -19.14 -1.78
CA ASP B 123 10.71 -20.55 -2.14
C ASP B 123 11.63 -20.84 -3.31
N ASP B 124 11.85 -19.87 -4.19
CA ASP B 124 12.70 -20.07 -5.35
C ASP B 124 14.17 -19.98 -4.97
N ASP B 125 15.01 -20.66 -5.74
CA ASP B 125 16.44 -20.70 -5.48
C ASP B 125 17.20 -19.61 -6.23
N LYS B 126 16.63 -19.08 -7.31
CA LYS B 126 17.30 -18.05 -8.08
C LYS B 126 17.31 -16.71 -7.35
N SER B 127 16.30 -16.45 -6.52
CA SER B 127 16.22 -15.20 -5.78
C SER B 127 17.05 -15.19 -4.51
N VAL B 128 17.48 -16.36 -4.03
CA VAL B 128 18.29 -16.41 -2.82
C VAL B 128 19.78 -16.49 -3.17
N ARG B 129 20.14 -17.19 -4.24
CA ARG B 129 21.51 -17.21 -4.72
C ARG B 129 21.96 -15.87 -5.30
N PHE B 130 21.03 -14.99 -5.64
CA PHE B 130 21.37 -13.62 -6.01
C PHE B 130 21.61 -12.75 -4.79
N GLN B 131 20.78 -12.92 -3.76
CA GLN B 131 20.96 -12.13 -2.54
C GLN B 131 22.21 -12.54 -1.77
N THR B 132 22.59 -13.82 -1.86
CA THR B 132 23.86 -14.26 -1.29
C THR B 132 25.04 -13.58 -1.97
N ARG B 133 25.00 -13.53 -3.31
CA ARG B 133 26.08 -12.91 -4.08
C ARG B 133 26.13 -11.41 -3.86
N ILE B 134 24.99 -10.79 -3.61
CA ILE B 134 24.98 -9.36 -3.30
C ILE B 134 25.54 -9.11 -1.91
N LEU B 135 25.05 -9.85 -0.91
CA LEU B 135 25.35 -9.52 0.48
C LEU B 135 26.75 -9.95 0.89
N GLU B 136 27.28 -11.05 0.36
CA GLU B 136 28.61 -11.48 0.78
C GLU B 136 29.72 -10.68 0.10
N ARG B 137 29.40 -9.90 -0.93
CA ARG B 137 30.36 -9.03 -1.58
C ARG B 137 30.08 -7.55 -1.39
N SER B 138 28.98 -7.20 -0.73
CA SER B 138 28.61 -5.80 -0.55
C SER B 138 29.56 -5.07 0.39
N GLY B 139 30.13 -5.76 1.36
CA GLY B 139 31.07 -5.15 2.29
C GLY B 139 30.50 -4.75 3.62
N LEU B 140 29.24 -5.07 3.89
CA LEU B 140 28.64 -4.76 5.19
C LEU B 140 29.17 -5.71 6.26
N GLY B 141 28.96 -5.33 7.51
CA GLY B 141 29.50 -6.11 8.61
C GLY B 141 28.45 -6.81 9.45
N GLU B 142 28.73 -6.99 10.73
CA GLU B 142 27.86 -7.75 11.63
C GLU B 142 27.14 -6.86 12.64
N ASP B 143 27.30 -5.54 12.54
CA ASP B 143 26.65 -4.61 13.46
C ASP B 143 25.67 -3.68 12.75
N THR B 144 25.32 -3.97 11.50
CA THR B 144 24.34 -3.18 10.79
C THR B 144 22.94 -3.48 11.33
N CYS B 145 22.14 -2.43 11.50
CA CYS B 145 20.88 -2.54 12.21
C CYS B 145 19.69 -2.29 11.29
N LEU B 146 18.62 -3.04 11.53
CA LEU B 146 17.33 -2.97 10.86
C LEU B 146 16.24 -2.62 11.87
N PRO B 147 15.17 -1.96 11.45
CA PRO B 147 14.11 -1.55 12.40
C PRO B 147 13.38 -2.75 12.96
N PRO B 148 12.72 -2.61 14.17
CA PRO B 148 12.04 -3.74 14.80
C PRO B 148 10.69 -4.11 14.20
N ALA B 149 10.63 -4.15 12.88
CA ALA B 149 9.55 -4.78 12.14
C ALA B 149 10.06 -5.66 11.02
N ASN B 150 11.34 -5.54 10.66
CA ASN B 150 12.01 -6.48 9.76
C ASN B 150 12.69 -7.60 10.52
N HIS B 151 12.44 -7.72 11.82
CA HIS B 151 12.99 -8.80 12.63
C HIS B 151 12.01 -9.95 12.80
N TYR B 152 10.82 -9.85 12.24
CA TYR B 152 9.90 -10.98 12.16
C TYR B 152 10.14 -11.73 10.87
N ILE B 153 9.73 -13.00 10.83
CA ILE B 153 10.02 -13.83 9.67
C ILE B 153 9.15 -13.42 8.49
N PRO B 154 7.84 -13.19 8.61
CA PRO B 154 7.21 -12.27 7.66
C PRO B 154 7.26 -10.85 8.19
N PRO B 155 7.96 -9.95 7.51
CA PRO B 155 7.95 -8.55 7.95
C PRO B 155 6.59 -7.93 7.67
N ASN B 156 6.07 -7.22 8.68
CA ASN B 156 4.72 -6.64 8.64
C ASN B 156 4.84 -5.12 8.77
N PRO B 157 5.12 -4.41 7.67
CA PRO B 157 5.29 -2.97 7.74
C PRO B 157 3.94 -2.26 7.80
N SER B 158 3.63 -1.69 8.95
CA SER B 158 2.41 -0.91 9.12
C SER B 158 2.75 0.57 9.04
N MET B 159 1.71 1.40 9.04
CA MET B 159 1.92 2.85 9.13
C MET B 159 2.35 3.25 10.53
N GLU B 160 1.72 2.65 11.55
CA GLU B 160 2.10 2.93 12.93
C GLU B 160 3.46 2.36 13.27
N ALA B 161 3.81 1.19 12.70
CA ALA B 161 5.10 0.59 13.00
C ALA B 161 6.25 1.29 12.29
N SER B 162 5.97 2.01 11.21
CA SER B 162 7.00 2.81 10.54
C SER B 162 7.07 4.21 11.08
N ARG B 163 5.96 4.74 11.61
CA ARG B 163 5.98 6.04 12.27
C ARG B 163 6.65 5.97 13.62
N ALA B 164 6.52 4.83 14.33
CA ALA B 164 7.16 4.68 15.63
C ALA B 164 8.66 4.48 15.52
N GLU B 165 9.16 4.10 14.35
CA GLU B 165 10.60 4.12 14.11
C GLU B 165 11.07 5.53 13.78
N ALA B 166 10.23 6.33 13.12
CA ALA B 166 10.58 7.72 12.83
C ALA B 166 10.63 8.56 14.09
N GLN B 167 9.91 8.18 15.13
CA GLN B 167 10.02 8.83 16.43
C GLN B 167 11.18 8.32 17.25
N LEU B 168 11.86 7.26 16.79
CA LEU B 168 13.02 6.72 17.48
C LEU B 168 14.32 7.25 16.91
N VAL B 169 14.44 7.26 15.58
CA VAL B 169 15.71 7.67 14.96
C VAL B 169 15.86 9.18 14.92
N ILE B 170 14.78 9.95 15.05
CA ILE B 170 14.83 11.40 14.97
C ILE B 170 14.87 12.04 16.35
N PHE B 171 13.97 11.62 17.24
CA PHE B 171 13.88 12.25 18.55
C PHE B 171 15.03 11.89 19.47
N SER B 172 15.74 10.80 19.18
CA SER B 172 16.95 10.47 19.92
C SER B 172 18.21 10.96 19.22
N ALA B 173 18.07 11.64 18.09
CA ALA B 173 19.17 12.34 17.45
C ALA B 173 19.13 13.84 17.68
N ILE B 174 17.93 14.39 17.89
CA ILE B 174 17.80 15.80 18.25
C ILE B 174 18.04 15.99 19.74
N ASP B 175 17.64 15.03 20.57
CA ASP B 175 17.91 15.09 22.01
C ASP B 175 19.41 14.97 22.30
N ASP B 176 20.16 14.29 21.43
CA ASP B 176 21.61 14.30 21.54
C ASP B 176 22.17 15.66 21.18
N LEU B 177 21.53 16.36 20.24
CA LEU B 177 22.03 17.64 19.77
C LEU B 177 21.73 18.77 20.75
N VAL B 178 20.56 18.74 21.40
CA VAL B 178 20.17 19.83 22.29
C VAL B 178 20.78 19.71 23.68
N ARG B 179 21.59 18.68 23.94
CA ARG B 179 22.30 18.58 25.21
C ARG B 179 23.80 18.78 25.06
N ARG B 180 24.32 18.82 23.84
CA ARG B 180 25.73 19.11 23.60
C ARG B 180 25.95 20.51 23.06
N THR B 181 24.90 21.25 22.74
CA THR B 181 25.00 22.62 22.25
C THR B 181 24.36 23.64 23.16
N GLY B 182 23.49 23.24 24.07
CA GLY B 182 22.73 24.20 24.85
C GLY B 182 21.65 24.90 24.06
N LEU B 183 21.19 24.30 22.96
CA LEU B 183 20.21 24.92 22.09
C LEU B 183 18.82 24.84 22.71
N LYS B 184 18.23 25.99 23.00
CA LYS B 184 16.84 26.02 23.39
C LYS B 184 15.97 25.75 22.17
N PRO B 185 14.84 25.03 22.33
CA PRO B 185 13.96 24.79 21.18
C PRO B 185 13.25 26.03 20.68
N LYS B 186 13.15 27.10 21.49
CA LYS B 186 12.58 28.35 21.04
C LYS B 186 13.53 29.17 20.18
N ASP B 187 14.75 28.69 19.95
CA ASP B 187 15.75 29.40 19.16
C ASP B 187 15.82 28.92 17.71
N ILE B 188 15.17 27.79 17.39
CA ILE B 188 15.22 27.24 16.03
C ILE B 188 14.25 28.01 15.16
N ASP B 189 14.77 28.69 14.14
CA ASP B 189 13.95 29.49 13.24
C ASP B 189 13.66 28.79 11.92
N ILE B 190 14.56 27.94 11.44
CA ILE B 190 14.41 27.21 10.19
C ILE B 190 14.53 25.72 10.50
N LEU B 191 13.66 24.91 9.89
CA LEU B 191 13.67 23.47 10.12
C LEU B 191 13.47 22.78 8.78
N VAL B 192 14.50 22.07 8.31
CA VAL B 192 14.45 21.37 7.03
C VAL B 192 14.64 19.89 7.30
N VAL B 193 13.63 19.09 6.96
CA VAL B 193 13.65 17.64 7.15
C VAL B 193 13.54 16.98 5.79
N ASN B 194 14.44 16.04 5.50
CA ASN B 194 14.38 15.28 4.27
C ASN B 194 14.29 13.79 4.58
N CYS B 195 13.38 13.12 3.88
CA CYS B 195 13.22 11.67 3.98
C CYS B 195 12.61 11.21 2.66
N SER B 196 13.19 10.16 2.07
CA SER B 196 12.89 9.82 0.69
C SER B 196 11.51 9.18 0.56
N LEU B 197 11.30 8.04 1.21
CA LEU B 197 10.08 7.28 1.00
C LEU B 197 8.96 7.68 1.97
N PHE B 198 9.22 7.62 3.27
CA PHE B 198 8.17 7.82 4.27
C PHE B 198 7.87 9.30 4.41
N SER B 199 6.62 9.69 4.20
CA SER B 199 6.15 11.05 4.43
C SER B 199 4.67 11.00 4.74
N PRO B 200 4.27 11.23 5.97
CA PRO B 200 2.86 11.21 6.34
C PRO B 200 2.17 12.52 5.97
N THR B 201 0.89 12.60 6.29
CA THR B 201 0.10 13.78 5.94
C THR B 201 0.37 14.91 6.94
N PRO B 202 0.49 14.68 8.28
CA PRO B 202 1.30 15.60 9.08
C PRO B 202 2.75 15.19 8.97
N SER B 203 3.57 16.05 8.37
CA SER B 203 4.92 15.68 7.96
C SER B 203 5.84 15.49 9.16
N LEU B 204 7.06 15.03 8.87
CA LEU B 204 8.04 14.81 9.94
C LEU B 204 8.50 16.11 10.56
N SER B 205 8.48 17.20 9.78
CA SER B 205 8.77 18.52 10.34
C SER B 205 7.69 18.95 11.32
N ALA B 206 6.42 18.65 11.02
CA ALA B 206 5.35 18.93 11.97
C ALA B 206 5.43 18.03 13.19
N MET B 207 5.98 16.82 13.04
CA MET B 207 6.18 15.95 14.18
C MET B 207 7.28 16.48 15.10
N ILE B 208 8.35 17.02 14.51
CA ILE B 208 9.42 17.64 15.29
C ILE B 208 8.92 18.91 15.98
N ILE B 209 8.05 19.66 15.30
CA ILE B 209 7.45 20.85 15.90
C ILE B 209 6.54 20.48 17.07
N ASN B 210 5.74 19.43 16.91
CA ASN B 210 4.82 19.01 17.97
C ASN B 210 5.56 18.42 19.16
N LYS B 211 6.68 17.72 18.93
CA LYS B 211 7.40 17.11 20.03
C LYS B 211 8.11 18.14 20.89
N TYR B 212 8.81 19.08 20.25
CA TYR B 212 9.68 20.02 20.94
C TYR B 212 9.02 21.35 21.22
N LYS B 213 7.77 21.56 20.78
CA LYS B 213 6.98 22.77 20.99
C LYS B 213 7.69 24.01 20.47
N LEU B 214 7.99 23.99 19.16
CA LEU B 214 8.71 25.08 18.53
C LEU B 214 7.76 26.25 18.28
N ARG B 215 8.29 27.32 17.67
CA ARG B 215 7.53 28.54 17.48
C ARG B 215 6.48 28.37 16.40
N SER B 216 5.52 29.29 16.39
CA SER B 216 4.42 29.23 15.42
C SER B 216 4.76 29.91 14.11
N ASN B 217 5.72 30.83 14.09
CA ASN B 217 6.16 31.48 12.86
C ASN B 217 7.45 30.85 12.32
N ILE B 218 7.63 29.55 12.52
CA ILE B 218 8.83 28.86 12.08
C ILE B 218 8.75 28.58 10.59
N ARG B 219 9.89 28.56 9.92
CA ARG B 219 9.97 28.19 8.51
C ARG B 219 10.31 26.71 8.43
N SER B 220 9.28 25.88 8.27
CA SER B 220 9.42 24.44 8.24
C SER B 220 9.22 23.94 6.82
N PHE B 221 10.24 23.30 6.27
CA PHE B 221 10.16 22.67 4.95
C PHE B 221 10.40 21.17 5.09
N ASN B 222 9.75 20.40 4.22
CA ASN B 222 9.83 18.94 4.25
C ASN B 222 10.06 18.43 2.83
N LEU B 223 11.33 18.32 2.44
CA LEU B 223 11.66 17.74 1.15
C LEU B 223 11.47 16.22 1.21
N SER B 224 10.95 15.65 0.13
CA SER B 224 10.70 14.22 0.12
C SER B 224 10.71 13.71 -1.30
N GLY B 225 11.06 12.43 -1.44
CA GLY B 225 11.15 11.82 -2.75
C GLY B 225 12.36 12.22 -3.55
N MET B 226 13.40 12.74 -2.91
CA MET B 226 14.57 13.24 -3.62
C MET B 226 15.75 12.29 -3.55
N GLY B 227 15.56 11.08 -3.02
CA GLY B 227 16.60 10.09 -3.07
C GLY B 227 17.63 10.21 -1.96
N CYS B 228 18.75 9.51 -2.16
CA CYS B 228 19.81 9.46 -1.18
C CYS B 228 20.72 10.68 -1.20
N SER B 229 20.56 11.58 -2.17
CA SER B 229 21.35 12.79 -2.25
C SER B 229 20.61 14.01 -1.74
N ALA B 230 19.52 13.80 -0.99
CA ALA B 230 18.77 14.90 -0.40
C ALA B 230 19.38 15.39 0.90
N GLY B 231 20.49 14.79 1.35
CA GLY B 231 21.18 15.29 2.51
C GLY B 231 21.94 16.58 2.26
N LEU B 232 22.34 16.81 1.01
CA LEU B 232 23.02 18.05 0.63
C LEU B 232 22.12 18.99 -0.15
N ILE B 233 20.86 18.62 -0.38
CA ILE B 233 19.87 19.58 -0.84
C ILE B 233 19.32 20.35 0.34
N SER B 234 19.15 19.68 1.48
CA SER B 234 18.72 20.35 2.70
C SER B 234 19.78 21.31 3.23
N ILE B 235 21.05 20.97 3.05
CA ILE B 235 22.14 21.86 3.46
C ILE B 235 22.16 23.10 2.59
N ASP B 236 21.94 22.95 1.28
CA ASP B 236 21.87 24.09 0.39
C ASP B 236 20.62 24.94 0.66
N LEU B 237 19.52 24.30 1.04
CA LEU B 237 18.31 25.04 1.37
C LEU B 237 18.48 25.84 2.65
N ALA B 238 19.05 25.23 3.70
CA ALA B 238 19.32 25.95 4.93
C ALA B 238 20.53 26.87 4.81
N ARG B 239 21.28 26.82 3.72
CA ARG B 239 22.25 27.87 3.44
C ARG B 239 21.58 29.06 2.77
N ASP B 240 20.67 28.80 1.83
CA ASP B 240 20.00 29.89 1.13
C ASP B 240 18.93 30.56 1.98
N MET B 241 18.41 29.89 3.01
CA MET B 241 17.48 30.52 3.93
C MET B 241 18.17 31.25 5.06
N LEU B 242 19.48 31.10 5.20
CA LEU B 242 20.25 31.83 6.20
C LEU B 242 20.94 33.06 5.63
N GLN B 243 20.81 33.29 4.32
CA GLN B 243 21.25 34.55 3.74
C GLN B 243 20.16 35.62 3.83
N VAL B 244 18.91 35.21 3.72
CA VAL B 244 17.81 36.17 3.76
C VAL B 244 17.51 36.59 5.19
N HIS B 245 17.42 35.63 6.11
CA HIS B 245 17.03 35.91 7.48
C HIS B 245 18.26 36.02 8.35
N PRO B 246 18.60 37.21 8.84
CA PRO B 246 19.82 37.35 9.65
C PRO B 246 19.63 36.87 11.08
N ASN B 247 20.72 36.32 11.62
CA ASN B 247 20.85 35.87 13.00
C ASN B 247 19.81 34.80 13.35
N SER B 248 19.87 33.68 12.63
CA SER B 248 18.93 32.60 12.81
C SER B 248 19.66 31.27 12.89
N ASN B 249 19.08 30.33 13.63
CA ASN B 249 19.55 28.97 13.69
C ASN B 249 18.69 28.10 12.79
N ALA B 250 19.32 27.11 12.15
CA ALA B 250 18.63 26.23 11.22
C ALA B 250 18.94 24.78 11.58
N LEU B 251 17.89 24.01 11.89
CA LEU B 251 18.03 22.59 12.21
C LEU B 251 17.75 21.78 10.96
N VAL B 252 18.69 20.92 10.59
CA VAL B 252 18.57 20.06 9.42
C VAL B 252 18.58 18.62 9.90
N VAL B 253 17.57 17.85 9.52
CA VAL B 253 17.44 16.45 9.90
C VAL B 253 17.42 15.60 8.64
N SER B 254 18.43 14.75 8.48
CA SER B 254 18.50 13.79 7.39
C SER B 254 18.27 12.40 7.95
N THR B 255 17.38 11.63 7.34
CA THR B 255 17.00 10.33 7.87
C THR B 255 16.56 9.43 6.73
N GLU B 256 16.27 8.18 7.08
CA GLU B 256 15.66 7.22 6.15
C GLU B 256 14.92 6.18 6.97
N ILE B 257 13.66 5.94 6.61
CA ILE B 257 12.81 5.01 7.34
C ILE B 257 12.78 3.71 6.55
N ILE B 258 13.42 2.67 7.09
CA ILE B 258 13.59 1.42 6.37
C ILE B 258 12.32 0.57 6.38
N THR B 259 11.41 0.82 7.33
CA THR B 259 10.22 -0.03 7.45
C THR B 259 9.25 0.01 6.26
N PRO B 260 8.90 1.15 5.65
CA PRO B 260 8.11 1.06 4.41
C PRO B 260 8.94 0.82 3.16
N ASN B 261 10.25 0.60 3.27
CA ASN B 261 11.11 0.39 2.11
C ASN B 261 11.25 -1.07 1.71
N PHE B 262 10.76 -2.00 2.53
CA PHE B 262 11.03 -3.41 2.30
C PHE B 262 10.22 -3.93 1.12
N TYR B 263 10.91 -4.59 0.19
CA TYR B 263 10.29 -5.13 -1.01
C TYR B 263 9.85 -6.56 -0.75
N GLN B 264 8.56 -6.83 -0.92
CA GLN B 264 8.00 -8.13 -0.58
C GLN B 264 8.14 -9.16 -1.70
N GLY B 265 8.29 -8.72 -2.95
CA GLY B 265 8.28 -9.61 -4.09
C GLY B 265 9.56 -10.38 -4.29
N SER B 266 9.79 -10.80 -5.54
CA SER B 266 10.95 -11.62 -5.85
C SER B 266 11.59 -11.24 -7.19
N ARG B 267 11.52 -9.97 -7.58
CA ARG B 267 12.17 -9.54 -8.81
C ARG B 267 13.64 -9.27 -8.54
N ARG B 268 14.50 -9.77 -9.42
CA ARG B 268 15.94 -9.82 -9.16
C ARG B 268 16.66 -8.49 -9.37
N ASP B 269 15.95 -7.41 -9.73
CA ASP B 269 16.57 -6.10 -9.79
C ASP B 269 16.00 -5.13 -8.77
N MET B 270 15.07 -5.59 -7.92
CA MET B 270 14.49 -4.76 -6.89
C MET B 270 14.84 -5.23 -5.49
N LEU B 271 15.61 -6.31 -5.36
CA LEU B 271 16.06 -6.83 -4.07
C LEU B 271 17.34 -6.18 -3.59
N LEU B 272 17.94 -5.31 -4.39
CA LEU B 272 19.16 -4.60 -4.00
C LEU B 272 18.95 -3.55 -2.90
N PRO B 273 17.81 -2.83 -2.80
CA PRO B 273 17.59 -2.05 -1.57
C PRO B 273 17.19 -2.87 -0.35
N ASN B 274 17.09 -4.18 -0.44
CA ASN B 274 16.84 -4.98 0.75
C ASN B 274 18.13 -5.34 1.47
N CYS B 275 19.23 -5.46 0.74
CA CYS B 275 20.49 -5.95 1.28
C CYS B 275 21.46 -4.84 1.66
N LEU B 276 21.10 -3.58 1.49
CA LEU B 276 22.04 -2.48 1.71
C LEU B 276 21.54 -1.43 2.70
N PHE B 277 20.25 -1.11 2.70
CA PHE B 277 19.76 0.01 3.49
C PHE B 277 19.57 -0.41 4.94
N ARG B 278 20.18 0.37 5.85
CA ARG B 278 20.14 0.10 7.28
C ARG B 278 19.69 1.35 8.02
N MET B 279 19.54 1.23 9.34
CA MET B 279 19.05 2.33 10.16
C MET B 279 20.10 3.42 10.33
N GLY B 280 19.63 4.66 10.48
CA GLY B 280 20.51 5.77 10.73
C GLY B 280 19.88 7.12 10.44
N ALA B 281 20.19 8.12 11.26
CA ALA B 281 19.66 9.46 11.10
C ALA B 281 20.62 10.45 11.76
N ALA B 282 20.66 11.67 11.21
CA ALA B 282 21.59 12.68 11.70
C ALA B 282 20.89 14.03 11.74
N ALA B 283 21.13 14.76 12.83
CA ALA B 283 20.57 16.11 13.01
C ALA B 283 21.71 17.11 12.95
N ILE B 284 21.54 18.13 12.12
CA ILE B 284 22.59 19.10 11.81
C ILE B 284 22.09 20.49 12.18
N LEU B 285 22.90 21.24 12.91
CA LEU B 285 22.55 22.57 13.39
C LEU B 285 23.47 23.59 12.74
N LEU B 286 22.91 24.44 11.88
CA LEU B 286 23.63 25.54 11.27
C LEU B 286 23.20 26.87 11.88
N SER B 287 24.01 27.89 11.67
CA SER B 287 23.70 29.24 12.10
C SER B 287 24.54 30.23 11.31
N ASN B 288 24.07 31.48 11.27
CA ASN B 288 24.80 32.55 10.61
C ASN B 288 25.09 33.70 11.56
N ARG B 289 25.06 33.46 12.86
CA ARG B 289 25.43 34.47 13.83
C ARG B 289 26.95 34.63 13.89
N ARG B 290 27.40 35.69 14.55
CA ARG B 290 28.82 35.87 14.81
C ARG B 290 29.20 35.51 16.25
N ARG B 291 28.22 35.32 17.13
CA ARG B 291 28.51 34.77 18.44
C ARG B 291 28.91 33.30 18.33
N GLU B 292 28.25 32.56 17.46
CA GLU B 292 28.60 31.16 17.19
C GLU B 292 29.58 31.05 16.03
N ALA B 293 30.67 31.82 16.12
CA ALA B 293 31.78 31.71 15.19
C ALA B 293 33.05 31.22 15.87
N ARG B 294 33.08 31.23 17.20
CA ARG B 294 34.17 30.64 17.97
C ARG B 294 33.78 29.31 18.58
N ARG B 295 32.49 29.02 18.69
CA ARG B 295 32.00 27.74 19.16
C ARG B 295 31.77 26.74 18.03
N ALA B 296 31.65 27.23 16.79
CA ALA B 296 31.34 26.37 15.66
C ALA B 296 32.56 25.53 15.27
N LYS B 297 32.32 24.55 14.40
CA LYS B 297 33.35 23.63 13.95
C LYS B 297 33.72 23.83 12.49
N TYR B 298 32.74 23.83 11.59
CA TYR B 298 32.99 23.94 10.16
C TYR B 298 32.28 25.16 9.59
N ARG B 299 32.86 25.73 8.54
CA ARG B 299 32.26 26.82 7.78
C ARG B 299 32.03 26.34 6.36
N LEU B 300 30.77 26.38 5.92
CA LEU B 300 30.42 25.90 4.59
C LEU B 300 30.96 26.85 3.53
N VAL B 301 31.72 26.30 2.58
CA VAL B 301 32.37 27.11 1.56
C VAL B 301 31.58 27.05 0.26
N HIS B 302 31.36 25.86 -0.27
CA HIS B 302 30.65 25.68 -1.54
C HIS B 302 29.64 24.56 -1.42
N VAL B 303 28.54 24.68 -2.16
CA VAL B 303 27.62 23.58 -2.43
C VAL B 303 27.34 23.58 -3.93
N VAL B 304 27.67 22.48 -4.60
CA VAL B 304 27.57 22.37 -6.04
C VAL B 304 26.58 21.26 -6.38
N ARG B 305 25.47 21.63 -7.00
CA ARG B 305 24.43 20.69 -7.38
C ARG B 305 24.54 20.33 -8.86
N THR B 306 24.16 19.10 -9.17
CA THR B 306 24.21 18.61 -10.55
C THR B 306 23.08 17.61 -10.74
N HIS B 307 22.13 17.95 -11.59
CA HIS B 307 20.93 17.15 -11.82
C HIS B 307 20.97 16.63 -13.24
N LYS B 308 21.29 15.34 -13.41
CA LYS B 308 21.34 14.72 -14.72
C LYS B 308 20.02 14.08 -15.13
N GLY B 309 18.91 14.58 -14.60
CA GLY B 309 17.59 14.05 -14.93
C GLY B 309 17.08 14.39 -16.30
N ALA B 310 17.77 15.29 -17.02
CA ALA B 310 17.37 15.60 -18.39
C ALA B 310 17.68 14.44 -19.34
N ASP B 311 18.66 13.62 -19.01
CA ASP B 311 18.94 12.43 -19.80
C ASP B 311 17.82 11.41 -19.64
N ASP B 312 17.41 10.79 -20.74
CA ASP B 312 16.28 9.88 -20.71
C ASP B 312 16.64 8.54 -20.10
N ARG B 313 17.92 8.16 -20.12
CA ARG B 313 18.37 6.93 -19.48
C ARG B 313 18.83 7.13 -18.04
N ALA B 314 19.08 8.37 -17.63
CA ALA B 314 19.46 8.65 -16.26
C ALA B 314 18.28 8.97 -15.36
N TYR B 315 17.13 9.32 -15.93
CA TYR B 315 15.94 9.54 -15.12
C TYR B 315 15.37 8.23 -14.62
N ARG B 316 15.31 7.22 -15.50
CA ARG B 316 14.79 5.91 -15.16
C ARG B 316 15.87 4.96 -14.68
N CYS B 317 16.99 5.48 -14.16
CA CYS B 317 18.07 4.63 -13.66
C CYS B 317 17.68 4.00 -12.33
N VAL B 318 17.42 4.83 -11.32
CA VAL B 318 16.81 4.40 -10.07
C VAL B 318 15.35 4.82 -10.13
N TYR B 319 14.44 3.85 -10.07
CA TYR B 319 13.05 4.06 -10.43
C TYR B 319 12.17 3.23 -9.52
N GLU B 320 11.15 3.85 -8.95
CA GLU B 320 10.21 3.16 -8.07
C GLU B 320 9.07 2.62 -8.92
N GLU B 321 8.97 1.31 -9.03
CA GLU B 321 7.98 0.63 -9.85
C GLU B 321 7.10 -0.27 -8.99
N GLU B 322 6.24 -1.02 -9.65
CA GLU B 322 5.47 -2.10 -9.05
C GLU B 322 5.67 -3.34 -9.89
N ASP B 323 5.83 -4.49 -9.24
CA ASP B 323 6.09 -5.74 -9.95
C ASP B 323 4.78 -6.35 -10.42
N GLU B 324 4.84 -7.60 -10.85
CA GLU B 324 3.67 -8.26 -11.42
C GLU B 324 2.64 -8.65 -10.36
N GLN B 325 3.03 -8.68 -9.09
CA GLN B 325 2.13 -9.05 -8.00
C GLN B 325 1.65 -7.86 -7.19
N GLY B 326 2.14 -6.66 -7.48
CA GLY B 326 1.65 -5.47 -6.81
C GLY B 326 2.43 -5.03 -5.59
N PHE B 327 3.72 -5.33 -5.52
CA PHE B 327 4.59 -4.91 -4.43
C PHE B 327 5.49 -3.80 -4.93
N SER B 328 5.33 -2.59 -4.37
CA SER B 328 6.12 -1.46 -4.81
C SER B 328 7.53 -1.54 -4.25
N GLY B 329 8.49 -1.07 -5.03
CA GLY B 329 9.89 -1.09 -4.61
C GLY B 329 10.75 -0.39 -5.63
N ILE B 330 11.99 -0.15 -5.22
CA ILE B 330 12.96 0.55 -6.06
C ILE B 330 13.54 -0.42 -7.06
N SER B 331 13.60 -0.02 -8.32
CA SER B 331 14.07 -0.89 -9.41
C SER B 331 15.32 -0.29 -10.02
N LEU B 332 16.49 -0.79 -9.61
CA LEU B 332 17.76 -0.30 -10.11
C LEU B 332 18.05 -0.89 -11.49
N SER B 333 18.49 -0.05 -12.41
CA SER B 333 18.82 -0.51 -13.75
C SER B 333 20.18 -1.21 -13.74
N LYS B 334 20.43 -1.97 -14.81
CA LYS B 334 21.65 -2.75 -14.93
C LYS B 334 22.81 -1.95 -15.53
N GLU B 335 22.57 -0.70 -15.91
CA GLU B 335 23.62 0.17 -16.44
C GLU B 335 23.95 1.33 -15.50
N LEU B 336 23.82 1.09 -14.19
CA LEU B 336 23.93 2.17 -13.21
C LEU B 336 25.36 2.66 -13.04
N MET B 337 26.35 1.77 -13.16
CA MET B 337 27.74 2.20 -12.96
C MET B 337 28.29 2.98 -14.14
N ALA B 338 27.61 2.99 -15.28
CA ALA B 338 27.97 3.91 -16.36
C ALA B 338 27.25 5.24 -16.25
N ILE B 339 26.17 5.30 -15.48
CA ILE B 339 25.46 6.55 -15.24
C ILE B 339 25.98 7.23 -13.97
N ALA B 340 26.26 6.45 -12.93
CA ALA B 340 26.88 7.00 -11.73
C ALA B 340 28.31 7.45 -11.96
N GLY B 341 28.98 6.93 -12.98
CA GLY B 341 30.28 7.43 -13.36
C GLY B 341 30.25 8.64 -14.26
N ASP B 342 29.06 9.09 -14.65
CA ASP B 342 28.89 10.27 -15.48
C ASP B 342 28.46 11.48 -14.68
N ALA B 343 27.57 11.30 -13.70
CA ALA B 343 27.19 12.40 -12.83
C ALA B 343 28.29 12.76 -11.85
N LEU B 344 29.23 11.84 -11.58
CA LEU B 344 30.37 12.17 -10.76
C LEU B 344 31.40 12.99 -11.52
N LYS B 345 31.66 12.64 -12.79
CA LYS B 345 32.63 13.37 -13.58
C LYS B 345 32.09 14.69 -14.12
N SER B 346 30.78 14.92 -14.05
CA SER B 346 30.20 16.20 -14.43
C SER B 346 29.92 17.09 -13.23
N ASN B 347 30.14 16.58 -12.02
CA ASN B 347 30.13 17.39 -10.81
C ASN B 347 31.53 17.73 -10.35
N ILE B 348 32.48 16.83 -10.57
CA ILE B 348 33.89 17.12 -10.33
C ILE B 348 34.39 18.19 -11.30
N THR B 349 33.86 18.19 -12.53
CA THR B 349 34.25 19.19 -13.52
C THR B 349 33.77 20.59 -13.12
N THR B 350 32.57 20.69 -12.54
CA THR B 350 32.05 22.00 -12.17
C THR B 350 32.59 22.48 -10.82
N ILE B 351 33.10 21.58 -9.98
CA ILE B 351 33.68 21.96 -8.71
C ILE B 351 35.20 22.08 -8.77
N GLY B 352 35.81 21.65 -9.88
CA GLY B 352 37.24 21.72 -10.09
C GLY B 352 37.84 23.11 -10.05
N PRO B 353 37.37 24.02 -10.90
CA PRO B 353 37.86 25.41 -10.85
C PRO B 353 37.52 26.17 -9.56
N LEU B 354 36.65 25.65 -8.70
CA LEU B 354 36.34 26.34 -7.46
C LEU B 354 37.36 26.05 -6.37
N VAL B 355 37.85 24.81 -6.29
CA VAL B 355 38.66 24.38 -5.14
C VAL B 355 40.09 24.06 -5.49
N LEU B 356 40.43 23.89 -6.76
CA LEU B 356 41.81 23.56 -7.10
C LEU B 356 42.70 24.79 -6.99
N PRO B 357 43.96 24.63 -6.59
CA PRO B 357 44.85 25.78 -6.49
C PRO B 357 45.24 26.30 -7.87
N MET B 358 45.66 27.56 -7.90
CA MET B 358 45.99 28.21 -9.17
C MET B 358 47.27 27.63 -9.77
N SER B 359 48.16 27.08 -8.94
CA SER B 359 49.35 26.43 -9.47
C SER B 359 49.03 25.11 -10.16
N GLU B 360 47.91 24.48 -9.81
CA GLU B 360 47.49 23.23 -10.43
C GLU B 360 46.38 23.42 -11.45
N GLN B 361 45.69 24.57 -11.43
CA GLN B 361 44.75 24.92 -12.48
C GLN B 361 45.43 25.43 -13.73
N LEU B 362 46.74 25.66 -13.69
CA LEU B 362 47.52 26.10 -14.85
C LEU B 362 48.06 24.94 -15.66
N LEU B 363 47.36 23.81 -15.66
CA LEU B 363 47.54 22.77 -16.67
C LEU B 363 46.21 22.49 -17.39
N PHE B 364 45.32 23.47 -17.41
CA PHE B 364 44.11 23.44 -18.22
C PHE B 364 43.93 24.68 -19.06
N PHE B 365 44.31 25.85 -18.56
CA PHE B 365 44.43 27.07 -19.36
C PHE B 365 45.76 27.13 -20.11
N PHE B 366 46.66 26.19 -19.83
CA PHE B 366 48.05 26.24 -20.28
C PHE B 366 48.51 24.96 -20.95
N ARG B 367 47.88 23.82 -20.67
CA ARG B 367 48.19 22.57 -21.35
C ARG B 367 47.24 22.29 -22.52
N LEU B 368 45.99 22.75 -22.44
CA LEU B 368 45.03 22.56 -23.54
C LEU B 368 45.39 23.37 -24.78
N VAL B 369 46.27 24.37 -24.66
CA VAL B 369 46.84 25.01 -25.84
C VAL B 369 47.72 24.02 -26.60
N GLY B 370 48.42 23.14 -25.87
CA GLY B 370 49.26 22.13 -26.48
C GLY B 370 48.55 20.85 -26.85
N ARG B 371 47.25 20.93 -27.10
CA ARG B 371 46.47 19.82 -27.66
C ARG B 371 45.88 20.13 -29.02
N LYS B 372 45.23 21.30 -29.16
CA LYS B 372 44.53 21.63 -30.40
C LYS B 372 45.48 21.95 -31.54
N LEU B 373 46.71 22.37 -31.23
CA LEU B 373 47.70 22.69 -32.26
C LEU B 373 48.88 21.75 -32.31
N VAL B 374 49.08 20.91 -31.28
CA VAL B 374 50.21 20.00 -31.22
C VAL B 374 49.76 18.55 -31.46
N ASN B 375 48.94 18.01 -30.56
CA ASN B 375 48.51 16.61 -30.64
C ASN B 375 47.25 16.44 -29.83
N LYS B 376 46.14 16.13 -30.50
CA LYS B 376 44.92 15.72 -29.81
C LYS B 376 45.08 14.27 -29.39
N GLY B 377 45.15 14.03 -28.08
CA GLY B 377 45.48 12.72 -27.56
C GLY B 377 46.83 12.72 -26.86
N TRP B 378 46.79 12.80 -25.53
CA TRP B 378 47.99 12.90 -24.69
C TRP B 378 47.84 11.86 -23.57
N ARG B 379 48.84 11.79 -22.69
CA ARG B 379 48.74 10.89 -21.55
C ARG B 379 47.66 11.38 -20.59
N PRO B 380 46.91 10.48 -19.95
CA PRO B 380 45.74 10.91 -19.15
C PRO B 380 46.16 11.61 -17.88
N TYR B 381 45.86 12.91 -17.80
CA TYR B 381 46.17 13.76 -16.66
C TYR B 381 44.84 14.28 -16.10
N ILE B 382 44.31 13.58 -15.11
CA ILE B 382 43.22 14.09 -14.30
C ILE B 382 43.90 15.00 -13.28
N PRO B 383 43.26 16.09 -12.84
CA PRO B 383 43.89 16.91 -11.80
C PRO B 383 43.73 16.26 -10.44
N ASP B 384 44.83 16.15 -9.70
CA ASP B 384 44.79 15.48 -8.41
C ASP B 384 44.09 16.35 -7.37
N PHE B 385 43.02 15.82 -6.79
CA PHE B 385 42.29 16.52 -5.75
C PHE B 385 42.88 16.30 -4.37
N LYS B 386 43.98 15.57 -4.26
CA LYS B 386 44.67 15.43 -2.98
C LYS B 386 45.31 16.75 -2.56
N LEU B 387 45.70 17.58 -3.52
CA LEU B 387 46.26 18.90 -3.24
C LEU B 387 45.19 19.95 -3.01
N ALA B 388 43.91 19.57 -2.99
CA ALA B 388 42.82 20.50 -2.71
C ALA B 388 42.07 20.18 -1.44
N PHE B 389 42.04 18.93 -1.01
CA PHE B 389 41.34 18.53 0.20
C PHE B 389 42.25 17.68 1.07
N GLU B 390 41.84 17.53 2.33
CA GLU B 390 42.51 16.64 3.27
C GLU B 390 41.67 15.47 3.71
N HIS B 391 40.35 15.58 3.60
CA HIS B 391 39.44 14.53 4.05
C HIS B 391 38.34 14.34 3.02
N PHE B 392 38.16 13.10 2.57
CA PHE B 392 37.16 12.76 1.56
C PHE B 392 36.04 11.96 2.21
N CYS B 393 34.80 12.30 1.86
CA CYS B 393 33.59 11.74 2.46
C CYS B 393 32.64 11.25 1.39
N ILE B 394 33.15 10.40 0.49
CA ILE B 394 32.35 9.75 -0.53
C ILE B 394 31.22 8.95 0.10
N HIS B 395 30.00 9.14 -0.42
CA HIS B 395 28.81 8.50 0.12
C HIS B 395 28.90 6.98 -0.02
N ALA B 396 28.63 6.28 1.08
CA ALA B 396 28.78 4.82 1.13
C ALA B 396 27.57 4.15 0.49
N GLY B 397 27.49 4.26 -0.83
CA GLY B 397 26.42 3.65 -1.57
C GLY B 397 26.62 2.15 -1.71
N GLY B 398 27.83 1.76 -2.08
CA GLY B 398 28.19 0.36 -2.18
C GLY B 398 29.69 0.25 -2.27
N ARG B 399 30.16 -1.00 -2.35
CA ARG B 399 31.58 -1.21 -2.55
C ARG B 399 31.99 -0.91 -3.99
N ALA B 400 31.07 -1.07 -4.93
CA ALA B 400 31.34 -0.89 -6.34
C ALA B 400 31.24 0.57 -6.79
N VAL B 401 31.30 1.52 -5.88
CA VAL B 401 31.34 2.94 -6.24
C VAL B 401 32.48 3.67 -5.54
N ILE B 402 33.00 3.16 -4.42
CA ILE B 402 34.13 3.80 -3.78
C ILE B 402 35.44 3.30 -4.38
N ASP B 403 35.46 2.09 -4.95
CA ASP B 403 36.66 1.63 -5.64
C ASP B 403 36.85 2.36 -6.97
N GLU B 404 35.75 2.60 -7.69
CA GLU B 404 35.85 3.28 -8.98
C GLU B 404 36.12 4.76 -8.82
N LEU B 405 35.78 5.34 -7.67
CA LEU B 405 36.12 6.72 -7.40
C LEU B 405 37.48 6.87 -6.76
N GLN B 406 38.10 5.76 -6.35
CA GLN B 406 39.50 5.75 -5.93
C GLN B 406 40.45 5.44 -7.06
N LYS B 407 40.00 4.63 -8.03
CA LYS B 407 40.88 4.13 -9.09
C LYS B 407 41.30 5.25 -10.05
N ASN B 408 40.33 6.03 -10.54
CA ASN B 408 40.62 7.06 -11.53
C ASN B 408 40.93 8.42 -10.90
N LEU B 409 40.75 8.56 -9.59
CA LEU B 409 41.08 9.80 -8.90
C LEU B 409 42.33 9.67 -8.06
N GLN B 410 42.85 8.45 -7.90
CA GLN B 410 44.14 8.14 -7.27
C GLN B 410 44.20 8.60 -5.82
N LEU B 411 43.36 8.00 -4.99
CA LEU B 411 43.32 8.29 -3.56
C LEU B 411 44.05 7.20 -2.78
N SER B 412 44.77 7.61 -1.74
CA SER B 412 45.47 6.69 -0.87
C SER B 412 44.46 5.91 -0.03
N PRO B 413 44.83 4.73 0.48
CA PRO B 413 43.91 3.97 1.35
C PRO B 413 43.54 4.65 2.66
N ARG B 414 44.28 5.68 3.09
CA ARG B 414 43.84 6.47 4.23
C ARG B 414 42.80 7.51 3.84
N HIS B 415 42.70 7.85 2.56
CA HIS B 415 41.70 8.81 2.12
C HIS B 415 40.31 8.17 2.10
N VAL B 416 40.15 7.08 1.38
CA VAL B 416 38.90 6.30 1.42
C VAL B 416 39.06 5.27 2.52
N GLU B 417 38.88 5.72 3.74
CA GLU B 417 38.84 4.84 4.90
C GLU B 417 37.61 5.09 5.75
N ALA B 418 37.18 6.34 5.89
CA ALA B 418 35.92 6.62 6.55
C ALA B 418 34.75 6.10 5.74
N SER B 419 34.83 6.22 4.41
CA SER B 419 33.76 5.75 3.54
C SER B 419 33.68 4.24 3.49
N ARG B 420 34.77 3.53 3.77
CA ARG B 420 34.73 2.07 3.82
C ARG B 420 34.30 1.56 5.18
N MET B 421 34.82 2.12 6.26
CA MET B 421 34.45 1.65 7.59
C MET B 421 33.06 2.09 8.00
N THR B 422 32.54 3.18 7.42
CA THR B 422 31.15 3.55 7.65
C THR B 422 30.20 2.57 7.00
N LEU B 423 30.52 2.16 5.76
CA LEU B 423 29.74 1.12 5.10
C LEU B 423 29.88 -0.23 5.81
N HIS B 424 31.06 -0.51 6.37
CA HIS B 424 31.26 -1.78 7.05
C HIS B 424 30.55 -1.82 8.39
N ARG B 425 30.51 -0.70 9.11
CA ARG B 425 29.89 -0.68 10.43
C ARG B 425 28.39 -0.39 10.37
N PHE B 426 28.01 0.69 9.69
CA PHE B 426 26.62 1.14 9.71
C PHE B 426 25.82 0.72 8.48
N GLY B 427 26.47 0.34 7.40
CA GLY B 427 25.76 0.03 6.18
C GLY B 427 25.36 1.27 5.42
N ASN B 428 24.59 1.07 4.36
CA ASN B 428 24.17 2.17 3.48
C ASN B 428 22.96 2.86 4.09
N THR B 429 23.23 3.70 5.09
CA THR B 429 22.24 4.69 5.50
C THR B 429 22.09 5.70 4.38
N SER B 430 20.85 5.94 3.96
CA SER B 430 20.58 6.62 2.69
C SER B 430 21.05 8.07 2.61
N SER B 431 20.47 8.95 3.42
CA SER B 431 20.79 10.36 3.29
C SER B 431 21.91 10.80 4.22
N SER B 432 22.11 10.11 5.33
CA SER B 432 22.96 10.59 6.40
C SER B 432 24.26 9.79 6.54
N SER B 433 24.76 9.23 5.43
CA SER B 433 26.02 8.50 5.51
C SER B 433 27.22 9.42 5.61
N LEU B 434 27.10 10.64 5.08
CA LEU B 434 28.21 11.58 5.10
C LEU B 434 28.52 12.07 6.51
N TRP B 435 27.51 12.11 7.38
CA TRP B 435 27.76 12.57 8.74
C TRP B 435 28.38 11.47 9.61
N TYR B 436 28.07 10.21 9.34
CA TYR B 436 28.82 9.13 9.97
C TYR B 436 30.25 9.09 9.48
N GLU B 437 30.46 9.36 8.18
CA GLU B 437 31.82 9.43 7.66
C GLU B 437 32.59 10.62 8.22
N LEU B 438 31.89 11.71 8.55
CA LEU B 438 32.54 12.84 9.21
C LEU B 438 32.85 12.54 10.67
N ALA B 439 31.96 11.79 11.33
CA ALA B 439 32.20 11.41 12.71
C ALA B 439 33.35 10.40 12.83
N TYR B 440 33.62 9.64 11.78
CA TYR B 440 34.80 8.78 11.78
C TYR B 440 36.09 9.59 11.80
N ILE B 441 36.17 10.64 10.97
CA ILE B 441 37.39 11.44 10.93
C ILE B 441 37.51 12.29 12.18
N GLU B 442 36.39 12.69 12.78
CA GLU B 442 36.46 13.40 14.06
C GLU B 442 36.85 12.46 15.20
N ALA B 443 36.46 11.19 15.11
CA ALA B 443 36.69 10.27 16.22
C ALA B 443 38.14 9.80 16.31
N LYS B 444 38.83 9.66 15.17
CA LYS B 444 40.22 9.26 15.17
C LYS B 444 41.17 10.40 15.52
N GLY B 445 40.67 11.63 15.63
CA GLY B 445 41.53 12.76 15.90
C GLY B 445 42.33 13.21 14.71
N ARG B 446 41.81 13.05 13.50
CA ARG B 446 42.50 13.44 12.29
C ARG B 446 42.02 14.77 11.74
N MET B 447 41.01 15.38 12.36
CA MET B 447 40.48 16.67 11.90
C MET B 447 41.21 17.77 12.66
N ARG B 448 42.25 18.32 12.03
CA ARG B 448 42.98 19.44 12.60
C ARG B 448 42.27 20.74 12.23
N ARG B 449 42.90 21.88 12.51
CA ARG B 449 42.31 23.18 12.23
C ARG B 449 42.81 23.69 10.90
N GLY B 450 41.89 23.95 9.98
CA GLY B 450 42.22 24.42 8.64
C GLY B 450 42.06 23.40 7.54
N ASP B 451 41.65 22.17 7.86
CA ASP B 451 41.45 21.16 6.85
C ASP B 451 40.13 21.40 6.10
N ARG B 452 40.09 20.93 4.86
CA ARG B 452 38.91 21.06 4.02
C ARG B 452 38.30 19.69 3.78
N VAL B 453 37.01 19.58 4.02
CA VAL B 453 36.29 18.31 3.95
C VAL B 453 35.41 18.33 2.71
N TRP B 454 35.50 17.27 1.90
CA TRP B 454 34.70 17.16 0.68
C TRP B 454 33.70 16.02 0.82
N GLN B 455 32.42 16.33 0.67
CA GLN B 455 31.35 15.36 0.81
C GLN B 455 30.63 15.21 -0.53
N ILE B 456 30.64 14.00 -1.07
CA ILE B 456 30.02 13.71 -2.36
C ILE B 456 28.78 12.86 -2.12
N GLY B 457 27.70 13.16 -2.85
CA GLY B 457 26.49 12.36 -2.77
C GLY B 457 25.93 12.14 -4.16
N PHE B 458 25.08 11.11 -4.26
CA PHE B 458 24.41 10.81 -5.52
C PHE B 458 23.10 10.07 -5.23
N GLY B 459 22.05 10.42 -5.97
CA GLY B 459 20.71 10.04 -5.59
C GLY B 459 19.87 9.25 -6.58
N SER B 460 18.56 9.54 -6.62
CA SER B 460 17.59 8.68 -7.29
C SER B 460 17.23 9.13 -8.69
N GLY B 461 16.93 10.42 -8.90
CA GLY B 461 16.86 10.96 -10.25
C GLY B 461 18.22 11.28 -10.84
N PHE B 462 19.26 10.92 -10.12
CA PHE B 462 20.67 11.20 -10.39
C PHE B 462 21.06 12.66 -10.26
N LYS B 463 20.46 13.32 -9.29
CA LYS B 463 21.11 14.42 -8.62
C LYS B 463 22.42 13.93 -8.02
N CYS B 464 23.50 14.68 -8.24
CA CYS B 464 24.80 14.35 -7.66
C CYS B 464 25.34 15.64 -7.05
N ASN B 465 25.07 15.83 -5.77
CA ASN B 465 25.42 17.05 -5.07
C ASN B 465 26.74 16.88 -4.32
N SER B 466 27.37 18.02 -4.02
CA SER B 466 28.66 18.02 -3.36
C SER B 466 28.77 19.27 -2.49
N ALA B 467 29.50 19.14 -1.38
CA ALA B 467 29.68 20.24 -0.45
C ALA B 467 31.11 20.22 0.07
N VAL B 468 31.68 21.41 0.24
CA VAL B 468 33.05 21.55 0.71
C VAL B 468 33.01 22.37 1.99
N TRP B 469 33.34 21.74 3.11
CA TRP B 469 33.41 22.43 4.39
C TRP B 469 34.85 22.86 4.67
N LYS B 470 35.06 23.50 5.81
CA LYS B 470 36.39 23.91 6.23
C LYS B 470 36.40 24.00 7.75
N CYS B 471 37.26 23.21 8.38
CA CYS B 471 37.26 23.10 9.83
C CYS B 471 37.85 24.34 10.47
N LEU B 472 37.18 24.86 11.50
CA LEU B 472 37.57 26.11 12.15
C LEU B 472 38.40 25.89 13.41
N ARG B 473 38.19 24.79 14.12
CA ARG B 473 38.95 24.51 15.33
C ARG B 473 39.14 23.01 15.46
N SER B 474 40.32 22.60 15.90
CA SER B 474 40.67 21.18 15.95
C SER B 474 39.87 20.46 17.01
N ILE B 475 39.16 19.41 16.60
CA ILE B 475 38.27 18.69 17.50
C ILE B 475 39.10 17.71 18.32
N LYS B 476 38.91 17.75 19.64
CA LYS B 476 39.62 16.86 20.54
C LYS B 476 39.11 15.42 20.38
N THR B 477 39.95 14.46 20.79
CA THR B 477 39.78 13.07 20.40
C THR B 477 38.55 12.37 20.99
N PRO B 478 38.17 12.51 22.31
CA PRO B 478 36.86 11.96 22.71
C PRO B 478 35.73 12.86 22.27
N THR B 479 34.91 12.38 21.33
CA THR B 479 33.89 13.21 20.70
C THR B 479 32.46 12.87 21.13
N ASN B 480 32.26 11.71 21.77
CA ASN B 480 30.94 11.20 22.15
C ASN B 480 30.00 11.08 20.96
N GLY B 481 30.52 10.56 19.85
CA GLY B 481 29.73 10.32 18.67
C GLY B 481 29.25 8.88 18.59
N PRO B 482 28.83 8.43 17.41
CA PRO B 482 28.43 7.03 17.25
C PRO B 482 29.60 6.06 17.12
N TRP B 483 30.83 6.55 17.05
CA TRP B 483 32.00 5.72 16.82
C TRP B 483 32.80 5.42 18.08
N ASP B 484 32.58 6.16 19.17
CA ASP B 484 33.48 6.11 20.32
C ASP B 484 33.40 4.82 21.11
N ASP B 485 32.38 3.99 20.89
CA ASP B 485 32.31 2.69 21.55
C ASP B 485 33.05 1.60 20.80
N CYS B 486 33.46 1.84 19.55
CA CYS B 486 34.12 0.80 18.75
C CYS B 486 35.26 1.38 17.91
N ILE B 487 35.85 2.50 18.32
CA ILE B 487 36.89 3.13 17.52
C ILE B 487 38.27 2.54 17.76
N HIS B 488 38.44 1.74 18.83
CA HIS B 488 39.74 1.13 19.08
C HIS B 488 39.96 -0.11 18.22
N ARG B 489 38.93 -0.63 17.56
CA ARG B 489 39.06 -1.75 16.63
C ARG B 489 39.27 -1.31 15.20
N TYR B 490 38.57 -0.25 14.77
CA TYR B 490 38.60 0.18 13.39
C TYR B 490 39.89 0.96 13.11
N PRO B 491 40.46 0.85 11.90
CA PRO B 491 40.00 0.08 10.72
C PRO B 491 40.32 -1.42 10.77
N VAL B 492 39.28 -2.23 10.61
CA VAL B 492 39.45 -3.67 10.49
C VAL B 492 39.51 -4.01 9.00
N ASP B 493 40.11 -5.16 8.70
CA ASP B 493 40.22 -5.59 7.31
C ASP B 493 38.89 -6.10 6.81
N VAL B 494 38.47 -5.60 5.65
CA VAL B 494 37.23 -6.01 5.00
C VAL B 494 37.56 -7.08 3.97
N PRO B 495 37.01 -8.29 4.08
CA PRO B 495 37.31 -9.32 3.10
C PRO B 495 36.62 -9.04 1.77
N GLU B 496 37.16 -9.65 0.71
CA GLU B 496 36.57 -9.48 -0.61
C GLU B 496 35.26 -10.25 -0.73
N VAL B 497 35.19 -11.44 -0.14
CA VAL B 497 33.97 -12.26 -0.11
C VAL B 497 33.81 -12.77 1.31
N VAL B 498 32.69 -12.42 1.94
CA VAL B 498 32.36 -12.97 3.26
C VAL B 498 31.98 -14.43 3.08
N LYS B 499 32.83 -15.33 3.56
CA LYS B 499 32.66 -16.76 3.30
C LYS B 499 31.56 -17.33 4.17
N LEU B 500 30.61 -18.02 3.55
CA LEU B 500 29.53 -18.69 4.27
C LEU B 500 29.53 -20.19 3.99
N GLY C 22 -14.18 -22.30 -22.02
CA GLY C 22 -14.39 -21.13 -22.85
C GLY C 22 -15.51 -20.23 -22.35
N ALA C 23 -15.29 -19.59 -21.21
CA ALA C 23 -16.27 -18.70 -20.61
C ALA C 23 -15.75 -17.27 -20.61
N VAL C 24 -16.67 -16.34 -20.42
CA VAL C 24 -16.35 -14.91 -20.37
C VAL C 24 -15.97 -14.55 -18.95
N HIS C 25 -14.78 -13.98 -18.79
CA HIS C 25 -14.24 -13.66 -17.48
C HIS C 25 -13.61 -12.27 -17.51
N GLY C 26 -13.34 -11.75 -16.32
CA GLY C 26 -12.66 -10.47 -16.18
C GLY C 26 -13.56 -9.27 -16.43
N HIS C 27 -14.66 -9.18 -15.68
CA HIS C 27 -15.59 -8.08 -15.84
C HIS C 27 -15.10 -6.85 -15.10
N ARG C 28 -14.93 -5.75 -15.82
CA ARG C 28 -14.61 -4.45 -15.23
C ARG C 28 -15.73 -3.49 -15.58
N LEU C 29 -16.34 -2.89 -14.56
CA LEU C 29 -17.50 -2.03 -14.75
C LEU C 29 -17.10 -0.57 -14.66
N SER C 30 -17.68 0.25 -15.53
CA SER C 30 -17.45 1.68 -15.55
C SER C 30 -18.66 2.37 -16.13
N THR C 31 -18.75 3.68 -15.93
CA THR C 31 -19.89 4.47 -16.40
C THR C 31 -19.44 5.56 -17.35
N VAL C 32 -20.38 6.02 -18.16
CA VAL C 32 -20.19 7.16 -19.05
C VAL C 32 -21.40 8.09 -18.88
N VAL C 33 -21.13 9.35 -18.56
CA VAL C 33 -22.17 10.34 -18.29
C VAL C 33 -22.29 11.25 -19.51
N PRO C 34 -23.36 12.03 -19.66
CA PRO C 34 -23.38 13.04 -20.72
C PRO C 34 -22.36 14.13 -20.48
N SER C 35 -21.97 14.81 -21.56
CA SER C 35 -20.95 15.85 -21.47
C SER C 35 -21.52 17.20 -21.02
N SER C 36 -22.83 17.38 -21.08
CA SER C 36 -23.46 18.63 -20.71
C SER C 36 -24.41 18.40 -19.55
N VAL C 37 -24.42 19.34 -18.60
CA VAL C 37 -25.26 19.24 -17.41
C VAL C 37 -26.70 19.56 -17.81
N THR C 38 -27.57 18.55 -17.74
CA THR C 38 -28.98 18.77 -18.08
C THR C 38 -29.69 19.54 -16.97
N GLY C 39 -29.48 19.17 -15.71
CA GLY C 39 -30.04 19.91 -14.60
C GLY C 39 -31.28 19.29 -14.01
N GLU C 40 -32.26 20.11 -13.66
CA GLU C 40 -33.49 19.64 -13.02
C GLU C 40 -34.57 19.45 -14.08
N VAL C 41 -34.36 18.45 -14.93
CA VAL C 41 -35.29 18.10 -16.00
C VAL C 41 -35.93 16.76 -15.66
N ASP C 42 -37.24 16.65 -15.90
CA ASP C 42 -37.97 15.40 -15.71
C ASP C 42 -38.52 14.97 -17.06
N TYR C 43 -38.17 13.76 -17.49
CA TYR C 43 -38.71 13.18 -18.70
C TYR C 43 -39.97 12.39 -18.36
N ALA C 44 -41.09 12.75 -18.96
CA ALA C 44 -42.37 12.13 -18.65
C ALA C 44 -42.58 10.94 -19.58
N LEU C 45 -42.82 9.77 -19.00
CA LEU C 45 -43.04 8.57 -19.78
C LEU C 45 -44.49 8.49 -20.25
N ALA C 46 -44.67 8.01 -21.47
CA ALA C 46 -46.00 7.94 -22.06
C ALA C 46 -46.80 6.78 -21.46
N ASP C 47 -48.05 6.67 -21.90
CA ASP C 47 -48.91 5.60 -21.44
C ASP C 47 -48.63 4.28 -22.13
N ALA C 48 -47.91 4.31 -23.25
CA ALA C 48 -47.46 3.08 -23.90
C ALA C 48 -46.08 2.66 -23.45
N ASP C 49 -45.30 3.58 -22.87
CA ASP C 49 -43.97 3.22 -22.35
C ASP C 49 -44.05 2.44 -21.06
N LEU C 50 -45.18 2.51 -20.34
CA LEU C 50 -45.33 1.81 -19.09
C LEU C 50 -45.99 0.44 -19.25
N ALA C 51 -46.55 0.14 -20.42
CA ALA C 51 -47.04 -1.21 -20.67
C ALA C 51 -45.92 -2.17 -21.02
N PHE C 52 -44.84 -1.67 -21.61
CA PHE C 52 -43.68 -2.46 -22.00
C PHE C 52 -42.54 -2.31 -21.01
N LYS C 53 -42.82 -2.14 -19.72
CA LYS C 53 -41.78 -1.86 -18.75
C LYS C 53 -41.18 -3.11 -18.13
N LEU C 54 -41.81 -4.27 -18.28
CA LEU C 54 -41.32 -5.50 -17.68
C LEU C 54 -40.36 -6.27 -18.58
N HIS C 55 -40.19 -5.86 -19.83
CA HIS C 55 -39.35 -6.57 -20.78
C HIS C 55 -38.01 -5.86 -20.93
N TYR C 56 -37.04 -6.58 -21.52
CA TYR C 56 -35.71 -6.05 -21.76
C TYR C 56 -35.18 -6.62 -23.06
N LEU C 57 -34.32 -5.85 -23.72
CA LEU C 57 -33.70 -6.25 -24.97
C LEU C 57 -32.27 -6.67 -24.72
N ARG C 58 -31.80 -7.66 -25.49
CA ARG C 58 -30.42 -8.13 -25.40
C ARG C 58 -29.86 -8.20 -26.82
N GLY C 59 -28.88 -7.36 -27.13
CA GLY C 59 -28.34 -7.33 -28.47
C GLY C 59 -26.84 -7.51 -28.56
N VAL C 60 -26.38 -8.45 -29.37
CA VAL C 60 -24.97 -8.72 -29.57
C VAL C 60 -24.60 -8.36 -31.01
N TYR C 61 -23.56 -7.55 -31.16
CA TYR C 61 -23.06 -7.13 -32.47
C TYR C 61 -21.65 -7.68 -32.62
N TYR C 62 -21.50 -8.74 -33.40
CA TYR C 62 -20.21 -9.40 -33.57
C TYR C 62 -19.39 -8.71 -34.64
N TYR C 63 -18.14 -8.42 -34.32
CA TYR C 63 -17.20 -7.83 -35.27
C TYR C 63 -16.04 -8.78 -35.51
N ARG C 64 -15.43 -8.67 -36.69
CA ARG C 64 -14.34 -9.56 -37.05
C ARG C 64 -13.04 -9.14 -36.38
N SER C 65 -12.57 -7.94 -36.68
CA SER C 65 -11.30 -7.42 -36.16
C SER C 65 -11.60 -6.34 -35.13
N GLY C 66 -11.09 -6.52 -33.91
CA GLY C 66 -11.15 -5.49 -32.91
C GLY C 66 -9.85 -4.71 -32.85
N ASP C 67 -9.24 -4.48 -34.01
CA ASP C 67 -7.96 -3.79 -34.11
C ASP C 67 -8.21 -2.29 -34.22
N GLY C 68 -7.51 -1.53 -33.38
CA GLY C 68 -7.72 -0.10 -33.30
C GLY C 68 -8.82 0.33 -32.36
N LEU C 69 -9.55 -0.63 -31.78
CA LEU C 69 -10.68 -0.34 -30.89
C LEU C 69 -10.31 -0.73 -29.47
N ALA C 70 -9.71 0.22 -28.76
CA ALA C 70 -9.45 0.05 -27.34
C ALA C 70 -10.73 0.34 -26.56
N THR C 71 -10.61 0.36 -25.23
CA THR C 71 -11.75 0.72 -24.39
C THR C 71 -11.69 2.18 -23.96
N LYS C 72 -11.10 3.01 -24.80
CA LYS C 72 -11.11 4.47 -24.70
C LYS C 72 -11.72 5.10 -25.94
N VAL C 73 -11.37 4.61 -27.13
CA VAL C 73 -11.98 5.09 -28.36
C VAL C 73 -13.40 4.59 -28.52
N LEU C 74 -13.81 3.57 -27.76
CA LEU C 74 -15.20 3.16 -27.73
C LEU C 74 -16.01 3.87 -26.66
N LYS C 75 -15.37 4.36 -25.60
CA LYS C 75 -16.08 5.06 -24.54
C LYS C 75 -16.17 6.56 -24.77
N ASP C 76 -15.22 7.14 -25.49
CA ASP C 76 -15.18 8.59 -25.70
C ASP C 76 -16.29 9.18 -26.57
N PRO C 77 -16.80 8.53 -27.63
CA PRO C 77 -17.96 9.11 -28.32
C PRO C 77 -19.28 8.97 -27.57
N MET C 78 -19.33 8.26 -26.46
CA MET C 78 -20.58 8.18 -25.70
C MET C 78 -20.88 9.45 -24.93
N PHE C 79 -19.89 10.30 -24.73
CA PHE C 79 -20.08 11.57 -24.06
C PHE C 79 -20.78 12.61 -24.95
N PRO C 80 -20.53 12.71 -26.27
CA PRO C 80 -21.45 13.48 -27.10
C PRO C 80 -22.68 12.71 -27.56
N TRP C 81 -22.69 11.38 -27.44
CA TRP C 81 -23.86 10.62 -27.86
C TRP C 81 -24.98 10.72 -26.84
N LEU C 82 -24.65 10.62 -25.55
CA LEU C 82 -25.66 10.73 -24.49
C LEU C 82 -26.13 12.16 -24.27
N ASP C 83 -25.47 13.15 -24.87
CA ASP C 83 -25.97 14.52 -24.80
C ASP C 83 -27.27 14.68 -25.58
N ASP C 84 -27.40 13.97 -26.69
CA ASP C 84 -28.66 13.96 -27.43
C ASP C 84 -29.70 13.06 -26.76
N HIS C 85 -29.24 12.01 -26.09
CA HIS C 85 -30.12 10.99 -25.53
C HIS C 85 -30.05 10.95 -24.02
N PHE C 86 -30.13 12.12 -23.38
CA PHE C 86 -30.08 12.22 -21.92
C PHE C 86 -31.15 11.45 -21.11
N PRO C 87 -32.34 11.07 -21.63
CA PRO C 87 -33.16 10.13 -20.84
C PRO C 87 -32.56 8.75 -20.69
N VAL C 88 -31.65 8.33 -21.58
CA VAL C 88 -31.03 7.02 -21.44
C VAL C 88 -30.04 7.02 -20.27
N ALA C 89 -29.49 8.17 -19.92
CA ALA C 89 -28.60 8.29 -18.79
C ALA C 89 -29.33 8.68 -17.50
N GLY C 90 -30.66 8.70 -17.51
CA GLY C 90 -31.44 9.02 -16.34
C GLY C 90 -31.72 7.79 -15.49
N ARG C 91 -32.54 7.99 -14.47
CA ARG C 91 -32.95 6.92 -13.58
C ARG C 91 -34.44 7.01 -13.33
N VAL C 92 -35.07 5.87 -13.06
CA VAL C 92 -36.51 5.83 -12.83
C VAL C 92 -36.81 6.40 -11.45
N ARG C 93 -37.82 7.27 -11.38
CA ARG C 93 -38.31 7.75 -10.10
C ARG C 93 -39.83 7.59 -10.07
N ARG C 94 -40.48 8.15 -9.06
CA ARG C 94 -41.92 8.02 -8.91
C ARG C 94 -42.52 9.34 -8.46
N ALA C 95 -43.59 9.76 -9.13
CA ALA C 95 -44.27 10.99 -8.77
C ALA C 95 -45.10 10.80 -7.49
N GLU C 96 -45.63 11.90 -6.99
CA GLU C 96 -46.40 11.90 -5.76
C GLU C 96 -47.89 11.85 -6.05
N ALA C 97 -48.65 11.37 -5.07
CA ALA C 97 -50.10 11.24 -5.19
C ALA C 97 -50.77 12.28 -4.31
N GLU C 98 -51.29 13.33 -4.94
CA GLU C 98 -51.96 14.39 -4.18
C GLU C 98 -53.41 14.03 -3.86
N GLY C 99 -54.05 13.23 -4.71
CA GLY C 99 -55.40 12.79 -4.46
C GLY C 99 -55.43 11.41 -3.83
N ASP C 100 -55.94 10.43 -4.55
CA ASP C 100 -55.91 9.05 -4.08
C ASP C 100 -54.47 8.55 -4.15
N GLY C 101 -54.06 7.80 -3.12
CA GLY C 101 -52.69 7.34 -3.02
C GLY C 101 -52.40 6.04 -3.73
N ALA C 102 -53.35 5.56 -4.53
CA ALA C 102 -53.17 4.31 -5.26
C ALA C 102 -52.31 4.44 -6.52
N PRO C 103 -52.49 5.42 -7.43
CA PRO C 103 -51.55 5.47 -8.56
C PRO C 103 -50.33 6.34 -8.30
N ARG C 104 -49.18 5.83 -8.74
CA ARG C 104 -47.90 6.56 -8.67
C ARG C 104 -47.21 6.36 -10.01
N ARG C 105 -47.42 7.30 -10.93
CA ARG C 105 -46.89 7.16 -12.28
C ARG C 105 -45.39 7.43 -12.30
N PRO C 106 -44.58 6.52 -12.84
CA PRO C 106 -43.14 6.75 -12.87
C PRO C 106 -42.74 7.77 -13.93
N TYR C 107 -41.50 8.23 -13.80
CA TYR C 107 -40.92 9.17 -14.75
C TYR C 107 -39.41 9.05 -14.68
N ILE C 108 -38.75 9.34 -15.80
CA ILE C 108 -37.30 9.27 -15.89
C ILE C 108 -36.75 10.63 -15.47
N LYS C 109 -36.31 10.73 -14.23
CA LYS C 109 -35.63 11.94 -13.77
C LYS C 109 -34.25 11.99 -14.40
N CYS C 110 -34.00 13.00 -15.23
CA CYS C 110 -32.78 13.03 -16.02
C CYS C 110 -31.58 13.54 -15.25
N ASN C 111 -31.29 12.94 -14.10
CA ASN C 111 -29.99 13.14 -13.47
C ASN C 111 -28.97 12.31 -14.23
N ASP C 112 -27.83 12.92 -14.54
CA ASP C 112 -26.84 12.28 -15.41
C ASP C 112 -26.09 11.21 -14.61
N CYS C 113 -26.75 10.07 -14.42
CA CYS C 113 -26.18 9.05 -13.56
C CYS C 113 -25.23 8.13 -14.33
N GLY C 114 -25.55 7.80 -15.58
CA GLY C 114 -24.60 7.17 -16.46
C GLY C 114 -25.15 5.94 -17.16
N VAL C 115 -24.28 5.30 -17.92
CA VAL C 115 -24.55 4.08 -18.67
C VAL C 115 -23.39 3.14 -18.40
N ARG C 116 -23.70 1.92 -17.94
CA ARG C 116 -22.63 1.01 -17.52
C ARG C 116 -21.86 0.47 -18.70
N ILE C 117 -20.54 0.45 -18.57
CA ILE C 117 -19.64 -0.11 -19.58
C ILE C 117 -18.90 -1.27 -18.93
N VAL C 118 -19.17 -2.48 -19.39
CA VAL C 118 -18.62 -3.70 -18.77
C VAL C 118 -17.56 -4.26 -19.71
N GLU C 119 -16.29 -3.95 -19.44
CA GLU C 119 -15.21 -4.54 -20.21
C GLU C 119 -15.01 -5.98 -19.78
N ALA C 120 -14.90 -6.88 -20.76
CA ALA C 120 -14.69 -8.30 -20.49
C ALA C 120 -13.78 -8.87 -21.56
N ARG C 121 -13.45 -10.15 -21.42
CA ARG C 121 -12.68 -10.85 -22.45
C ARG C 121 -12.99 -12.34 -22.38
N CYS C 122 -12.91 -13.00 -23.53
CA CYS C 122 -13.19 -14.42 -23.65
C CYS C 122 -12.08 -15.08 -24.47
N ASP C 123 -11.77 -16.33 -24.12
CA ASP C 123 -10.66 -17.05 -24.71
C ASP C 123 -11.06 -17.99 -25.83
N ARG C 124 -12.34 -18.05 -26.18
CA ARG C 124 -12.81 -18.91 -27.25
C ARG C 124 -12.67 -18.21 -28.60
N ASP C 125 -12.56 -19.01 -29.65
CA ASP C 125 -12.58 -18.49 -31.01
C ASP C 125 -13.99 -18.00 -31.30
N MET C 126 -14.10 -16.80 -31.87
CA MET C 126 -15.40 -16.19 -32.09
C MET C 126 -16.14 -16.83 -33.25
N ALA C 127 -15.43 -17.16 -34.34
CA ALA C 127 -16.07 -17.74 -35.52
C ALA C 127 -16.59 -19.14 -35.27
N GLU C 128 -16.03 -19.85 -34.27
CA GLU C 128 -16.59 -21.15 -33.90
C GLU C 128 -17.79 -20.96 -32.98
N TRP C 129 -17.75 -19.95 -32.11
CA TRP C 129 -18.85 -19.70 -31.19
C TRP C 129 -20.08 -19.13 -31.88
N ILE C 130 -19.91 -18.42 -33.00
CA ILE C 130 -21.06 -17.94 -33.76
C ILE C 130 -21.82 -19.11 -34.38
N ARG C 131 -21.11 -19.98 -35.09
CA ARG C 131 -21.72 -21.18 -35.67
C ARG C 131 -21.56 -22.37 -34.72
N ASP C 132 -22.19 -22.25 -33.56
CA ASP C 132 -22.11 -23.29 -32.53
C ASP C 132 -23.47 -23.86 -32.15
N ALA C 133 -24.54 -23.05 -32.21
CA ALA C 133 -25.93 -23.46 -31.99
C ALA C 133 -26.16 -24.06 -30.60
N ALA C 134 -25.48 -23.53 -29.59
CA ALA C 134 -25.76 -23.95 -28.23
C ALA C 134 -26.84 -23.05 -27.62
N PRO C 135 -27.71 -23.60 -26.77
CA PRO C 135 -28.73 -22.75 -26.12
C PRO C 135 -28.13 -21.83 -25.07
N GLY C 136 -28.00 -20.56 -25.44
CA GLY C 136 -27.50 -19.52 -24.55
C GLY C 136 -26.13 -19.04 -24.95
N ARG C 137 -26.11 -17.95 -25.71
CA ARG C 137 -24.88 -17.26 -26.08
C ARG C 137 -25.07 -15.77 -25.83
N ILE C 138 -26.31 -15.32 -25.98
CA ILE C 138 -26.68 -13.93 -25.72
C ILE C 138 -26.66 -13.63 -24.23
N ARG C 139 -26.87 -14.67 -23.40
CA ARG C 139 -26.92 -14.49 -21.95
C ARG C 139 -25.56 -14.14 -21.35
N GLN C 140 -24.46 -14.47 -22.02
CA GLN C 140 -23.14 -14.23 -21.47
C GLN C 140 -22.43 -13.04 -22.10
N LEU C 141 -22.88 -12.57 -23.24
CA LEU C 141 -22.24 -11.43 -23.90
C LEU C 141 -22.96 -10.11 -23.66
N CYS C 142 -24.25 -10.15 -23.32
CA CYS C 142 -24.92 -9.00 -22.74
C CYS C 142 -24.87 -9.11 -21.23
N TYR C 143 -24.80 -7.97 -20.55
CA TYR C 143 -24.75 -7.99 -19.10
C TYR C 143 -26.12 -8.34 -18.55
N ASP C 144 -26.21 -9.48 -17.85
CA ASP C 144 -27.47 -10.01 -17.36
C ASP C 144 -27.93 -9.16 -16.18
N LYS C 145 -28.67 -8.07 -16.46
CA LYS C 145 -29.23 -7.26 -15.33
C LYS C 145 -30.64 -6.73 -15.68
N VAL C 146 -31.29 -6.02 -14.75
CA VAL C 146 -32.70 -5.56 -14.93
C VAL C 146 -32.98 -4.37 -14.03
N LEU C 147 -34.07 -3.60 -14.23
CA LEU C 147 -34.46 -2.51 -13.28
C LEU C 147 -34.81 -3.27 -12.02
N GLY C 148 -33.80 -3.68 -11.25
CA GLY C 148 -33.98 -4.64 -10.16
C GLY C 148 -34.47 -4.16 -8.82
N PRO C 149 -33.99 -4.73 -7.70
CA PRO C 149 -34.59 -4.40 -6.40
C PRO C 149 -34.34 -2.97 -5.96
N GLU C 150 -33.22 -2.38 -6.36
CA GLU C 150 -33.03 -0.94 -6.22
C GLU C 150 -33.49 -0.30 -7.52
N LEU C 151 -34.78 0.04 -7.58
CA LEU C 151 -35.36 0.60 -8.79
C LEU C 151 -34.88 2.02 -9.04
N PHE C 152 -34.57 2.76 -7.99
CA PHE C 152 -34.14 4.14 -8.14
C PHE C 152 -32.66 4.26 -8.49
N PHE C 153 -31.92 3.16 -8.55
CA PHE C 153 -30.49 3.17 -8.83
C PHE C 153 -30.11 2.13 -9.87
N SER C 154 -31.06 1.73 -10.71
CA SER C 154 -30.77 0.73 -11.73
C SER C 154 -30.64 1.40 -13.08
N PRO C 155 -29.54 1.17 -13.80
CA PRO C 155 -29.35 1.81 -15.10
C PRO C 155 -30.28 1.25 -16.17
N LEU C 156 -30.50 2.08 -17.19
CA LEU C 156 -31.38 1.74 -18.30
C LEU C 156 -30.64 1.15 -19.48
N LEU C 157 -29.31 1.08 -19.43
CA LEU C 157 -28.53 0.54 -20.54
C LEU C 157 -27.20 0.05 -20.01
N TYR C 158 -26.81 -1.15 -20.42
CA TYR C 158 -25.49 -1.71 -20.12
C TYR C 158 -24.85 -2.08 -21.45
N VAL C 159 -23.59 -1.68 -21.64
CA VAL C 159 -22.84 -2.01 -22.84
C VAL C 159 -21.66 -2.88 -22.42
N GLN C 160 -21.63 -4.11 -22.91
CA GLN C 160 -20.56 -5.04 -22.61
C GLN C 160 -19.66 -5.18 -23.83
N ILE C 161 -18.40 -4.79 -23.67
CA ILE C 161 -17.41 -4.81 -24.74
C ILE C 161 -16.45 -5.95 -24.43
N THR C 162 -16.66 -7.11 -25.03
CA THR C 162 -15.78 -8.26 -24.83
C THR C 162 -14.85 -8.43 -26.02
N ASN C 163 -13.58 -8.68 -25.72
CA ASN C 163 -12.57 -8.96 -26.73
C ASN C 163 -12.26 -10.45 -26.74
N PHE C 164 -12.15 -11.02 -27.94
CA PHE C 164 -11.94 -12.44 -28.08
C PHE C 164 -10.46 -12.74 -28.26
N LYS C 165 -10.14 -14.04 -28.33
CA LYS C 165 -8.76 -14.46 -28.49
C LYS C 165 -8.27 -14.26 -29.93
N CYS C 166 -9.16 -14.44 -30.91
CA CYS C 166 -8.81 -14.26 -32.31
C CYS C 166 -8.87 -12.82 -32.77
N GLY C 167 -9.15 -11.88 -31.87
CA GLY C 167 -9.30 -10.49 -32.24
C GLY C 167 -10.72 -10.01 -32.45
N GLY C 168 -11.71 -10.83 -32.13
CA GLY C 168 -13.08 -10.44 -32.33
C GLY C 168 -13.57 -9.46 -31.29
N LEU C 169 -14.71 -8.85 -31.60
CA LEU C 169 -15.34 -7.86 -30.72
C LEU C 169 -16.84 -8.04 -30.78
N ALA C 170 -17.47 -8.21 -29.63
CA ALA C 170 -18.91 -8.43 -29.54
C ALA C 170 -19.50 -7.39 -28.59
N LEU C 171 -20.09 -6.35 -29.14
CA LEU C 171 -20.72 -5.32 -28.33
C LEU C 171 -22.06 -5.83 -27.82
N GLY C 172 -22.21 -5.93 -26.50
CA GLY C 172 -23.44 -6.42 -25.93
C GLY C 172 -24.29 -5.33 -25.33
N PHE C 173 -25.34 -4.92 -26.04
CA PHE C 173 -26.24 -3.87 -25.59
C PHE C 173 -27.45 -4.52 -24.92
N SER C 174 -27.69 -4.18 -23.66
CA SER C 174 -28.87 -4.65 -22.96
C SER C 174 -29.75 -3.44 -22.67
N TRP C 175 -30.71 -3.22 -23.56
CA TRP C 175 -31.53 -2.01 -23.56
C TRP C 175 -32.83 -2.28 -22.82
N ALA C 176 -33.14 -1.45 -21.83
CA ALA C 176 -34.40 -1.57 -21.11
C ALA C 176 -35.55 -1.12 -22.00
N HIS C 177 -36.57 -1.96 -22.10
CA HIS C 177 -37.70 -1.70 -22.98
C HIS C 177 -38.65 -0.63 -22.45
N LEU C 178 -38.39 -0.11 -21.25
CA LEU C 178 -39.20 0.99 -20.70
C LEU C 178 -38.99 2.27 -21.49
N ILE C 179 -37.73 2.66 -21.68
CA ILE C 179 -37.44 3.99 -22.20
C ILE C 179 -37.64 4.06 -23.72
N GLY C 180 -37.28 3.00 -24.45
CA GLY C 180 -37.36 3.05 -25.90
C GLY C 180 -37.93 1.78 -26.48
N ASP C 181 -38.14 1.81 -27.79
CA ASP C 181 -38.61 0.67 -28.55
C ASP C 181 -37.41 -0.18 -28.97
N ILE C 182 -37.63 -1.15 -29.83
CA ILE C 182 -36.51 -1.82 -30.51
C ILE C 182 -36.06 -1.05 -31.76
N PRO C 183 -36.94 -0.56 -32.66
CA PRO C 183 -36.44 0.35 -33.70
C PRO C 183 -36.06 1.73 -33.18
N SER C 184 -36.43 2.05 -31.95
CA SER C 184 -35.91 3.23 -31.27
C SER C 184 -34.67 2.94 -30.44
N ALA C 185 -34.21 1.69 -30.43
CA ALA C 185 -32.94 1.32 -29.83
C ALA C 185 -31.85 1.09 -30.87
N ALA C 186 -32.19 0.46 -31.99
CA ALA C 186 -31.20 0.21 -33.03
C ALA C 186 -30.72 1.50 -33.67
N THR C 187 -31.63 2.46 -33.89
CA THR C 187 -31.20 3.76 -34.40
C THR C 187 -30.49 4.57 -33.33
N CYS C 188 -30.83 4.34 -32.06
CA CYS C 188 -30.13 5.01 -30.96
C CYS C 188 -28.69 4.51 -30.83
N PHE C 189 -28.44 3.25 -31.22
CA PHE C 189 -27.06 2.76 -31.27
C PHE C 189 -26.35 3.18 -32.56
N ASN C 190 -27.10 3.28 -33.67
CA ASN C 190 -26.52 3.78 -34.92
C ASN C 190 -26.08 5.23 -34.80
N LYS C 191 -26.79 6.02 -33.99
CA LYS C 191 -26.36 7.40 -33.75
C LYS C 191 -25.16 7.49 -32.82
N TRP C 192 -24.71 6.38 -32.23
CA TRP C 192 -23.42 6.34 -31.58
C TRP C 192 -22.33 5.84 -32.52
N ALA C 193 -22.67 4.89 -33.37
CA ALA C 193 -21.71 4.39 -34.36
C ALA C 193 -21.35 5.45 -35.40
N GLN C 194 -22.29 6.33 -35.73
CA GLN C 194 -22.00 7.42 -36.66
C GLN C 194 -21.10 8.49 -36.01
N ILE C 195 -21.26 8.71 -34.71
CA ILE C 195 -20.37 9.63 -34.01
C ILE C 195 -18.97 9.02 -33.88
N LEU C 196 -18.90 7.71 -33.67
CA LEU C 196 -17.61 7.01 -33.61
C LEU C 196 -16.92 7.04 -34.98
N SER C 197 -17.67 6.90 -36.06
CA SER C 197 -17.08 6.92 -37.39
C SER C 197 -16.64 8.32 -37.82
N GLY C 198 -17.13 9.36 -37.14
CA GLY C 198 -16.77 10.72 -37.51
C GLY C 198 -17.75 11.40 -38.42
N LYS C 199 -18.95 10.87 -38.58
CA LYS C 199 -19.98 11.47 -39.43
C LYS C 199 -20.79 12.46 -38.60
N LYS C 200 -21.90 12.93 -39.17
CA LYS C 200 -22.85 13.77 -38.46
C LYS C 200 -24.14 12.99 -38.25
N PRO C 201 -24.53 12.72 -37.01
CA PRO C 201 -25.76 11.94 -36.78
C PRO C 201 -27.00 12.77 -37.04
N GLU C 202 -28.10 12.07 -37.34
CA GLU C 202 -29.38 12.73 -37.51
C GLU C 202 -29.87 13.25 -36.17
N ALA C 203 -30.43 14.44 -36.17
CA ALA C 203 -30.81 15.12 -34.93
C ALA C 203 -32.00 14.42 -34.27
N THR C 204 -31.89 14.20 -32.97
CA THR C 204 -32.94 13.51 -32.23
C THR C 204 -34.11 14.44 -31.95
N VAL C 205 -35.28 13.83 -31.77
CA VAL C 205 -36.52 14.57 -31.51
C VAL C 205 -37.04 14.11 -30.15
N LEU C 206 -36.99 14.99 -29.16
CA LEU C 206 -37.56 14.74 -27.85
C LEU C 206 -38.52 15.83 -27.40
N THR C 207 -38.64 16.91 -28.16
CA THR C 207 -39.39 18.10 -27.74
C THR C 207 -40.91 17.99 -27.55
N PRO C 208 -41.68 17.06 -28.15
CA PRO C 208 -43.09 16.95 -27.71
C PRO C 208 -43.19 16.14 -26.44
N PRO C 209 -43.67 16.73 -25.34
CA PRO C 209 -43.71 16.00 -24.07
C PRO C 209 -44.86 15.01 -24.05
N ASN C 210 -44.60 13.84 -23.47
CA ASN C 210 -45.57 12.76 -23.42
C ASN C 210 -46.63 13.07 -22.37
N GLN C 211 -47.89 13.12 -22.80
CA GLN C 211 -48.98 13.46 -21.91
C GLN C 211 -49.82 12.23 -21.60
N PRO C 212 -50.26 12.06 -20.35
CA PRO C 212 -51.13 10.92 -20.03
C PRO C 212 -52.56 11.21 -20.45
N LEU C 213 -53.19 10.20 -21.06
CA LEU C 213 -54.56 10.31 -21.52
C LEU C 213 -55.45 9.38 -20.71
N GLN C 214 -56.70 9.80 -20.51
CA GLN C 214 -57.68 9.01 -19.79
C GLN C 214 -58.53 8.25 -20.80
N GLY C 215 -59.63 7.65 -20.34
CA GLY C 215 -60.48 6.87 -21.22
C GLY C 215 -61.15 5.70 -20.54
N GLN C 216 -60.74 5.44 -19.28
CA GLN C 216 -61.24 4.41 -18.36
C GLN C 216 -61.49 3.05 -18.99
N SER C 217 -60.44 2.39 -19.47
CA SER C 217 -60.55 1.05 -20.02
C SER C 217 -59.90 0.05 -19.04
N PRO C 218 -60.66 -0.56 -18.14
CA PRO C 218 -60.07 -1.50 -17.18
C PRO C 218 -60.12 -2.97 -17.61
N ALA C 219 -60.53 -3.26 -18.84
CA ALA C 219 -60.62 -4.64 -19.31
C ALA C 219 -59.27 -5.07 -19.88
N ALA C 220 -58.86 -6.28 -19.54
CA ALA C 220 -57.59 -6.80 -20.04
C ALA C 220 -57.76 -7.29 -21.47
N PRO C 221 -56.96 -6.78 -22.41
CA PRO C 221 -57.02 -7.31 -23.77
C PRO C 221 -56.45 -8.71 -23.84
N ARG C 222 -57.00 -9.51 -24.75
CA ARG C 222 -56.67 -10.93 -24.82
C ARG C 222 -55.34 -11.21 -25.52
N SER C 223 -54.59 -10.18 -25.89
CA SER C 223 -53.23 -10.36 -26.40
C SER C 223 -52.18 -10.30 -25.31
N VAL C 224 -52.53 -9.83 -24.12
CA VAL C 224 -51.60 -9.70 -23.01
C VAL C 224 -52.19 -10.44 -21.80
N LYS C 225 -51.38 -10.58 -20.76
CA LYS C 225 -51.77 -11.30 -19.55
C LYS C 225 -51.46 -10.44 -18.34
N GLN C 226 -52.50 -9.92 -17.70
CA GLN C 226 -52.38 -8.96 -16.61
C GLN C 226 -51.82 -9.65 -15.36
N VAL C 227 -50.53 -9.45 -15.10
CA VAL C 227 -49.87 -10.01 -13.94
C VAL C 227 -50.20 -9.18 -12.72
N GLY C 228 -49.84 -9.68 -11.53
CA GLY C 228 -50.10 -9.01 -10.29
C GLY C 228 -49.31 -7.72 -10.12
N PRO C 229 -49.77 -6.85 -9.23
CA PRO C 229 -49.11 -5.54 -9.05
C PRO C 229 -47.75 -5.69 -8.39
N MET C 230 -46.73 -5.15 -9.05
CA MET C 230 -45.36 -5.15 -8.53
C MET C 230 -44.88 -3.73 -8.33
N GLU C 231 -43.93 -3.56 -7.41
CA GLU C 231 -43.60 -2.22 -6.93
C GLU C 231 -42.12 -1.89 -7.02
N ASP C 232 -41.23 -2.88 -6.82
CA ASP C 232 -39.80 -2.61 -6.76
C ASP C 232 -38.95 -3.64 -7.50
N LEU C 233 -39.55 -4.50 -8.32
CA LEU C 233 -38.78 -5.43 -9.14
C LEU C 233 -39.58 -5.66 -10.42
N TRP C 234 -39.19 -4.96 -11.48
CA TRP C 234 -39.95 -4.98 -12.74
C TRP C 234 -39.49 -6.16 -13.61
N LEU C 235 -39.74 -7.36 -13.10
CA LEU C 235 -39.38 -8.60 -13.79
C LEU C 235 -40.23 -9.73 -13.25
N VAL C 236 -41.02 -10.36 -14.11
CA VAL C 236 -41.84 -11.50 -13.74
C VAL C 236 -40.96 -12.75 -13.83
N PRO C 237 -40.77 -13.49 -12.74
CA PRO C 237 -40.06 -14.77 -12.83
C PRO C 237 -40.91 -15.80 -13.56
N ALA C 238 -40.39 -16.31 -14.67
CA ALA C 238 -41.18 -17.14 -15.57
C ALA C 238 -41.40 -18.56 -15.06
N GLY C 239 -40.64 -18.99 -14.05
CA GLY C 239 -40.77 -20.34 -13.56
C GLY C 239 -39.88 -21.32 -14.30
N ARG C 240 -40.20 -21.56 -15.57
CA ARG C 240 -39.34 -22.40 -16.40
C ARG C 240 -38.09 -21.62 -16.82
N ASP C 241 -36.96 -22.32 -16.88
CA ASP C 241 -35.69 -21.70 -17.22
C ASP C 241 -35.61 -21.59 -18.73
N MET C 242 -35.69 -20.37 -19.24
CA MET C 242 -35.79 -20.13 -20.68
C MET C 242 -34.43 -19.80 -21.27
N ALA C 243 -34.27 -20.07 -22.56
CA ALA C 243 -33.01 -19.88 -23.24
C ALA C 243 -33.25 -19.40 -24.66
N CYS C 244 -32.31 -18.63 -25.19
CA CYS C 244 -32.42 -18.01 -26.50
C CYS C 244 -31.70 -18.87 -27.52
N TYR C 245 -32.46 -19.58 -28.34
CA TYR C 245 -31.92 -20.41 -29.42
C TYR C 245 -32.18 -19.69 -30.74
N SER C 246 -31.12 -19.21 -31.37
CA SER C 246 -31.21 -18.36 -32.55
C SER C 246 -30.68 -19.12 -33.77
N PHE C 247 -31.58 -19.75 -34.52
CA PHE C 247 -31.20 -20.45 -35.73
C PHE C 247 -31.32 -19.48 -36.92
N HIS C 248 -31.12 -19.99 -38.13
CA HIS C 248 -31.06 -19.17 -39.33
C HIS C 248 -32.00 -19.73 -40.39
N VAL C 249 -32.55 -18.84 -41.19
CA VAL C 249 -33.41 -19.19 -42.32
C VAL C 249 -32.74 -18.67 -43.59
N SER C 250 -32.40 -19.57 -44.49
CA SER C 250 -31.54 -19.27 -45.63
C SER C 250 -32.37 -18.77 -46.81
N ASP C 251 -31.74 -18.64 -47.97
CA ASP C 251 -32.39 -18.08 -49.15
C ASP C 251 -33.15 -19.14 -49.94
N ALA C 252 -32.59 -20.35 -50.03
CA ALA C 252 -33.21 -21.41 -50.81
C ALA C 252 -34.46 -21.98 -50.16
N VAL C 253 -34.60 -21.79 -48.84
CA VAL C 253 -35.81 -22.25 -48.15
C VAL C 253 -36.92 -21.19 -48.22
N LEU C 254 -36.57 -19.92 -48.42
CA LEU C 254 -37.58 -18.89 -48.63
C LEU C 254 -38.29 -19.07 -49.97
N LYS C 255 -37.53 -19.44 -51.01
CA LYS C 255 -38.15 -19.82 -52.28
C LYS C 255 -38.85 -21.17 -52.18
N LYS C 256 -38.42 -22.03 -51.25
CA LYS C 256 -39.11 -23.27 -50.97
C LYS C 256 -40.32 -23.08 -50.06
N LEU C 257 -40.53 -21.87 -49.53
CA LEU C 257 -41.73 -21.54 -48.79
C LEU C 257 -42.77 -20.85 -49.65
N HIS C 258 -42.39 -20.37 -50.83
CA HIS C 258 -43.31 -19.69 -51.74
C HIS C 258 -43.95 -20.65 -52.75
N GLN C 259 -43.52 -21.91 -52.80
CA GLN C 259 -44.08 -22.86 -53.74
C GLN C 259 -45.47 -23.35 -53.34
N GLN C 260 -45.88 -23.11 -52.10
CA GLN C 260 -47.24 -23.39 -51.66
C GLN C 260 -48.15 -22.18 -51.80
N GLN C 261 -47.64 -21.07 -52.31
CA GLN C 261 -48.41 -19.85 -52.52
C GLN C 261 -48.66 -19.65 -54.02
N ASN C 262 -48.88 -20.74 -54.73
CA ASN C 262 -49.32 -20.70 -56.12
C ASN C 262 -50.78 -21.14 -56.23
N GLY C 263 -51.49 -20.54 -57.18
CA GLY C 263 -52.91 -20.78 -57.35
C GLY C 263 -53.80 -19.88 -56.51
N ARG C 264 -53.21 -18.98 -55.72
CA ARG C 264 -53.96 -18.05 -54.90
C ARG C 264 -53.10 -16.82 -54.66
N GLN C 265 -53.72 -15.64 -54.72
CA GLN C 265 -53.03 -14.38 -54.50
C GLN C 265 -53.65 -13.68 -53.30
N ASP C 266 -52.81 -13.22 -52.39
CA ASP C 266 -53.26 -12.57 -51.16
C ASP C 266 -52.21 -11.58 -50.69
N ALA C 267 -52.55 -10.83 -49.64
CA ALA C 267 -51.70 -9.75 -49.14
C ALA C 267 -50.67 -10.23 -48.12
N ALA C 268 -50.36 -11.51 -48.09
CA ALA C 268 -49.38 -12.04 -47.15
C ALA C 268 -47.98 -11.68 -47.63
N ALA C 269 -47.30 -10.83 -46.87
CA ALA C 269 -45.90 -10.50 -47.12
C ALA C 269 -45.06 -11.75 -46.91
N GLY C 270 -44.46 -12.25 -47.99
CA GLY C 270 -43.83 -13.56 -47.97
C GLY C 270 -42.42 -13.61 -47.42
N THR C 271 -42.11 -12.77 -46.44
CA THR C 271 -40.81 -12.83 -45.77
C THR C 271 -40.89 -12.74 -44.26
N PHE C 272 -42.02 -12.34 -43.69
CA PHE C 272 -42.24 -12.45 -42.25
C PHE C 272 -43.35 -13.44 -41.92
N GLU C 273 -44.49 -13.34 -42.59
CA GLU C 273 -45.63 -14.19 -42.27
C GLU C 273 -45.49 -15.62 -42.80
N LEU C 274 -44.43 -15.92 -43.54
CA LEU C 274 -44.12 -17.29 -43.91
C LEU C 274 -43.27 -17.99 -42.85
N VAL C 275 -42.15 -17.38 -42.46
CA VAL C 275 -41.27 -18.02 -41.48
C VAL C 275 -41.87 -17.99 -40.08
N SER C 276 -42.67 -16.96 -39.78
CA SER C 276 -43.35 -16.95 -38.48
C SER C 276 -44.45 -18.00 -38.43
N ALA C 277 -45.10 -18.27 -39.57
CA ALA C 277 -46.04 -19.39 -39.62
C ALA C 277 -45.32 -20.73 -39.54
N LEU C 278 -44.09 -20.79 -40.06
CA LEU C 278 -43.27 -22.00 -39.93
C LEU C 278 -42.94 -22.30 -38.47
N VAL C 279 -42.49 -21.28 -37.73
CA VAL C 279 -42.20 -21.47 -36.31
C VAL C 279 -43.49 -21.68 -35.51
N TRP C 280 -44.61 -21.09 -35.95
CA TRP C 280 -45.89 -21.35 -35.32
C TRP C 280 -46.32 -22.81 -35.48
N GLN C 281 -46.12 -23.37 -36.68
CA GLN C 281 -46.42 -24.78 -36.92
C GLN C 281 -45.49 -25.69 -36.12
N ALA C 282 -44.21 -25.32 -36.04
CA ALA C 282 -43.24 -26.13 -35.30
C ALA C 282 -43.49 -26.11 -33.80
N VAL C 283 -44.01 -25.00 -33.26
CA VAL C 283 -44.30 -24.92 -31.84
C VAL C 283 -45.67 -25.54 -31.54
N ALA C 284 -46.61 -25.48 -32.49
CA ALA C 284 -47.89 -26.17 -32.33
C ALA C 284 -47.73 -27.67 -32.43
N LYS C 285 -46.70 -28.14 -33.14
CA LYS C 285 -46.40 -29.58 -33.19
C LYS C 285 -45.90 -30.09 -31.84
N ILE C 286 -45.30 -29.22 -31.02
CA ILE C 286 -44.77 -29.63 -29.73
C ILE C 286 -45.82 -29.44 -28.65
N ARG C 287 -46.29 -28.21 -28.48
CA ARG C 287 -47.22 -27.87 -27.41
C ARG C 287 -48.61 -28.41 -27.73
N GLY C 288 -49.52 -28.27 -26.76
CA GLY C 288 -50.87 -28.76 -26.89
C GLY C 288 -51.67 -28.07 -27.97
N ASP C 289 -51.99 -26.78 -27.76
CA ASP C 289 -52.71 -26.00 -28.76
C ASP C 289 -52.40 -24.52 -28.52
N VAL C 290 -51.59 -23.94 -29.39
CA VAL C 290 -51.42 -22.48 -29.43
C VAL C 290 -52.48 -21.95 -30.37
N ASP C 291 -53.70 -21.79 -29.84
CA ASP C 291 -54.83 -21.42 -30.66
C ASP C 291 -54.77 -19.96 -31.09
N THR C 292 -54.36 -19.09 -30.17
CA THR C 292 -54.16 -17.68 -30.47
C THR C 292 -52.70 -17.33 -30.27
N VAL C 293 -52.20 -16.40 -31.09
CA VAL C 293 -50.83 -15.91 -30.98
C VAL C 293 -50.86 -14.39 -31.08
N THR C 294 -49.82 -13.77 -30.53
CA THR C 294 -49.67 -12.33 -30.51
C THR C 294 -48.70 -11.93 -31.63
N VAL C 295 -49.07 -10.92 -32.41
CA VAL C 295 -48.23 -10.43 -33.49
C VAL C 295 -47.86 -8.99 -33.18
N VAL C 296 -46.59 -8.75 -32.87
CA VAL C 296 -46.11 -7.41 -32.53
C VAL C 296 -45.30 -6.92 -33.71
N ARG C 297 -45.97 -6.22 -34.63
CA ARG C 297 -45.31 -5.66 -35.80
C ARG C 297 -44.56 -4.40 -35.41
N ALA C 298 -43.30 -4.29 -35.85
CA ALA C 298 -42.54 -3.05 -35.71
C ALA C 298 -42.68 -2.26 -37.00
N ASP C 299 -43.89 -1.78 -37.24
CA ASP C 299 -44.22 -1.11 -38.50
C ASP C 299 -43.59 0.27 -38.55
N ALA C 300 -43.16 0.67 -39.75
CA ALA C 300 -42.49 1.94 -39.95
C ALA C 300 -43.44 3.06 -40.36
N ALA C 301 -44.69 2.75 -40.70
CA ALA C 301 -45.64 3.78 -41.10
C ALA C 301 -46.29 4.44 -39.90
N ALA C 302 -46.45 3.72 -38.80
CA ALA C 302 -47.07 4.25 -37.59
C ALA C 302 -46.08 4.97 -36.68
N ARG C 303 -44.81 5.07 -37.07
CA ARG C 303 -43.81 5.73 -36.25
C ARG C 303 -43.98 7.24 -36.32
N SER C 304 -43.85 7.89 -35.17
CA SER C 304 -43.80 9.34 -35.12
C SER C 304 -42.35 9.79 -35.29
N GLY C 305 -42.09 11.08 -35.04
CA GLY C 305 -40.74 11.58 -35.20
C GLY C 305 -39.82 11.36 -34.02
N LYS C 306 -40.36 10.91 -32.89
CA LYS C 306 -39.57 10.81 -31.67
C LYS C 306 -38.59 9.64 -31.73
N SER C 307 -37.48 9.78 -31.01
CA SER C 307 -36.44 8.77 -31.02
C SER C 307 -36.51 7.83 -29.83
N LEU C 308 -37.32 8.13 -28.81
CA LEU C 308 -37.53 7.24 -27.67
C LEU C 308 -39.03 7.13 -27.43
N ALA C 309 -39.68 6.21 -28.14
CA ALA C 309 -41.12 6.02 -28.01
C ALA C 309 -41.48 4.62 -28.48
N ASN C 310 -42.58 4.09 -27.94
CA ASN C 310 -43.01 2.72 -28.19
C ASN C 310 -44.16 2.72 -29.19
N GLU C 311 -43.82 2.77 -30.48
CA GLU C 311 -44.82 2.66 -31.55
C GLU C 311 -44.81 1.25 -32.15
N MET C 312 -45.18 0.27 -31.34
CA MET C 312 -45.41 -1.08 -31.82
C MET C 312 -46.90 -1.29 -32.09
N LYS C 313 -47.22 -2.36 -32.81
CA LYS C 313 -48.59 -2.68 -33.19
C LYS C 313 -48.94 -4.05 -32.63
N VAL C 314 -49.38 -4.08 -31.38
CA VAL C 314 -49.71 -5.33 -30.69
C VAL C 314 -51.09 -5.79 -31.17
N GLY C 315 -51.20 -7.09 -31.47
CA GLY C 315 -52.46 -7.65 -31.88
C GLY C 315 -52.56 -9.11 -31.48
N TYR C 316 -53.63 -9.75 -31.94
CA TYR C 316 -53.82 -11.18 -31.73
C TYR C 316 -54.54 -11.76 -32.94
N VAL C 317 -54.21 -13.01 -33.27
CA VAL C 317 -54.82 -13.73 -34.38
C VAL C 317 -55.49 -14.99 -33.84
N GLU C 318 -56.78 -15.11 -34.10
CA GLU C 318 -57.52 -16.32 -33.74
C GLU C 318 -57.23 -17.42 -34.76
N SER C 319 -57.51 -18.66 -34.37
CA SER C 319 -57.43 -19.76 -35.31
C SER C 319 -58.62 -19.75 -36.26
N ALA C 320 -59.83 -19.81 -35.70
CA ALA C 320 -61.11 -19.77 -36.44
C ALA C 320 -61.20 -20.88 -37.49
N GLY C 321 -60.93 -22.10 -37.05
CA GLY C 321 -60.91 -23.24 -37.95
C GLY C 321 -60.10 -24.41 -37.43
N SER C 322 -59.18 -24.91 -38.24
CA SER C 322 -58.39 -26.06 -37.85
C SER C 322 -57.31 -25.66 -36.84
N SER C 323 -56.76 -26.67 -36.18
CA SER C 323 -55.67 -26.46 -35.25
C SER C 323 -54.39 -26.09 -36.02
N PRO C 324 -53.51 -25.30 -35.43
CA PRO C 324 -52.25 -24.95 -36.12
C PRO C 324 -51.22 -26.07 -36.18
N ALA C 325 -51.46 -27.20 -35.51
CA ALA C 325 -50.51 -28.30 -35.55
C ALA C 325 -50.64 -29.10 -36.85
N LYS C 326 -51.86 -29.32 -37.32
CA LYS C 326 -52.11 -30.04 -38.56
C LYS C 326 -52.74 -29.05 -39.54
N THR C 327 -51.89 -28.26 -40.18
CA THR C 327 -52.28 -27.22 -41.13
C THR C 327 -51.05 -26.95 -41.99
N ASP C 328 -51.28 -26.54 -43.23
CA ASP C 328 -50.18 -26.12 -44.09
C ASP C 328 -49.69 -24.73 -43.68
N VAL C 329 -48.51 -24.37 -44.17
CA VAL C 329 -47.89 -23.12 -43.75
C VAL C 329 -48.55 -21.93 -44.46
N ALA C 330 -49.09 -22.16 -45.66
CA ALA C 330 -49.72 -21.07 -46.40
C ALA C 330 -51.03 -20.62 -45.77
N GLU C 331 -51.75 -21.55 -45.12
CA GLU C 331 -52.96 -21.17 -44.40
C GLU C 331 -52.63 -20.36 -43.16
N LEU C 332 -51.61 -20.77 -42.41
CA LEU C 332 -51.15 -20.01 -41.26
C LEU C 332 -50.42 -18.72 -41.65
N ALA C 333 -50.10 -18.55 -42.93
CA ALA C 333 -49.57 -17.29 -43.45
C ALA C 333 -50.69 -16.35 -43.88
N ALA C 334 -51.72 -16.89 -44.53
CA ALA C 334 -52.88 -16.07 -44.90
C ALA C 334 -53.70 -15.68 -43.68
N LEU C 335 -53.64 -16.49 -42.62
CA LEU C 335 -54.35 -16.16 -41.39
C LEU C 335 -53.65 -15.08 -40.60
N LEU C 336 -52.32 -15.07 -40.63
CA LEU C 336 -51.52 -14.17 -39.80
C LEU C 336 -51.46 -12.75 -40.36
N ALA C 337 -51.94 -12.52 -41.58
CA ALA C 337 -51.86 -11.21 -42.21
C ALA C 337 -53.19 -10.49 -42.28
N LYS C 338 -54.23 -11.15 -42.80
CA LYS C 338 -55.53 -10.52 -42.95
C LYS C 338 -56.35 -10.51 -41.67
N ASN C 339 -56.25 -11.56 -40.86
CA ASN C 339 -57.11 -11.74 -39.69
C ASN C 339 -56.42 -11.33 -38.39
N VAL C 340 -55.58 -10.29 -38.43
CA VAL C 340 -55.00 -9.75 -37.21
C VAL C 340 -55.93 -8.64 -36.69
N VAL C 341 -56.17 -8.64 -35.39
CA VAL C 341 -57.06 -7.67 -34.75
C VAL C 341 -56.20 -6.71 -33.95
N ASP C 342 -56.26 -5.43 -34.29
CA ASP C 342 -55.33 -4.46 -33.73
C ASP C 342 -55.78 -4.04 -32.33
N GLU C 343 -54.85 -4.09 -31.38
CA GLU C 343 -55.16 -3.74 -30.00
C GLU C 343 -54.06 -2.94 -29.32
N THR C 344 -53.32 -2.11 -30.06
CA THR C 344 -52.25 -1.34 -29.44
C THR C 344 -52.75 -0.13 -28.67
N ALA C 345 -54.02 0.24 -28.82
CA ALA C 345 -54.57 1.35 -28.05
C ALA C 345 -55.03 0.90 -26.67
N ALA C 346 -55.61 -0.30 -26.56
CA ALA C 346 -56.08 -0.80 -25.28
C ALA C 346 -54.95 -1.23 -24.36
N VAL C 347 -53.82 -1.67 -24.93
CA VAL C 347 -52.65 -2.00 -24.12
C VAL C 347 -52.05 -0.73 -23.52
N ALA C 348 -52.00 0.35 -24.32
CA ALA C 348 -51.50 1.62 -23.82
C ALA C 348 -52.50 2.33 -22.92
N ALA C 349 -53.79 2.02 -23.02
CA ALA C 349 -54.80 2.61 -22.17
C ALA C 349 -55.10 1.78 -20.93
N PHE C 350 -54.37 0.70 -20.70
CA PHE C 350 -54.58 -0.12 -19.51
C PHE C 350 -53.89 0.51 -18.30
N GLN C 351 -54.32 0.10 -17.11
CA GLN C 351 -53.90 0.73 -15.87
C GLN C 351 -52.94 -0.11 -15.03
N GLY C 352 -52.96 -1.43 -15.16
CA GLY C 352 -52.10 -2.30 -14.38
C GLY C 352 -50.82 -2.66 -15.10
N ASP C 353 -50.26 -3.81 -14.71
CA ASP C 353 -49.07 -4.35 -15.35
C ASP C 353 -49.49 -5.36 -16.41
N VAL C 354 -48.75 -5.38 -17.52
CA VAL C 354 -49.27 -5.84 -18.81
C VAL C 354 -48.60 -7.13 -19.27
N LEU C 355 -47.27 -7.13 -19.41
CA LEU C 355 -46.45 -8.29 -19.81
C LEU C 355 -46.88 -8.85 -21.17
N VAL C 356 -46.59 -8.05 -22.21
CA VAL C 356 -46.96 -8.40 -23.59
C VAL C 356 -46.22 -9.66 -24.05
N TYR C 357 -44.89 -9.61 -24.03
CA TYR C 357 -44.07 -10.65 -24.67
C TYR C 357 -44.09 -11.94 -23.85
N GLY C 358 -44.75 -12.95 -24.39
CA GLY C 358 -44.78 -14.27 -23.80
C GLY C 358 -45.76 -14.45 -22.66
N GLY C 359 -46.50 -13.42 -22.29
CA GLY C 359 -47.42 -13.50 -21.18
C GLY C 359 -48.65 -14.34 -21.48
N ALA C 360 -49.47 -13.88 -22.41
CA ALA C 360 -50.69 -14.61 -22.74
C ALA C 360 -50.46 -15.67 -23.81
N ASN C 361 -49.78 -15.31 -24.89
CA ASN C 361 -49.61 -16.22 -26.02
C ASN C 361 -48.20 -16.12 -26.56
N LEU C 362 -47.91 -16.98 -27.53
CA LEU C 362 -46.62 -16.99 -28.20
C LEU C 362 -46.53 -15.77 -29.12
N THR C 363 -45.67 -14.82 -28.77
CA THR C 363 -45.55 -13.61 -29.57
C THR C 363 -44.64 -13.83 -30.77
N LEU C 364 -44.94 -13.10 -31.85
CA LEU C 364 -44.23 -13.22 -33.13
C LEU C 364 -43.80 -11.82 -33.54
N VAL C 365 -42.59 -11.42 -33.16
CA VAL C 365 -42.10 -10.08 -33.42
C VAL C 365 -41.70 -9.96 -34.88
N ASP C 366 -41.85 -8.75 -35.45
CA ASP C 366 -41.61 -8.49 -36.86
C ASP C 366 -40.47 -7.48 -36.99
N MET C 367 -39.37 -7.76 -36.30
CA MET C 367 -38.18 -6.91 -36.33
C MET C 367 -37.31 -7.26 -37.55
N GLU C 368 -37.86 -7.00 -38.73
CA GLU C 368 -37.19 -7.36 -39.97
C GLU C 368 -36.97 -6.20 -40.93
N GLN C 369 -37.67 -5.08 -40.76
CA GLN C 369 -37.36 -3.88 -41.52
C GLN C 369 -36.42 -2.95 -40.77
N VAL C 370 -36.01 -3.34 -39.57
CA VAL C 370 -35.06 -2.57 -38.79
C VAL C 370 -33.66 -2.75 -39.37
N ASP C 371 -32.91 -1.67 -39.46
CA ASP C 371 -31.57 -1.68 -40.03
C ASP C 371 -30.60 -2.00 -38.90
N LEU C 372 -30.34 -3.30 -38.71
CA LEU C 372 -29.46 -3.74 -37.64
C LEU C 372 -28.00 -3.70 -38.04
N TYR C 373 -27.69 -3.92 -39.32
CA TYR C 373 -26.33 -4.02 -39.81
C TYR C 373 -25.76 -2.67 -40.25
N GLY C 374 -26.28 -1.58 -39.72
CA GLY C 374 -25.74 -0.27 -40.02
C GLY C 374 -24.94 0.29 -38.87
N LEU C 375 -24.45 -0.60 -38.00
CA LEU C 375 -23.57 -0.19 -36.91
C LEU C 375 -22.12 -0.20 -37.38
N GLU C 376 -21.85 0.61 -38.40
CA GLU C 376 -20.50 0.73 -38.95
C GLU C 376 -19.67 1.54 -37.98
N ILE C 377 -18.77 0.86 -37.28
CA ILE C 377 -17.99 1.48 -36.22
C ILE C 377 -16.98 2.49 -36.79
N LYS C 378 -16.08 2.04 -37.64
CA LYS C 378 -15.23 2.95 -38.40
C LYS C 378 -15.51 2.84 -39.89
N GLY C 379 -15.35 1.65 -40.46
CA GLY C 379 -15.82 1.35 -41.80
C GLY C 379 -16.25 -0.10 -41.86
N GLN C 380 -16.34 -0.73 -40.68
CA GLN C 380 -16.50 -2.16 -40.57
C GLN C 380 -17.99 -2.50 -40.42
N ARG C 381 -18.54 -3.11 -41.46
CA ARG C 381 -19.86 -3.73 -41.36
C ARG C 381 -19.79 -4.89 -40.38
N PRO C 382 -20.78 -5.08 -39.51
CA PRO C 382 -20.74 -6.19 -38.56
C PRO C 382 -20.87 -7.54 -39.24
N VAL C 383 -20.33 -8.56 -38.58
CA VAL C 383 -20.35 -9.91 -39.12
C VAL C 383 -21.70 -10.57 -38.90
N TYR C 384 -22.20 -10.50 -37.67
CA TYR C 384 -23.39 -11.25 -37.28
C TYR C 384 -24.06 -10.49 -36.14
N VAL C 385 -25.35 -10.22 -36.27
CA VAL C 385 -26.09 -9.42 -35.30
C VAL C 385 -27.36 -10.17 -34.91
N GLU C 386 -27.51 -10.46 -33.62
CA GLU C 386 -28.70 -11.13 -33.11
C GLU C 386 -29.28 -10.34 -31.94
N TYR C 387 -30.60 -10.32 -31.84
CA TYR C 387 -31.31 -9.67 -30.74
C TYR C 387 -32.06 -10.72 -29.94
N GLY C 388 -31.61 -10.97 -28.72
CA GLY C 388 -32.37 -11.74 -27.76
C GLY C 388 -33.15 -10.83 -26.83
N MET C 389 -33.97 -11.43 -25.98
CA MET C 389 -34.78 -10.67 -25.04
C MET C 389 -34.65 -11.23 -23.64
N ASP C 390 -35.35 -10.58 -22.72
CA ASP C 390 -35.47 -11.04 -21.33
C ASP C 390 -36.83 -10.61 -20.82
N GLY C 391 -37.22 -11.18 -19.68
CA GLY C 391 -38.53 -10.90 -19.13
C GLY C 391 -39.70 -11.50 -19.88
N VAL C 392 -39.44 -12.40 -20.83
CA VAL C 392 -40.51 -13.03 -21.60
C VAL C 392 -41.22 -14.04 -20.71
N GLY C 393 -42.54 -14.11 -20.85
CA GLY C 393 -43.35 -15.00 -20.05
C GLY C 393 -43.23 -16.45 -20.45
N ASP C 394 -44.15 -17.26 -19.93
CA ASP C 394 -44.06 -18.72 -20.02
C ASP C 394 -44.54 -19.27 -21.36
N GLU C 395 -44.77 -18.45 -22.37
CA GLU C 395 -45.20 -18.92 -23.68
C GLU C 395 -44.10 -18.91 -24.72
N GLY C 396 -43.31 -17.86 -24.79
CA GLY C 396 -42.21 -17.76 -25.74
C GLY C 396 -42.34 -16.55 -26.64
N ALA C 397 -41.32 -16.37 -27.46
CA ALA C 397 -41.27 -15.26 -28.40
C ALA C 397 -40.48 -15.65 -29.63
N VAL C 398 -40.83 -15.05 -30.77
CA VAL C 398 -40.18 -15.30 -32.05
C VAL C 398 -39.77 -13.97 -32.63
N LEU C 399 -38.46 -13.76 -32.77
CA LEU C 399 -37.91 -12.49 -33.25
C LEU C 399 -37.28 -12.72 -34.62
N VAL C 400 -38.01 -12.37 -35.67
CA VAL C 400 -37.58 -12.60 -37.05
C VAL C 400 -36.72 -11.42 -37.48
N GLN C 401 -35.40 -11.61 -37.47
CA GLN C 401 -34.42 -10.57 -37.78
C GLN C 401 -33.91 -10.71 -39.20
N PRO C 402 -33.33 -9.66 -39.78
CA PRO C 402 -32.70 -9.80 -41.10
C PRO C 402 -31.24 -10.24 -41.01
N ASP C 403 -30.74 -10.74 -42.13
CA ASP C 403 -29.39 -11.27 -42.23
C ASP C 403 -28.47 -10.19 -42.79
N ALA C 404 -27.18 -10.52 -42.91
CA ALA C 404 -26.19 -9.53 -43.34
C ALA C 404 -26.33 -9.17 -44.81
N ASP C 405 -26.64 -10.16 -45.65
CA ASP C 405 -26.79 -9.91 -47.08
C ASP C 405 -28.12 -9.25 -47.43
N GLY C 406 -29.12 -9.31 -46.55
CA GLY C 406 -30.40 -8.70 -46.79
C GLY C 406 -31.42 -9.61 -47.45
N ARG C 407 -31.07 -10.87 -47.72
CA ARG C 407 -31.98 -11.82 -48.34
C ARG C 407 -32.41 -12.94 -47.41
N GLY C 408 -31.62 -13.24 -46.39
CA GLY C 408 -31.99 -14.26 -45.42
C GLY C 408 -32.62 -13.67 -44.18
N ARG C 409 -33.20 -14.55 -43.37
CA ARG C 409 -33.82 -14.17 -42.12
C ARG C 409 -33.18 -14.94 -40.97
N LEU C 410 -33.02 -14.26 -39.84
CA LEU C 410 -32.45 -14.85 -38.64
C LEU C 410 -33.53 -14.89 -37.57
N VAL C 411 -33.97 -16.09 -37.22
CA VAL C 411 -35.11 -16.27 -36.32
C VAL C 411 -34.57 -16.65 -34.95
N THR C 412 -34.68 -15.74 -34.00
CA THR C 412 -34.32 -16.02 -32.60
C THR C 412 -35.58 -16.39 -31.83
N VAL C 413 -35.63 -17.63 -31.35
CA VAL C 413 -36.80 -18.15 -30.65
C VAL C 413 -36.45 -18.29 -29.18
N VAL C 414 -37.11 -17.51 -28.34
CA VAL C 414 -36.99 -17.65 -26.89
C VAL C 414 -38.01 -18.68 -26.45
N LEU C 415 -37.56 -19.71 -25.75
CA LEU C 415 -38.40 -20.86 -25.43
C LEU C 415 -37.97 -21.40 -24.07
N PRO C 416 -38.87 -22.13 -23.35
CA PRO C 416 -38.52 -22.59 -22.00
C PRO C 416 -37.49 -23.71 -21.88
N GLY C 417 -36.79 -24.06 -22.95
CA GLY C 417 -35.69 -25.00 -22.85
C GLY C 417 -36.11 -26.45 -23.01
N ASP C 418 -37.24 -26.82 -22.39
CA ASP C 418 -37.83 -28.12 -22.64
C ASP C 418 -38.31 -28.25 -24.08
N GLU C 419 -38.78 -27.14 -24.66
CA GLU C 419 -39.28 -27.12 -26.03
C GLU C 419 -38.22 -26.69 -27.03
N ILE C 420 -36.96 -26.55 -26.61
CA ILE C 420 -35.90 -26.15 -27.53
C ILE C 420 -35.36 -27.34 -28.30
N ASP C 421 -35.01 -28.42 -27.59
CA ASP C 421 -34.45 -29.60 -28.24
C ASP C 421 -35.48 -30.37 -29.04
N SER C 422 -36.78 -30.17 -28.76
CA SER C 422 -37.82 -30.72 -29.61
C SER C 422 -38.16 -29.81 -30.77
N LEU C 423 -37.73 -28.55 -30.74
CA LEU C 423 -37.93 -27.64 -31.86
C LEU C 423 -36.91 -27.90 -32.97
N ARG C 424 -35.67 -28.19 -32.59
CA ARG C 424 -34.61 -28.47 -33.56
C ARG C 424 -34.85 -29.77 -34.30
N ALA C 425 -35.58 -30.72 -33.70
CA ALA C 425 -35.93 -31.95 -34.39
C ALA C 425 -37.03 -31.72 -35.41
N ALA C 426 -38.06 -30.95 -35.03
CA ALA C 426 -39.18 -30.71 -35.93
C ALA C 426 -38.83 -29.74 -37.06
N LEU C 427 -37.93 -28.79 -36.80
CA LEU C 427 -37.54 -27.84 -37.83
C LEU C 427 -36.46 -28.38 -38.76
N GLY C 428 -35.87 -29.53 -38.45
CA GLY C 428 -34.85 -30.11 -39.31
C GLY C 428 -35.37 -30.64 -40.62
N SER C 429 -36.65 -31.04 -40.66
CA SER C 429 -37.26 -31.51 -41.90
C SER C 429 -37.74 -30.37 -42.78
N ALA C 430 -37.87 -29.16 -42.25
CA ALA C 430 -38.32 -28.00 -43.02
C ALA C 430 -37.18 -27.11 -43.47
N LEU C 431 -36.02 -27.20 -42.82
CA LEU C 431 -34.86 -26.41 -43.22
C LEU C 431 -33.82 -27.22 -43.98
N HIS C 432 -33.85 -28.55 -43.85
CA HIS C 432 -32.96 -29.50 -44.51
C HIS C 432 -31.47 -29.21 -44.29
N SER D 74 22.66 69.44 1.20
CA SER D 74 23.95 68.78 1.12
C SER D 74 24.26 68.35 -0.32
N ALA D 75 25.54 68.02 -0.57
CA ALA D 75 25.96 67.54 -1.87
C ALA D 75 26.88 66.33 -1.81
N PHE D 76 27.41 65.97 -0.64
CA PHE D 76 28.33 64.85 -0.51
C PHE D 76 27.87 63.79 0.48
N LEU D 77 27.01 64.13 1.44
CA LEU D 77 26.37 63.15 2.31
C LEU D 77 25.02 62.73 1.73
N VAL D 78 25.01 62.34 0.46
CA VAL D 78 23.80 61.96 -0.25
C VAL D 78 23.89 60.56 -0.83
N VAL D 79 25.05 60.16 -1.37
CA VAL D 79 25.21 58.81 -1.87
C VAL D 79 25.43 57.81 -0.75
N PHE D 80 25.78 58.27 0.45
CA PHE D 80 25.92 57.37 1.59
C PHE D 80 24.56 56.86 2.07
N VAL D 81 23.50 57.59 1.77
CA VAL D 81 22.14 57.07 1.98
C VAL D 81 21.61 56.40 0.72
N GLY D 82 21.90 56.99 -0.46
CA GLY D 82 21.45 56.47 -1.73
C GLY D 82 22.16 55.25 -2.25
N THR D 83 23.14 54.71 -1.52
CA THR D 83 23.74 53.43 -1.86
C THR D 83 23.47 52.35 -0.83
N VAL D 84 22.96 52.70 0.35
CA VAL D 84 22.53 51.71 1.33
C VAL D 84 21.05 51.41 1.19
N TYR D 85 20.24 52.43 0.90
CA TYR D 85 18.81 52.23 0.71
C TYR D 85 18.48 51.46 -0.56
N VAL D 86 19.40 51.45 -1.55
CA VAL D 86 19.21 50.67 -2.76
C VAL D 86 19.87 49.30 -2.69
N MET D 87 20.65 49.03 -1.65
CA MET D 87 21.31 47.74 -1.49
C MET D 87 20.77 46.92 -0.33
N SER D 88 20.10 47.54 0.63
CA SER D 88 19.51 46.82 1.75
C SER D 88 18.03 46.51 1.55
N ARG D 89 17.41 47.03 0.49
CA ARG D 89 16.02 46.73 0.23
C ARG D 89 15.90 45.35 -0.42
N PRO D 90 14.83 44.62 -0.14
CA PRO D 90 14.67 43.29 -0.76
C PRO D 90 14.29 43.39 -2.23
N ARG D 91 14.63 42.35 -2.97
CA ARG D 91 14.32 42.33 -4.39
C ARG D 91 12.83 42.09 -4.59
N PRO D 92 12.20 42.76 -5.55
CA PRO D 92 10.79 42.52 -5.81
C PRO D 92 10.59 41.19 -6.54
N VAL D 93 9.50 40.51 -6.21
CA VAL D 93 9.16 39.22 -6.81
C VAL D 93 7.84 39.40 -7.52
N TYR D 94 7.86 39.33 -8.84
CA TYR D 94 6.67 39.54 -9.66
C TYR D 94 6.02 38.22 -9.98
N LEU D 95 4.74 38.28 -10.34
CA LEU D 95 4.01 37.14 -10.87
C LEU D 95 3.77 37.41 -12.36
N VAL D 96 4.54 36.74 -13.20
CA VAL D 96 4.46 36.99 -14.64
C VAL D 96 3.15 36.48 -15.20
N ASP D 97 2.89 35.18 -15.07
CA ASP D 97 1.62 34.59 -15.44
C ASP D 97 1.50 33.24 -14.76
N TYR D 98 0.31 32.66 -14.84
CA TYR D 98 0.05 31.34 -14.29
C TYR D 98 -1.02 30.66 -15.15
N ALA D 99 -1.00 29.34 -15.15
CA ALA D 99 -1.96 28.56 -15.92
C ALA D 99 -2.56 27.49 -15.02
N CYS D 100 -3.87 27.32 -15.12
CA CYS D 100 -4.59 26.33 -14.33
C CYS D 100 -5.15 25.25 -15.24
N TYR D 101 -5.19 24.03 -14.72
CA TYR D 101 -5.65 22.89 -15.51
C TYR D 101 -7.17 22.84 -15.48
N LYS D 102 -7.78 22.84 -16.66
CA LYS D 102 -9.22 22.69 -16.78
C LYS D 102 -9.51 21.26 -17.19
N PRO D 103 -10.06 20.42 -16.32
CA PRO D 103 -10.23 19.01 -16.66
C PRO D 103 -11.34 18.83 -17.69
N PRO D 104 -11.24 17.82 -18.55
CA PRO D 104 -12.22 17.69 -19.65
C PRO D 104 -13.58 17.22 -19.15
N ALA D 105 -14.55 17.28 -20.06
CA ALA D 105 -15.90 16.87 -19.76
C ALA D 105 -16.07 15.36 -19.70
N SER D 106 -15.06 14.60 -20.13
CA SER D 106 -15.10 13.15 -20.04
C SER D 106 -14.53 12.63 -18.72
N CYS D 107 -14.49 13.47 -17.69
CA CYS D 107 -14.00 13.07 -16.39
C CYS D 107 -14.93 13.48 -15.25
N ARG D 108 -16.08 14.08 -15.55
CA ARG D 108 -16.93 14.64 -14.52
C ARG D 108 -17.63 13.55 -13.72
N VAL D 109 -17.89 13.85 -12.45
CA VAL D 109 -18.63 12.94 -11.57
C VAL D 109 -19.83 13.69 -11.01
N PRO D 110 -21.05 13.36 -11.44
CA PRO D 110 -22.23 13.99 -10.84
C PRO D 110 -22.56 13.46 -9.46
N PHE D 111 -23.69 13.91 -8.91
CA PHE D 111 -24.09 13.48 -7.58
C PHE D 111 -24.63 12.04 -7.61
N ALA D 112 -25.44 11.73 -8.62
CA ALA D 112 -26.05 10.40 -8.69
C ALA D 112 -25.04 9.33 -9.07
N THR D 113 -24.02 9.68 -9.87
CA THR D 113 -22.98 8.72 -10.21
C THR D 113 -22.16 8.35 -8.98
N PHE D 114 -21.80 9.35 -8.16
CA PHE D 114 -21.09 9.08 -6.91
C PHE D 114 -21.95 8.27 -5.95
N MET D 115 -23.23 8.63 -5.82
CA MET D 115 -24.09 7.89 -4.91
C MET D 115 -24.58 6.56 -5.47
N GLU D 116 -24.25 6.23 -6.71
CA GLU D 116 -24.44 4.88 -7.21
C GLU D 116 -23.18 4.04 -7.06
N HIS D 117 -22.02 4.65 -7.26
CA HIS D 117 -20.74 3.95 -7.05
C HIS D 117 -20.57 3.54 -5.59
N THR D 118 -20.77 4.48 -4.66
CA THR D 118 -20.63 4.15 -3.25
C THR D 118 -21.77 3.29 -2.73
N ARG D 119 -22.89 3.24 -3.43
CA ARG D 119 -23.96 2.31 -3.05
C ARG D 119 -23.69 0.91 -3.55
N LEU D 120 -22.97 0.76 -4.66
CA LEU D 120 -22.63 -0.57 -5.14
C LEU D 120 -21.37 -1.13 -4.49
N ILE D 121 -20.49 -0.28 -3.97
CA ILE D 121 -19.28 -0.79 -3.31
C ILE D 121 -19.60 -1.34 -1.93
N SER D 122 -20.23 -0.53 -1.08
CA SER D 122 -20.45 -0.92 0.29
C SER D 122 -21.81 -1.59 0.48
N ASP D 123 -21.95 -2.29 1.60
CA ASP D 123 -23.18 -3.00 1.93
C ASP D 123 -23.95 -2.39 3.09
N ASP D 124 -23.25 -1.77 4.04
CA ASP D 124 -23.92 -1.15 5.19
C ASP D 124 -24.51 0.20 4.78
N ASP D 125 -25.76 0.44 5.17
CA ASP D 125 -26.43 1.68 4.85
C ASP D 125 -26.09 2.83 5.80
N LYS D 126 -25.14 2.65 6.70
CA LYS D 126 -24.64 3.74 7.51
C LYS D 126 -23.43 4.42 6.89
N SER D 127 -22.80 3.78 5.90
CA SER D 127 -21.68 4.37 5.19
C SER D 127 -22.09 5.03 3.88
N VAL D 128 -23.36 4.93 3.48
CA VAL D 128 -23.88 5.67 2.35
C VAL D 128 -24.84 6.78 2.77
N ARG D 129 -25.54 6.63 3.89
CA ARG D 129 -26.38 7.71 4.39
C ARG D 129 -25.57 8.79 5.08
N PHE D 130 -24.30 8.53 5.39
CA PHE D 130 -23.40 9.59 5.82
C PHE D 130 -22.85 10.36 4.63
N GLN D 131 -22.48 9.65 3.56
CA GLN D 131 -21.93 10.31 2.39
C GLN D 131 -22.99 11.07 1.61
N THR D 132 -24.26 10.63 1.68
CA THR D 132 -25.34 11.41 1.10
C THR D 132 -25.51 12.75 1.80
N ARG D 133 -25.51 12.72 3.14
CA ARG D 133 -25.66 13.95 3.92
C ARG D 133 -24.43 14.85 3.79
N ILE D 134 -23.27 14.26 3.55
CA ILE D 134 -22.06 15.06 3.32
C ILE D 134 -22.12 15.72 1.95
N LEU D 135 -22.43 14.95 0.91
CA LEU D 135 -22.32 15.45 -0.45
C LEU D 135 -23.47 16.37 -0.85
N GLU D 136 -24.67 16.17 -0.29
CA GLU D 136 -25.78 17.03 -0.66
C GLU D 136 -25.73 18.39 0.04
N ARG D 137 -24.88 18.55 1.04
CA ARG D 137 -24.67 19.84 1.69
C ARG D 137 -23.25 20.34 1.53
N SER D 138 -22.40 19.62 0.79
CA SER D 138 -21.00 20.02 0.63
C SER D 138 -20.84 21.27 -0.21
N GLY D 139 -21.80 21.58 -1.09
CA GLY D 139 -21.70 22.75 -1.93
C GLY D 139 -21.12 22.52 -3.29
N LEU D 140 -20.68 21.30 -3.60
CA LEU D 140 -20.12 21.00 -4.90
C LEU D 140 -21.22 20.95 -5.97
N GLY D 141 -20.80 20.89 -7.22
CA GLY D 141 -21.74 20.94 -8.32
C GLY D 141 -21.75 19.69 -9.19
N GLU D 142 -22.13 19.84 -10.45
CA GLU D 142 -22.29 18.72 -11.35
C GLU D 142 -21.16 18.61 -12.37
N ASP D 143 -20.12 19.44 -12.26
CA ASP D 143 -19.00 19.42 -13.19
C ASP D 143 -17.68 19.10 -12.53
N THR D 144 -17.69 18.59 -11.31
CA THR D 144 -16.46 18.24 -10.61
C THR D 144 -15.91 16.94 -11.16
N CYS D 145 -14.59 16.90 -11.36
CA CYS D 145 -13.95 15.81 -12.08
C CYS D 145 -13.04 15.00 -11.18
N LEU D 146 -13.03 13.68 -11.41
CA LEU D 146 -12.22 12.68 -10.76
C LEU D 146 -11.31 12.01 -11.80
N PRO D 147 -10.14 11.50 -11.41
CA PRO D 147 -9.22 10.91 -12.39
C PRO D 147 -9.77 9.62 -12.97
N PRO D 148 -9.28 9.19 -14.18
CA PRO D 148 -9.82 8.00 -14.85
C PRO D 148 -9.37 6.66 -14.27
N ALA D 149 -9.37 6.57 -12.94
CA ALA D 149 -9.27 5.31 -12.23
C ALA D 149 -10.28 5.18 -11.10
N ASN D 150 -10.94 6.27 -10.70
CA ASN D 150 -12.07 6.23 -9.81
C ASN D 150 -13.39 6.23 -10.56
N HIS D 151 -13.35 6.07 -11.88
CA HIS D 151 -14.54 5.93 -12.71
C HIS D 151 -14.92 4.47 -12.92
N TYR D 152 -14.14 3.54 -12.38
CA TYR D 152 -14.49 2.14 -12.35
C TYR D 152 -15.31 1.87 -11.10
N ILE D 153 -16.09 0.81 -11.10
CA ILE D 153 -17.02 0.58 -9.98
C ILE D 153 -16.22 0.14 -8.76
N PRO D 154 -15.30 -0.83 -8.79
CA PRO D 154 -14.22 -0.80 -7.80
C PRO D 154 -13.03 -0.02 -8.33
N PRO D 155 -12.67 1.09 -7.68
CA PRO D 155 -11.50 1.85 -8.14
C PRO D 155 -10.22 1.10 -7.86
N ASN D 156 -9.30 1.14 -8.83
CA ASN D 156 -8.04 0.40 -8.77
C ASN D 156 -6.86 1.36 -8.75
N PRO D 157 -6.45 1.83 -7.58
CA PRO D 157 -5.29 2.73 -7.53
C PRO D 157 -3.97 1.98 -7.66
N SER D 158 -3.35 2.06 -8.82
CA SER D 158 -2.03 1.50 -9.04
C SER D 158 -1.00 2.61 -8.90
N MET D 159 0.26 2.31 -9.23
CA MET D 159 1.27 3.33 -9.32
C MET D 159 1.49 3.84 -10.73
N GLU D 160 1.24 3.00 -11.73
CA GLU D 160 1.23 3.50 -13.11
C GLU D 160 -0.02 4.30 -13.38
N ALA D 161 -1.15 3.94 -12.75
CA ALA D 161 -2.40 4.66 -12.94
C ALA D 161 -2.39 6.02 -12.27
N SER D 162 -1.55 6.22 -11.24
CA SER D 162 -1.44 7.51 -10.59
C SER D 162 -0.30 8.35 -11.16
N ARG D 163 0.72 7.71 -11.71
CA ARG D 163 1.79 8.47 -12.37
C ARG D 163 1.36 8.98 -13.73
N ALA D 164 0.42 8.29 -14.38
CA ALA D 164 -0.10 8.76 -15.67
C ALA D 164 -1.11 9.88 -15.50
N GLU D 165 -1.60 10.12 -14.29
CA GLU D 165 -2.40 11.31 -14.00
C GLU D 165 -1.52 12.49 -13.65
N ALA D 166 -0.40 12.24 -12.96
CA ALA D 166 0.55 13.31 -12.66
C ALA D 166 1.25 13.81 -13.93
N GLN D 167 1.33 12.97 -14.96
CA GLN D 167 1.84 13.41 -16.25
C GLN D 167 0.77 14.08 -17.10
N LEU D 168 -0.45 14.20 -16.60
CA LEU D 168 -1.56 14.81 -17.33
C LEU D 168 -1.93 16.17 -16.77
N VAL D 169 -2.11 16.27 -15.44
CA VAL D 169 -2.50 17.54 -14.83
C VAL D 169 -1.35 18.51 -14.72
N ILE D 170 -0.11 18.05 -14.89
CA ILE D 170 1.07 18.89 -14.75
C ILE D 170 1.66 19.25 -16.10
N PHE D 171 1.82 18.27 -16.99
CA PHE D 171 2.42 18.53 -18.29
C PHE D 171 1.48 19.27 -19.24
N SER D 172 0.20 19.39 -18.91
CA SER D 172 -0.72 20.22 -19.66
C SER D 172 -1.01 21.54 -18.97
N ALA D 173 -0.52 21.73 -17.75
CA ALA D 173 -0.57 23.03 -17.09
C ALA D 173 0.71 23.83 -17.27
N ILE D 174 1.81 23.17 -17.61
CA ILE D 174 3.04 23.87 -17.96
C ILE D 174 3.09 24.16 -19.46
N ASP D 175 2.52 23.27 -20.29
CA ASP D 175 2.40 23.54 -21.73
C ASP D 175 1.50 24.73 -22.00
N ASP D 176 0.50 24.96 -21.13
CA ASP D 176 -0.29 26.18 -21.22
C ASP D 176 0.48 27.40 -20.75
N LEU D 177 1.44 27.23 -19.84
CA LEU D 177 2.19 28.35 -19.31
C LEU D 177 3.31 28.78 -20.25
N VAL D 178 3.93 27.82 -20.95
CA VAL D 178 5.03 28.15 -21.86
C VAL D 178 4.54 28.62 -23.22
N ARG D 179 3.23 28.72 -23.43
CA ARG D 179 2.68 29.24 -24.68
C ARG D 179 2.13 30.65 -24.54
N ARG D 180 1.94 31.13 -23.31
CA ARG D 180 1.41 32.47 -23.08
C ARG D 180 2.47 33.44 -22.56
N THR D 181 3.60 32.94 -22.07
CA THR D 181 4.72 33.79 -21.68
C THR D 181 5.92 33.66 -22.60
N GLY D 182 5.93 32.66 -23.47
CA GLY D 182 7.11 32.39 -24.29
C GLY D 182 8.29 31.90 -23.49
N LEU D 183 8.04 31.14 -22.43
CA LEU D 183 9.09 30.70 -21.51
C LEU D 183 9.97 29.66 -22.18
N LYS D 184 11.18 30.05 -22.53
CA LYS D 184 12.16 29.07 -22.98
C LYS D 184 12.60 28.23 -21.79
N PRO D 185 12.58 26.90 -21.90
CA PRO D 185 12.85 26.06 -20.72
C PRO D 185 14.30 26.06 -20.24
N LYS D 186 15.21 26.69 -20.96
CA LYS D 186 16.56 26.89 -20.48
C LYS D 186 16.71 28.15 -19.64
N ASP D 187 15.61 28.77 -19.22
CA ASP D 187 15.62 29.97 -18.42
C ASP D 187 15.03 29.76 -17.03
N ILE D 188 14.51 28.57 -16.74
CA ILE D 188 13.98 28.26 -15.42
C ILE D 188 15.14 27.89 -14.50
N ASP D 189 15.36 28.71 -13.47
CA ASP D 189 16.48 28.51 -12.55
C ASP D 189 16.07 27.82 -11.26
N ILE D 190 14.86 28.08 -10.77
CA ILE D 190 14.35 27.47 -9.55
C ILE D 190 13.07 26.72 -9.91
N LEU D 191 12.83 25.58 -9.26
CA LEU D 191 11.65 24.77 -9.54
C LEU D 191 11.18 24.15 -8.23
N VAL D 192 10.01 24.57 -7.76
CA VAL D 192 9.43 24.07 -6.52
C VAL D 192 8.10 23.40 -6.86
N VAL D 193 7.97 22.12 -6.51
CA VAL D 193 6.78 21.33 -6.82
C VAL D 193 6.27 20.73 -5.53
N ASN D 194 5.05 21.09 -5.14
CA ASN D 194 4.45 20.55 -3.93
C ASN D 194 3.30 19.61 -4.28
N CYS D 195 3.27 18.48 -3.57
CA CYS D 195 2.19 17.51 -3.70
C CYS D 195 2.14 16.72 -2.40
N SER D 196 0.95 16.61 -1.81
CA SER D 196 0.84 16.13 -0.43
C SER D 196 1.12 14.63 -0.32
N LEU D 197 0.30 13.81 -0.97
CA LEU D 197 0.41 12.37 -0.77
C LEU D 197 1.35 11.70 -1.78
N PHE D 198 1.10 11.90 -3.07
CA PHE D 198 1.88 11.20 -4.09
C PHE D 198 3.26 11.82 -4.21
N SER D 199 4.28 10.99 -4.01
CA SER D 199 5.67 11.43 -4.12
C SER D 199 6.52 10.21 -4.45
N PRO D 200 6.87 10.01 -5.72
CA PRO D 200 7.68 8.86 -6.10
C PRO D 200 9.15 9.10 -5.75
N THR D 201 9.97 8.07 -5.97
CA THR D 201 11.37 8.14 -5.61
C THR D 201 12.16 8.95 -6.65
N PRO D 202 11.86 8.87 -7.97
CA PRO D 202 12.12 10.04 -8.82
C PRO D 202 10.94 11.01 -8.69
N SER D 203 11.21 12.17 -8.09
CA SER D 203 10.15 13.07 -7.66
C SER D 203 9.47 13.73 -8.86
N LEU D 204 8.43 14.51 -8.56
CA LEU D 204 7.70 15.21 -9.62
C LEU D 204 8.55 16.31 -10.24
N SER D 205 9.44 16.92 -9.46
CA SER D 205 10.35 17.93 -10.01
C SER D 205 11.34 17.30 -10.97
N ALA D 206 11.80 16.07 -10.68
CA ALA D 206 12.66 15.36 -11.61
C ALA D 206 11.91 14.96 -12.86
N MET D 207 10.60 14.69 -12.74
CA MET D 207 9.78 14.40 -13.90
C MET D 207 9.63 15.62 -14.79
N ILE D 208 9.46 16.80 -14.18
CA ILE D 208 9.35 18.05 -14.95
C ILE D 208 10.69 18.39 -15.61
N ILE D 209 11.79 18.13 -14.92
CA ILE D 209 13.12 18.32 -15.51
C ILE D 209 13.33 17.37 -16.69
N ASN D 210 12.88 16.11 -16.55
CA ASN D 210 13.08 15.12 -17.61
C ASN D 210 12.23 15.42 -18.83
N LYS D 211 11.01 15.94 -18.63
CA LYS D 211 10.10 16.15 -19.76
C LYS D 211 10.55 17.34 -20.61
N TYR D 212 10.86 18.47 -19.97
CA TYR D 212 11.14 19.70 -20.68
C TYR D 212 12.63 19.94 -20.92
N LYS D 213 13.49 19.04 -20.44
CA LYS D 213 14.95 19.06 -20.63
C LYS D 213 15.56 20.35 -20.09
N LEU D 214 15.42 20.56 -18.79
CA LEU D 214 15.94 21.76 -18.16
C LEU D 214 17.43 21.61 -17.90
N ARG D 215 18.02 22.61 -17.24
CA ARG D 215 19.46 22.64 -17.03
C ARG D 215 19.88 21.64 -15.96
N SER D 216 21.19 21.46 -15.83
CA SER D 216 21.75 20.54 -14.85
C SER D 216 22.12 21.22 -13.54
N ASN D 217 22.27 22.55 -13.53
CA ASN D 217 22.55 23.31 -12.32
C ASN D 217 21.29 23.95 -11.75
N ILE D 218 20.14 23.29 -11.92
CA ILE D 218 18.88 23.86 -11.46
C ILE D 218 18.73 23.62 -9.96
N ARG D 219 17.89 24.43 -9.32
CA ARG D 219 17.59 24.31 -7.90
C ARG D 219 16.19 23.75 -7.78
N SER D 220 16.07 22.43 -7.78
CA SER D 220 14.79 21.75 -7.74
C SER D 220 14.49 21.27 -6.33
N PHE D 221 13.33 21.66 -5.81
CA PHE D 221 12.85 21.19 -4.52
C PHE D 221 11.48 20.56 -4.67
N ASN D 222 11.20 19.55 -3.86
CA ASN D 222 9.95 18.80 -3.93
C ASN D 222 9.37 18.66 -2.53
N LEU D 223 8.53 19.62 -2.15
CA LEU D 223 7.85 19.58 -0.85
C LEU D 223 6.75 18.53 -0.89
N SER D 224 6.73 17.65 0.10
CA SER D 224 5.74 16.59 0.14
C SER D 224 5.31 16.31 1.57
N GLY D 225 4.01 16.13 1.76
CA GLY D 225 3.47 15.86 3.07
C GLY D 225 3.04 17.08 3.85
N MET D 226 2.89 18.23 3.20
CA MET D 226 2.59 19.47 3.90
C MET D 226 1.12 19.88 3.79
N GLY D 227 0.27 19.03 3.22
CA GLY D 227 -1.15 19.25 3.28
C GLY D 227 -1.68 20.20 2.22
N CYS D 228 -2.88 20.72 2.49
CA CYS D 228 -3.60 21.60 1.57
C CYS D 228 -3.12 23.05 1.62
N SER D 229 -2.12 23.35 2.44
CA SER D 229 -1.61 24.71 2.55
C SER D 229 -0.18 24.84 2.05
N ALA D 230 0.28 23.87 1.26
CA ALA D 230 1.62 23.91 0.68
C ALA D 230 1.66 24.70 -0.62
N GLY D 231 0.55 25.34 -1.00
CA GLY D 231 0.58 26.22 -2.15
C GLY D 231 1.24 27.54 -1.85
N LEU D 232 1.09 28.03 -0.62
CA LEU D 232 1.72 29.26 -0.17
C LEU D 232 2.99 29.01 0.61
N ILE D 233 3.43 27.77 0.72
CA ILE D 233 4.78 27.47 1.18
C ILE D 233 5.75 27.46 0.01
N SER D 234 5.31 26.96 -1.14
CA SER D 234 6.12 27.02 -2.34
C SER D 234 6.30 28.46 -2.83
N ILE D 235 5.28 29.30 -2.63
CA ILE D 235 5.41 30.72 -2.99
C ILE D 235 6.42 31.40 -2.08
N ASP D 236 6.43 31.06 -0.78
CA ASP D 236 7.40 31.63 0.15
C ASP D 236 8.80 31.11 -0.16
N LEU D 237 8.91 29.85 -0.56
CA LEU D 237 10.21 29.28 -0.89
C LEU D 237 10.77 29.90 -2.16
N ALA D 238 9.95 30.05 -3.20
CA ALA D 238 10.41 30.72 -4.42
C ALA D 238 10.59 32.21 -4.21
N ARG D 239 9.97 32.80 -3.19
CA ARG D 239 10.26 34.18 -2.84
C ARG D 239 11.62 34.30 -2.17
N ASP D 240 11.93 33.39 -1.24
CA ASP D 240 13.18 33.47 -0.50
C ASP D 240 14.37 32.95 -1.30
N MET D 241 14.14 32.20 -2.37
CA MET D 241 15.23 31.83 -3.27
C MET D 241 15.50 32.86 -4.35
N LEU D 242 14.54 33.74 -4.62
CA LEU D 242 14.75 34.80 -5.61
C LEU D 242 15.42 36.03 -5.03
N GLN D 243 15.55 36.13 -3.71
CA GLN D 243 16.36 37.20 -3.12
C GLN D 243 17.84 36.88 -3.19
N VAL D 244 18.19 35.59 -3.09
CA VAL D 244 19.59 35.20 -3.12
C VAL D 244 20.15 35.21 -4.52
N HIS D 245 19.42 34.62 -5.48
CA HIS D 245 19.89 34.50 -6.85
C HIS D 245 19.29 35.60 -7.70
N PRO D 246 20.07 36.57 -8.15
CA PRO D 246 19.51 37.66 -8.95
C PRO D 246 19.31 37.26 -10.40
N ASN D 247 18.29 37.87 -11.02
CA ASN D 247 17.91 37.68 -12.42
C ASN D 247 17.59 36.20 -12.72
N SER D 248 16.55 35.71 -12.06
CA SER D 248 16.16 34.32 -12.20
C SER D 248 14.64 34.22 -12.32
N ASN D 249 14.19 33.10 -12.89
CA ASN D 249 12.78 32.75 -12.92
C ASN D 249 12.55 31.49 -12.11
N ALA D 250 11.37 31.37 -11.53
CA ALA D 250 11.03 30.24 -10.67
C ALA D 250 9.70 29.66 -11.08
N LEU D 251 9.67 28.36 -11.34
CA LEU D 251 8.46 27.65 -11.71
C LEU D 251 7.90 26.98 -10.46
N VAL D 252 6.66 27.33 -10.11
CA VAL D 252 5.99 26.79 -8.94
C VAL D 252 4.79 25.98 -9.42
N VAL D 253 4.77 24.69 -9.11
CA VAL D 253 3.69 23.80 -9.51
C VAL D 253 3.03 23.27 -8.25
N SER D 254 1.74 23.57 -8.10
CA SER D 254 0.94 23.09 -6.97
C SER D 254 -0.14 22.18 -7.53
N THR D 255 -0.18 20.94 -7.05
CA THR D 255 -1.07 19.93 -7.59
C THR D 255 -1.58 19.04 -6.47
N GLU D 256 -2.50 18.14 -6.84
CA GLU D 256 -2.94 17.09 -5.94
C GLU D 256 -3.39 15.90 -6.79
N ILE D 257 -2.84 14.73 -6.48
CA ILE D 257 -3.14 13.51 -7.23
C ILE D 257 -4.17 12.73 -6.45
N ILE D 258 -5.36 12.54 -7.05
CA ILE D 258 -6.50 11.97 -6.35
C ILE D 258 -6.51 10.44 -6.43
N THR D 259 -5.78 9.85 -7.38
CA THR D 259 -5.77 8.40 -7.52
C THR D 259 -5.16 7.64 -6.32
N PRO D 260 -4.05 8.05 -5.70
CA PRO D 260 -3.69 7.41 -4.43
C PRO D 260 -4.35 8.02 -3.20
N ASN D 261 -5.30 8.94 -3.35
CA ASN D 261 -5.98 9.55 -2.22
C ASN D 261 -7.27 8.85 -1.84
N PHE D 262 -7.69 7.82 -2.58
CA PHE D 262 -8.97 7.19 -2.30
C PHE D 262 -8.88 6.32 -1.07
N TYR D 263 -10.00 6.22 -0.35
CA TYR D 263 -10.10 5.44 0.88
C TYR D 263 -11.05 4.27 0.62
N GLN D 264 -10.54 3.06 0.78
CA GLN D 264 -11.32 1.87 0.47
C GLN D 264 -12.19 1.41 1.63
N GLY D 265 -11.90 1.86 2.84
CA GLY D 265 -12.56 1.34 4.03
C GLY D 265 -13.94 1.92 4.26
N SER D 266 -14.39 1.83 5.51
CA SER D 266 -15.74 2.25 5.85
C SER D 266 -15.81 3.01 7.17
N ARG D 267 -14.70 3.58 7.64
CA ARG D 267 -14.73 4.37 8.86
C ARG D 267 -15.33 5.73 8.55
N ARG D 268 -16.29 6.14 9.38
CA ARG D 268 -17.13 7.30 9.09
C ARG D 268 -16.46 8.64 9.34
N ASP D 269 -15.17 8.67 9.65
CA ASP D 269 -14.44 9.93 9.75
C ASP D 269 -13.30 10.01 8.74
N MET D 270 -13.14 9.01 7.89
CA MET D 270 -12.16 9.05 6.81
C MET D 270 -12.81 9.05 5.44
N LEU D 271 -14.11 9.30 5.37
CA LEU D 271 -14.85 9.32 4.11
C LEU D 271 -15.03 10.72 3.55
N LEU D 272 -14.75 11.76 4.33
CA LEU D 272 -14.85 13.14 3.89
C LEU D 272 -13.80 13.54 2.84
N PRO D 273 -12.55 13.03 2.84
CA PRO D 273 -11.70 13.28 1.66
C PRO D 273 -12.13 12.55 0.40
N ASN D 274 -13.07 11.62 0.45
CA ASN D 274 -13.59 11.03 -0.77
C ASN D 274 -14.58 11.94 -1.46
N CYS D 275 -15.41 12.64 -0.68
CA CYS D 275 -16.53 13.40 -1.20
C CYS D 275 -16.19 14.82 -1.60
N LEU D 276 -14.96 15.26 -1.38
CA LEU D 276 -14.60 16.66 -1.62
C LEU D 276 -13.45 16.84 -2.60
N PHE D 277 -12.44 15.98 -2.56
CA PHE D 277 -11.21 16.22 -3.31
C PHE D 277 -11.40 15.87 -4.77
N ARG D 278 -11.08 16.81 -5.66
CA ARG D 278 -11.23 16.65 -7.10
C ARG D 278 -9.92 17.02 -7.79
N MET D 279 -9.90 16.87 -9.12
CA MET D 279 -8.71 17.13 -9.90
C MET D 279 -8.44 18.63 -10.04
N GLY D 280 -7.18 18.97 -10.30
CA GLY D 280 -6.80 20.34 -10.55
C GLY D 280 -5.35 20.63 -10.19
N ALA D 281 -4.67 21.40 -11.04
CA ALA D 281 -3.29 21.76 -10.80
C ALA D 281 -3.03 23.13 -11.42
N ALA D 282 -2.05 23.84 -10.85
CA ALA D 282 -1.73 25.18 -11.29
C ALA D 282 -0.22 25.37 -11.33
N ALA D 283 0.28 25.85 -12.47
CA ALA D 283 1.69 26.14 -12.66
C ALA D 283 1.91 27.63 -12.63
N ILE D 284 2.89 28.08 -11.85
CA ILE D 284 3.07 29.49 -11.51
C ILE D 284 4.50 29.89 -11.83
N LEU D 285 4.66 30.96 -12.60
CA LEU D 285 5.97 31.47 -12.99
C LEU D 285 6.25 32.78 -12.26
N LEU D 286 7.18 32.75 -11.31
CA LEU D 286 7.63 33.93 -10.60
C LEU D 286 8.98 34.37 -11.15
N SER D 287 9.28 35.66 -11.02
CA SER D 287 10.52 36.20 -11.54
C SER D 287 10.85 37.48 -10.80
N ASN D 288 12.14 37.69 -10.55
CA ASN D 288 12.61 38.88 -9.84
C ASN D 288 13.36 39.85 -10.74
N ARG D 289 13.26 39.69 -12.05
CA ARG D 289 13.95 40.59 -12.96
C ARG D 289 13.26 41.95 -13.00
N ARG D 290 13.98 42.94 -13.53
CA ARG D 290 13.40 44.26 -13.75
C ARG D 290 12.73 44.37 -15.12
N ARG D 291 13.05 43.46 -16.05
CA ARG D 291 12.40 43.46 -17.34
C ARG D 291 10.98 42.95 -17.26
N GLU D 292 10.65 42.17 -16.23
CA GLU D 292 9.30 41.66 -16.03
C GLU D 292 8.48 42.58 -15.14
N ALA D 293 8.44 43.86 -15.49
CA ALA D 293 7.55 44.81 -14.86
C ALA D 293 6.57 45.43 -15.84
N ARG D 294 6.88 45.41 -17.13
CA ARG D 294 5.94 45.79 -18.18
C ARG D 294 5.18 44.60 -18.73
N ARG D 295 5.32 43.43 -18.11
CA ARG D 295 4.65 42.21 -18.54
C ARG D 295 3.97 41.45 -17.42
N ALA D 296 4.39 41.64 -16.17
CA ALA D 296 3.84 40.89 -15.07
C ALA D 296 2.50 41.47 -14.63
N LYS D 297 1.75 40.66 -13.88
CA LYS D 297 0.42 41.03 -13.42
C LYS D 297 0.38 41.46 -11.97
N TYR D 298 1.07 40.74 -11.09
CA TYR D 298 1.02 41.00 -9.66
C TYR D 298 2.43 41.19 -9.12
N ARG D 299 2.50 41.61 -7.86
CA ARG D 299 3.76 41.74 -7.14
C ARG D 299 3.56 41.23 -5.73
N LEU D 300 4.40 40.29 -5.31
CA LEU D 300 4.24 39.65 -4.01
C LEU D 300 4.63 40.63 -2.91
N VAL D 301 3.67 40.94 -2.03
CA VAL D 301 3.88 41.95 -1.00
C VAL D 301 4.29 41.29 0.31
N HIS D 302 3.42 40.46 0.87
CA HIS D 302 3.69 39.77 2.13
C HIS D 302 3.32 38.30 2.01
N VAL D 303 4.03 37.46 2.76
CA VAL D 303 3.68 36.07 2.98
C VAL D 303 3.80 35.80 4.47
N VAL D 304 2.69 35.41 5.09
CA VAL D 304 2.64 35.18 6.54
C VAL D 304 2.30 33.71 6.77
N ARG D 305 3.15 33.03 7.54
CA ARG D 305 2.96 31.63 7.88
C ARG D 305 2.67 31.49 9.36
N THR D 306 1.76 30.58 9.70
CA THR D 306 1.40 30.33 11.09
C THR D 306 1.23 28.82 11.25
N HIS D 307 2.17 28.18 11.94
CA HIS D 307 2.17 26.74 12.16
C HIS D 307 1.66 26.48 13.57
N LYS D 308 0.43 25.95 13.67
CA LYS D 308 -0.19 25.66 14.95
C LYS D 308 0.05 24.23 15.41
N GLY D 309 1.16 23.62 14.98
CA GLY D 309 1.43 22.24 15.30
C GLY D 309 1.95 21.99 16.70
N ALA D 310 2.22 23.03 17.47
CA ALA D 310 2.72 22.85 18.82
C ALA D 310 1.63 22.33 19.75
N ASP D 311 0.37 22.67 19.49
CA ASP D 311 -0.73 22.15 20.28
C ASP D 311 -1.03 20.71 19.86
N ASP D 312 -1.25 19.85 20.86
CA ASP D 312 -1.53 18.44 20.56
C ASP D 312 -2.93 18.24 19.99
N ARG D 313 -3.85 19.17 20.24
CA ARG D 313 -5.17 19.08 19.61
C ARG D 313 -5.11 19.40 18.13
N ALA D 314 -4.31 20.40 17.76
CA ALA D 314 -4.21 20.86 16.38
C ALA D 314 -3.25 20.04 15.54
N TYR D 315 -2.39 19.23 16.15
CA TYR D 315 -1.49 18.39 15.38
C TYR D 315 -2.19 17.11 14.92
N ARG D 316 -2.95 16.47 15.81
CA ARG D 316 -3.64 15.23 15.49
C ARG D 316 -5.06 15.46 15.01
N CYS D 317 -5.38 16.65 14.50
CA CYS D 317 -6.72 16.92 14.00
C CYS D 317 -6.92 16.31 12.62
N VAL D 318 -6.11 16.73 11.66
CA VAL D 318 -6.04 16.08 10.35
C VAL D 318 -4.87 15.11 10.43
N TYR D 319 -5.16 13.82 10.28
CA TYR D 319 -4.21 12.78 10.60
C TYR D 319 -4.36 11.63 9.62
N GLU D 320 -3.24 11.05 9.20
CA GLU D 320 -3.24 9.92 8.29
C GLU D 320 -3.02 8.63 9.09
N GLU D 321 -4.01 7.74 9.07
CA GLU D 321 -3.94 6.51 9.85
C GLU D 321 -4.19 5.29 8.96
N GLU D 322 -4.32 4.14 9.60
CA GLU D 322 -4.80 2.91 8.97
C GLU D 322 -5.90 2.34 9.85
N ASP D 323 -7.02 1.95 9.25
CA ASP D 323 -8.14 1.44 10.02
C ASP D 323 -7.92 -0.03 10.36
N GLU D 324 -8.97 -0.69 10.86
CA GLU D 324 -8.83 -2.05 11.35
C GLU D 324 -8.67 -3.07 10.24
N GLN D 325 -9.04 -2.73 9.01
CA GLN D 325 -8.86 -3.64 7.88
C GLN D 325 -7.56 -3.40 7.11
N GLY D 326 -6.88 -2.30 7.37
CA GLY D 326 -5.61 -2.02 6.76
C GLY D 326 -5.63 -1.06 5.58
N PHE D 327 -6.56 -0.12 5.55
CA PHE D 327 -6.66 0.87 4.48
C PHE D 327 -6.21 2.23 5.02
N SER D 328 -5.39 2.92 4.24
CA SER D 328 -4.91 4.23 4.66
C SER D 328 -5.90 5.33 4.25
N GLY D 329 -5.86 6.42 4.98
CA GLY D 329 -6.74 7.54 4.70
C GLY D 329 -6.58 8.63 5.74
N ILE D 330 -7.23 9.75 5.47
CA ILE D 330 -7.11 10.94 6.32
C ILE D 330 -8.21 10.90 7.37
N SER D 331 -7.83 10.97 8.63
CA SER D 331 -8.76 10.82 9.75
C SER D 331 -9.02 12.20 10.36
N LEU D 332 -10.06 12.87 9.86
CA LEU D 332 -10.41 14.19 10.34
C LEU D 332 -11.05 14.09 11.72
N SER D 333 -10.60 14.93 12.65
CA SER D 333 -11.13 14.93 14.00
C SER D 333 -12.50 15.60 14.03
N LYS D 334 -13.20 15.44 15.16
CA LYS D 334 -14.53 16.00 15.31
C LYS D 334 -14.51 17.48 15.66
N GLU D 335 -13.40 17.97 16.20
CA GLU D 335 -13.27 19.37 16.62
C GLU D 335 -12.48 20.21 15.63
N LEU D 336 -12.61 19.93 14.33
CA LEU D 336 -11.83 20.64 13.32
C LEU D 336 -12.29 22.10 13.18
N MET D 337 -13.56 22.38 13.44
CA MET D 337 -14.04 23.75 13.31
C MET D 337 -13.63 24.63 14.47
N ALA D 338 -13.36 24.06 15.64
CA ALA D 338 -12.82 24.81 16.77
C ALA D 338 -11.30 24.92 16.71
N ILE D 339 -10.65 24.22 15.80
CA ILE D 339 -9.21 24.29 15.61
C ILE D 339 -8.85 25.18 14.42
N ALA D 340 -9.62 25.07 13.33
CA ALA D 340 -9.45 25.97 12.20
C ALA D 340 -9.83 27.40 12.56
N GLY D 341 -10.78 27.57 13.47
CA GLY D 341 -11.15 28.88 13.95
C GLY D 341 -10.14 29.54 14.87
N ASP D 342 -9.13 28.79 15.33
CA ASP D 342 -8.07 29.35 16.14
C ASP D 342 -6.77 29.53 15.37
N ALA D 343 -6.59 28.78 14.27
CA ALA D 343 -5.46 29.02 13.38
C ALA D 343 -5.73 30.14 12.40
N LEU D 344 -6.99 30.44 12.13
CA LEU D 344 -7.32 31.58 11.28
C LEU D 344 -7.27 32.89 12.05
N LYS D 345 -7.69 32.88 13.31
CA LYS D 345 -7.65 34.08 14.13
C LYS D 345 -6.25 34.40 14.64
N SER D 346 -5.32 33.47 14.56
CA SER D 346 -3.93 33.71 14.90
C SER D 346 -3.07 33.96 13.67
N ASN D 347 -3.66 33.94 12.48
CA ASN D 347 -3.02 34.39 11.26
C ASN D 347 -3.53 35.74 10.80
N ILE D 348 -4.81 36.02 11.06
CA ILE D 348 -5.37 37.35 10.83
C ILE D 348 -4.74 38.36 11.80
N THR D 349 -4.44 37.92 13.02
CA THR D 349 -3.87 38.80 14.03
C THR D 349 -2.45 39.23 13.66
N THR D 350 -1.63 38.31 13.15
CA THR D 350 -0.27 38.65 12.78
C THR D 350 -0.16 39.27 11.40
N ILE D 351 -1.26 39.32 10.63
CA ILE D 351 -1.27 40.03 9.35
C ILE D 351 -1.98 41.37 9.46
N GLY D 352 -2.69 41.62 10.57
CA GLY D 352 -3.34 42.87 10.83
C GLY D 352 -2.48 44.12 10.77
N PRO D 353 -1.40 44.18 11.57
CA PRO D 353 -0.49 45.34 11.48
C PRO D 353 0.23 45.50 10.15
N LEU D 354 0.26 44.47 9.29
CA LEU D 354 0.95 44.60 8.02
C LEU D 354 0.08 45.26 6.96
N VAL D 355 -1.21 44.91 6.90
CA VAL D 355 -2.04 45.28 5.77
C VAL D 355 -3.13 46.30 6.09
N LEU D 356 -3.51 46.47 7.35
CA LEU D 356 -4.60 47.38 7.68
C LEU D 356 -4.12 48.83 7.55
N PRO D 357 -5.02 49.73 7.15
CA PRO D 357 -4.63 51.15 7.07
C PRO D 357 -4.40 51.74 8.46
N MET D 358 -3.69 52.87 8.48
CA MET D 358 -3.33 53.49 9.75
C MET D 358 -4.54 54.09 10.44
N SER D 359 -5.59 54.44 9.69
CA SER D 359 -6.83 54.89 10.28
C SER D 359 -7.62 53.77 10.94
N GLU D 360 -7.25 52.50 10.71
CA GLU D 360 -7.90 51.37 11.33
C GLU D 360 -7.00 50.63 12.30
N GLN D 361 -5.68 50.86 12.25
CA GLN D 361 -4.76 50.31 13.24
C GLN D 361 -4.69 51.13 14.51
N LEU D 362 -5.55 52.14 14.66
CA LEU D 362 -5.61 52.95 15.87
C LEU D 362 -6.72 52.50 16.81
N LEU D 363 -6.96 51.20 16.91
CA LEU D 363 -7.67 50.67 18.06
C LEU D 363 -6.73 50.17 19.14
N PHE D 364 -5.42 50.10 18.86
CA PHE D 364 -4.43 49.63 19.82
C PHE D 364 -3.98 50.71 20.79
N PHE D 365 -3.59 51.88 20.29
CA PHE D 365 -3.10 52.96 21.14
C PHE D 365 -4.10 54.10 21.26
N PHE D 366 -5.34 53.90 20.80
CA PHE D 366 -6.39 54.90 20.94
C PHE D 366 -7.69 54.33 21.48
N ARG D 367 -7.97 53.05 21.28
CA ARG D 367 -9.18 52.43 21.82
C ARG D 367 -8.89 51.38 22.88
N LEU D 368 -7.85 50.56 22.70
CA LEU D 368 -7.47 49.62 23.75
C LEU D 368 -6.85 50.31 24.96
N VAL D 369 -6.48 51.58 24.84
CA VAL D 369 -6.14 52.37 26.02
C VAL D 369 -7.39 52.69 26.82
N GLY D 370 -8.57 52.59 26.24
CA GLY D 370 -9.82 52.75 26.96
C GLY D 370 -10.50 51.44 27.26
N ARG D 371 -9.74 50.34 27.16
CA ARG D 371 -10.24 49.01 27.51
C ARG D 371 -9.73 48.51 28.85
N LYS D 372 -8.57 48.98 29.31
CA LYS D 372 -7.95 48.40 30.49
C LYS D 372 -8.35 49.07 31.79
N LEU D 373 -8.87 50.30 31.75
CA LEU D 373 -9.30 50.98 32.95
C LEU D 373 -10.76 51.40 32.95
N VAL D 374 -11.38 51.57 31.78
CA VAL D 374 -12.77 52.02 31.71
C VAL D 374 -13.70 50.84 31.95
N ASN D 375 -13.56 49.80 31.15
CA ASN D 375 -14.40 48.61 31.28
C ASN D 375 -13.66 47.44 30.64
N LYS D 376 -13.42 46.39 31.43
CA LYS D 376 -12.83 45.16 30.90
C LYS D 376 -13.86 44.47 30.04
N GLY D 377 -13.79 44.68 28.74
CA GLY D 377 -14.77 44.16 27.81
C GLY D 377 -15.66 45.24 27.24
N TRP D 378 -15.34 45.68 26.03
CA TRP D 378 -16.14 46.65 25.29
C TRP D 378 -17.08 45.87 24.36
N ARG D 379 -17.83 46.60 23.53
CA ARG D 379 -18.56 45.94 22.46
C ARG D 379 -17.57 45.34 21.47
N PRO D 380 -17.83 44.15 20.93
CA PRO D 380 -16.82 43.45 20.12
C PRO D 380 -16.61 44.13 18.77
N TYR D 381 -15.36 44.52 18.51
CA TYR D 381 -15.00 45.24 17.30
C TYR D 381 -13.86 44.50 16.58
N ILE D 382 -14.23 43.64 15.66
CA ILE D 382 -13.27 43.07 14.72
C ILE D 382 -12.93 44.14 13.68
N PRO D 383 -11.66 44.39 13.38
CA PRO D 383 -11.31 45.37 12.35
C PRO D 383 -11.73 44.86 10.98
N ASP D 384 -12.46 45.70 10.23
CA ASP D 384 -12.92 45.31 8.91
C ASP D 384 -11.74 45.37 7.93
N PHE D 385 -11.56 44.30 7.17
CA PHE D 385 -10.49 44.22 6.20
C PHE D 385 -10.94 44.63 4.80
N LYS D 386 -12.18 45.09 4.66
CA LYS D 386 -12.67 45.52 3.35
C LYS D 386 -12.06 46.84 2.91
N LEU D 387 -11.53 47.64 3.84
CA LEU D 387 -10.78 48.83 3.47
C LEU D 387 -9.33 48.51 3.11
N ALA D 388 -8.82 47.37 3.56
CA ALA D 388 -7.45 46.98 3.26
C ALA D 388 -7.33 46.17 1.98
N PHE D 389 -8.36 45.39 1.65
CA PHE D 389 -8.34 44.52 0.48
C PHE D 389 -9.55 44.78 -0.39
N GLU D 390 -9.40 44.45 -1.68
CA GLU D 390 -10.49 44.53 -2.63
C GLU D 390 -10.88 43.18 -3.20
N HIS D 391 -10.11 42.12 -2.94
CA HIS D 391 -10.40 40.79 -3.46
C HIS D 391 -10.01 39.75 -2.42
N PHE D 392 -10.89 38.79 -2.18
CA PHE D 392 -10.65 37.74 -1.20
C PHE D 392 -10.67 36.39 -1.90
N CYS D 393 -9.74 35.52 -1.51
CA CYS D 393 -9.50 34.21 -2.11
C CYS D 393 -9.36 33.14 -1.04
N ILE D 394 -10.35 33.06 -0.15
CA ILE D 394 -10.46 32.02 0.86
C ILE D 394 -10.40 30.64 0.19
N HIS D 395 -9.58 29.74 0.74
CA HIS D 395 -9.43 28.41 0.20
C HIS D 395 -10.72 27.62 0.36
N ALA D 396 -11.16 26.98 -0.73
CA ALA D 396 -12.46 26.30 -0.78
C ALA D 396 -12.37 24.92 -0.14
N GLY D 397 -12.23 24.93 1.19
CA GLY D 397 -12.16 23.70 1.93
C GLY D 397 -13.51 23.03 2.05
N GLY D 398 -14.47 23.75 2.64
CA GLY D 398 -15.85 23.31 2.71
C GLY D 398 -16.74 24.52 2.72
N ARG D 399 -18.05 24.28 2.69
CA ARG D 399 -18.98 25.40 2.78
C ARG D 399 -19.08 25.94 4.19
N ALA D 400 -18.76 25.12 5.19
CA ALA D 400 -18.88 25.53 6.58
C ALA D 400 -17.71 26.40 7.05
N VAL D 401 -16.57 26.37 6.36
CA VAL D 401 -15.44 27.18 6.76
C VAL D 401 -15.48 28.55 6.09
N ILE D 402 -16.26 28.70 5.03
CA ILE D 402 -16.37 29.98 4.35
C ILE D 402 -17.56 30.78 4.88
N ASP D 403 -18.59 30.10 5.39
CA ASP D 403 -19.65 30.80 6.12
C ASP D 403 -19.15 31.31 7.46
N GLU D 404 -18.22 30.59 8.08
CA GLU D 404 -17.65 31.02 9.35
C GLU D 404 -16.75 32.22 9.18
N LEU D 405 -15.96 32.24 8.10
CA LEU D 405 -15.06 33.36 7.82
C LEU D 405 -15.79 34.55 7.20
N GLN D 406 -17.05 34.38 6.81
CA GLN D 406 -17.87 35.50 6.37
C GLN D 406 -18.54 36.21 7.55
N LYS D 407 -18.89 35.47 8.60
CA LYS D 407 -19.49 36.10 9.77
C LYS D 407 -18.44 36.84 10.60
N ASN D 408 -17.19 36.38 10.58
CA ASN D 408 -16.15 37.00 11.40
C ASN D 408 -15.73 38.35 10.85
N LEU D 409 -15.23 38.37 9.62
CA LEU D 409 -14.72 39.58 9.00
C LEU D 409 -15.83 40.46 8.42
N GLN D 410 -17.09 40.00 8.48
CA GLN D 410 -18.26 40.70 7.96
C GLN D 410 -18.12 41.02 6.47
N LEU D 411 -17.73 40.01 5.70
CA LEU D 411 -17.55 40.19 4.26
C LEU D 411 -18.90 40.27 3.55
N SER D 412 -18.90 40.98 2.43
CA SER D 412 -20.10 41.11 1.62
C SER D 412 -20.40 39.80 0.90
N PRO D 413 -21.62 39.63 0.38
CA PRO D 413 -21.87 38.48 -0.50
C PRO D 413 -21.12 38.55 -1.83
N ARG D 414 -20.68 39.73 -2.26
CA ARG D 414 -19.89 39.81 -3.48
C ARG D 414 -18.42 39.52 -3.22
N HIS D 415 -17.94 39.82 -2.01
CA HIS D 415 -16.53 39.54 -1.67
C HIS D 415 -16.27 38.05 -1.61
N VAL D 416 -17.24 37.28 -1.12
CA VAL D 416 -17.18 35.82 -1.19
C VAL D 416 -18.02 35.43 -2.40
N GLU D 417 -17.39 35.42 -3.55
CA GLU D 417 -18.01 34.85 -4.74
C GLU D 417 -17.08 33.90 -5.46
N ALA D 418 -15.78 34.20 -5.51
CA ALA D 418 -14.83 33.28 -6.12
C ALA D 418 -14.63 32.04 -5.26
N SER D 419 -14.60 32.21 -3.94
CA SER D 419 -14.41 31.10 -3.03
C SER D 419 -15.62 30.19 -2.96
N ARG D 420 -16.80 30.65 -3.41
CA ARG D 420 -17.97 29.80 -3.50
C ARG D 420 -18.12 29.16 -4.87
N MET D 421 -17.91 29.92 -5.94
CA MET D 421 -18.06 29.37 -7.28
C MET D 421 -16.91 28.46 -7.67
N THR D 422 -15.75 28.57 -7.04
CA THR D 422 -14.69 27.61 -7.27
C THR D 422 -15.03 26.27 -6.61
N LEU D 423 -15.59 26.31 -5.41
CA LEU D 423 -16.06 25.10 -4.74
C LEU D 423 -17.23 24.48 -5.51
N HIS D 424 -18.07 25.33 -6.11
CA HIS D 424 -19.23 24.82 -6.85
C HIS D 424 -18.81 24.22 -8.18
N ARG D 425 -17.85 24.83 -8.87
CA ARG D 425 -17.46 24.35 -10.19
C ARG D 425 -16.41 23.25 -10.11
N PHE D 426 -15.29 23.51 -9.44
CA PHE D 426 -14.14 22.62 -9.49
C PHE D 426 -14.04 21.68 -8.30
N GLY D 427 -14.62 22.04 -7.15
CA GLY D 427 -14.51 21.21 -5.97
C GLY D 427 -13.37 21.65 -5.08
N ASN D 428 -12.98 20.75 -4.17
CA ASN D 428 -11.90 21.02 -3.22
C ASN D 428 -10.60 20.48 -3.79
N THR D 429 -10.07 21.18 -4.78
CA THR D 429 -8.70 20.95 -5.21
C THR D 429 -7.77 21.43 -4.11
N SER D 430 -6.89 20.53 -3.64
CA SER D 430 -6.20 20.70 -2.37
C SER D 430 -5.25 21.88 -2.30
N SER D 431 -4.17 21.86 -3.07
CA SER D 431 -3.14 22.88 -2.95
C SER D 431 -3.32 24.05 -3.90
N SER D 432 -4.24 23.95 -4.86
CA SER D 432 -4.29 24.89 -5.98
C SER D 432 -5.66 25.53 -6.15
N SER D 433 -6.48 25.60 -5.11
CA SER D 433 -7.80 26.20 -5.25
C SER D 433 -7.72 27.73 -5.28
N LEU D 434 -6.65 28.29 -4.72
CA LEU D 434 -6.48 29.74 -4.69
C LEU D 434 -6.25 30.30 -6.08
N TRP D 435 -5.65 29.51 -6.97
CA TRP D 435 -5.39 30.01 -8.31
C TRP D 435 -6.62 29.94 -9.20
N TYR D 436 -7.52 28.97 -8.98
CA TYR D 436 -8.81 29.01 -9.62
C TYR D 436 -9.66 30.15 -9.08
N GLU D 437 -9.55 30.44 -7.79
CA GLU D 437 -10.26 31.58 -7.21
C GLU D 437 -9.71 32.90 -7.72
N LEU D 438 -8.44 32.95 -8.11
CA LEU D 438 -7.88 34.16 -8.71
C LEU D 438 -8.27 34.26 -10.18
N ALA D 439 -8.35 33.13 -10.87
CA ALA D 439 -8.76 33.14 -12.28
C ALA D 439 -10.23 33.49 -12.42
N TYR D 440 -11.04 33.26 -11.39
CA TYR D 440 -12.42 33.71 -11.41
C TYR D 440 -12.50 35.23 -11.43
N ILE D 441 -11.72 35.89 -10.57
CA ILE D 441 -11.77 37.35 -10.51
C ILE D 441 -11.11 37.96 -11.74
N GLU D 442 -10.10 37.28 -12.31
CA GLU D 442 -9.53 37.77 -13.56
C GLU D 442 -10.49 37.59 -14.74
N ALA D 443 -11.29 36.53 -14.74
CA ALA D 443 -12.13 36.22 -15.88
C ALA D 443 -13.42 37.02 -15.91
N LYS D 444 -13.88 37.52 -14.76
CA LYS D 444 -15.05 38.39 -14.75
C LYS D 444 -14.71 39.83 -15.09
N GLY D 445 -13.43 40.18 -15.16
CA GLY D 445 -13.04 41.55 -15.41
C GLY D 445 -13.10 42.44 -14.19
N ARG D 446 -12.96 41.86 -13.00
CA ARG D 446 -13.03 42.60 -11.75
C ARG D 446 -11.66 42.97 -11.19
N MET D 447 -10.58 42.57 -11.86
CA MET D 447 -9.23 42.83 -11.36
C MET D 447 -8.73 44.13 -12.00
N ARG D 448 -8.93 45.24 -11.29
CA ARG D 448 -8.46 46.53 -11.76
C ARG D 448 -6.98 46.69 -11.40
N ARG D 449 -6.42 47.84 -11.77
CA ARG D 449 -5.01 48.12 -11.51
C ARG D 449 -4.86 48.79 -10.15
N GLY D 450 -4.03 48.20 -9.30
CA GLY D 450 -3.81 48.70 -7.96
C GLY D 450 -4.57 47.97 -6.88
N ASP D 451 -5.38 46.98 -7.24
CA ASP D 451 -6.12 46.20 -6.26
C ASP D 451 -5.18 45.29 -5.48
N ARG D 452 -5.62 44.90 -4.28
CA ARG D 452 -4.85 44.02 -3.41
C ARG D 452 -5.63 42.75 -3.18
N VAL D 453 -4.96 41.61 -3.37
CA VAL D 453 -5.58 40.29 -3.29
C VAL D 453 -5.11 39.61 -2.01
N TRP D 454 -6.00 38.93 -1.32
CA TRP D 454 -5.66 38.18 -0.11
C TRP D 454 -6.01 36.71 -0.33
N GLN D 455 -5.02 35.85 -0.18
CA GLN D 455 -5.19 34.41 -0.37
C GLN D 455 -4.90 33.71 0.95
N ILE D 456 -5.90 33.04 1.51
CA ILE D 456 -5.78 32.34 2.78
C ILE D 456 -5.84 30.85 2.51
N GLY D 457 -4.96 30.09 3.16
CA GLY D 457 -4.95 28.65 3.00
C GLY D 457 -4.62 27.92 4.29
N PHE D 458 -5.19 26.74 4.50
CA PHE D 458 -5.01 25.99 5.73
C PHE D 458 -4.89 24.50 5.42
N GLY D 459 -4.01 23.80 6.15
CA GLY D 459 -3.55 22.49 5.75
C GLY D 459 -3.75 21.43 6.81
N SER D 460 -2.70 20.66 7.03
CA SER D 460 -2.84 19.47 7.91
C SER D 460 -2.07 19.43 9.22
N GLY D 461 -0.95 20.12 9.38
CA GLY D 461 -0.28 20.06 10.70
C GLY D 461 -0.86 21.24 11.41
N PHE D 462 -1.99 21.72 10.93
CA PHE D 462 -2.64 22.93 11.44
C PHE D 462 -2.10 24.24 10.93
N LYS D 463 -1.30 24.21 9.86
CA LYS D 463 -0.83 25.44 9.23
C LYS D 463 -1.90 26.30 8.58
N CYS D 464 -1.86 27.63 8.71
CA CYS D 464 -2.80 28.50 7.97
C CYS D 464 -2.05 29.64 7.32
N ASN D 465 -1.33 29.40 6.21
CA ASN D 465 -0.50 30.42 5.54
C ASN D 465 -1.29 31.40 4.71
N SER D 466 -0.85 32.66 4.59
CA SER D 466 -1.54 33.71 3.87
C SER D 466 -0.55 34.50 3.04
N ALA D 467 -1.04 35.08 1.95
CA ALA D 467 -0.19 35.83 1.05
C ALA D 467 -0.99 36.97 0.42
N VAL D 468 -0.35 38.14 0.33
CA VAL D 468 -0.99 39.33 -0.21
C VAL D 468 -0.28 39.72 -1.50
N TRP D 469 -1.03 39.83 -2.58
CA TRP D 469 -0.52 40.30 -3.86
C TRP D 469 -0.97 41.73 -4.10
N LYS D 470 -0.52 42.30 -5.22
CA LYS D 470 -0.90 43.64 -5.60
C LYS D 470 -0.84 43.75 -7.11
N CYS D 471 -1.97 44.01 -7.75
CA CYS D 471 -2.06 43.95 -9.19
C CYS D 471 -1.35 45.14 -9.84
N LEU D 472 -0.69 44.86 -10.97
CA LEU D 472 0.11 45.86 -11.67
C LEU D 472 -0.54 46.39 -12.93
N ARG D 473 -1.23 45.55 -13.69
CA ARG D 473 -1.91 45.99 -14.90
C ARG D 473 -3.29 45.36 -14.98
N SER D 474 -4.27 46.12 -15.47
CA SER D 474 -5.64 45.64 -15.52
C SER D 474 -5.81 44.59 -16.59
N ILE D 475 -6.30 43.42 -16.20
CA ILE D 475 -6.38 42.27 -17.10
C ILE D 475 -7.69 42.33 -17.87
N LYS D 476 -7.60 42.17 -19.20
CA LYS D 476 -8.77 42.17 -20.05
C LYS D 476 -9.58 40.89 -19.85
N THR D 477 -10.83 40.92 -20.30
CA THR D 477 -11.79 39.86 -19.95
C THR D 477 -11.63 38.51 -20.67
N PRO D 478 -11.22 38.37 -21.97
CA PRO D 478 -10.91 37.02 -22.45
C PRO D 478 -9.50 36.61 -22.04
N THR D 479 -9.41 35.66 -21.11
CA THR D 479 -8.15 35.34 -20.45
C THR D 479 -7.55 34.00 -20.85
N ASN D 480 -8.32 33.16 -21.56
CA ASN D 480 -7.94 31.77 -21.91
C ASN D 480 -7.56 30.96 -20.67
N GLY D 481 -8.31 31.14 -19.60
CA GLY D 481 -8.10 30.41 -18.37
C GLY D 481 -9.00 29.19 -18.28
N PRO D 482 -9.23 28.72 -17.06
CA PRO D 482 -10.12 27.56 -16.87
C PRO D 482 -11.60 27.91 -16.82
N TRP D 483 -11.96 29.20 -16.89
CA TRP D 483 -13.35 29.61 -16.71
C TRP D 483 -14.03 30.08 -17.98
N ASP D 484 -13.31 30.25 -19.09
CA ASP D 484 -13.83 31.04 -20.20
C ASP D 484 -14.84 30.32 -21.07
N ASP D 485 -15.22 29.08 -20.77
CA ASP D 485 -16.36 28.47 -21.46
C ASP D 485 -17.64 28.50 -20.63
N CYS D 486 -17.56 28.74 -19.32
CA CYS D 486 -18.73 28.75 -18.45
C CYS D 486 -18.82 30.02 -17.62
N ILE D 487 -18.13 31.09 -18.00
CA ILE D 487 -18.16 32.32 -17.21
C ILE D 487 -19.34 33.20 -17.56
N HIS D 488 -20.04 32.91 -18.66
CA HIS D 488 -21.31 33.58 -18.94
C HIS D 488 -22.46 33.05 -18.10
N ARG D 489 -22.25 31.92 -17.40
CA ARG D 489 -23.29 31.27 -16.62
C ARG D 489 -23.21 31.55 -15.13
N TYR D 490 -22.02 31.86 -14.61
CA TYR D 490 -21.71 32.11 -13.21
C TYR D 490 -21.84 33.60 -12.89
N PRO D 491 -22.23 33.97 -11.65
CA PRO D 491 -22.56 33.15 -10.48
C PRO D 491 -23.94 32.50 -10.54
N VAL D 492 -24.05 31.30 -9.98
CA VAL D 492 -25.30 30.55 -9.95
C VAL D 492 -25.81 30.54 -8.52
N ASP D 493 -27.12 30.37 -8.39
CA ASP D 493 -27.74 30.20 -7.08
C ASP D 493 -27.52 28.77 -6.62
N VAL D 494 -26.75 28.60 -5.55
CA VAL D 494 -26.46 27.28 -5.00
C VAL D 494 -27.47 26.99 -3.88
N PRO D 495 -28.05 25.80 -3.83
CA PRO D 495 -29.01 25.49 -2.78
C PRO D 495 -28.33 24.92 -1.54
N GLU D 496 -29.11 24.87 -0.46
CA GLU D 496 -28.60 24.29 0.78
C GLU D 496 -28.52 22.78 0.69
N VAL D 497 -29.56 22.14 0.16
CA VAL D 497 -29.63 20.69 0.04
C VAL D 497 -29.81 20.34 -1.43
N VAL D 498 -28.83 19.65 -2.00
CA VAL D 498 -28.97 19.09 -3.34
C VAL D 498 -29.90 17.88 -3.22
N LYS D 499 -30.98 17.90 -4.00
CA LYS D 499 -32.10 17.00 -3.77
C LYS D 499 -31.79 15.57 -4.22
N LEU D 500 -31.97 14.63 -3.31
CA LEU D 500 -31.98 13.20 -3.64
C LEU D 500 -33.27 12.58 -3.13
#